data_4D7K
#
_entry.id   4D7K
#
_cell.length_a   82.719
_cell.length_b   82.760
_cell.length_c   96.453
_cell.angle_alpha   95.08
_cell.angle_beta   98.67
_cell.angle_gamma   114.53
#
_symmetry.space_group_name_H-M   'P 1'
#
loop_
_entity.id
_entity.type
_entity.pdbx_description
1 polymer 'SAM-DEPENDENT METHYLTRANSFERASES'
2 water water
#
_entity_poly.entity_id   1
_entity_poly.type   'polypeptide(L)'
_entity_poly.pdbx_seq_one_letter_code
;MRPEPTEHPERTAAQRLYQYNVDLKVAFVLYAVAKLHLPDLLADGPRTTADLAAATGSDPSRLRRLLRAAAGADALREVP
EDSFELAPMGDLLRSGHPRSMRGMTTFFAEPDVLAAYGDLVESVRTGVPAFQLRHREPLYDFLARPQHKEVRDEFDAAMV
EFGQYFADDFLTSFDFGRFTRFADIGGGRGQFLAGVLTAVPSSTGVLVDGPAVAASAHKFLASQNLTERVEVRIGDFFDV
LPTGCDAYVLRGVLEDWADADAVRLLVRIRQAMGDAPEARLLILDSVIGETGELGKVLDLDMLVLVEGEHRTRAQWDDLL
ARAGFDIVGIHPAGDVWAVIECRGTAGHHHHHH
;
_entity_poly.pdbx_strand_id   A,B,C,D,E,F
#
# COMPACT_ATOMS: atom_id res chain seq x y z
N ARG A 11 -0.84 -1.60 13.55
CA ARG A 11 -2.22 -1.38 13.13
C ARG A 11 -3.13 -1.26 14.34
N THR A 12 -3.25 -2.34 15.11
CA THR A 12 -4.05 -2.33 16.32
C THR A 12 -3.42 -1.42 17.37
N ALA A 13 -4.19 -1.07 18.39
CA ALA A 13 -3.68 -0.28 19.50
C ALA A 13 -2.60 -1.06 20.24
N ALA A 14 -2.81 -2.37 20.38
CA ALA A 14 -1.85 -3.22 21.05
C ALA A 14 -0.50 -3.21 20.32
N GLN A 15 -0.55 -3.33 19.00
CA GLN A 15 0.68 -3.33 18.20
C GLN A 15 1.43 -2.02 18.30
N ARG A 16 0.70 -0.91 18.29
CA ARG A 16 1.32 0.39 18.44
C ARG A 16 2.01 0.54 19.81
N LEU A 17 1.37 0.05 20.87
CA LEU A 17 1.94 0.15 22.21
C LEU A 17 3.23 -0.66 22.33
N TYR A 18 3.20 -1.89 21.84
CA TYR A 18 4.40 -2.72 21.87
C TYR A 18 5.53 -2.08 21.05
N GLN A 19 5.17 -1.42 19.96
CA GLN A 19 6.15 -0.82 19.06
C GLN A 19 6.84 0.39 19.69
N TYR A 20 6.10 1.16 20.50
CA TYR A 20 6.71 2.27 21.24
C TYR A 20 7.74 1.75 22.25
N ASN A 21 7.45 0.59 22.85
CA ASN A 21 8.38 -0.05 23.77
C ASN A 21 9.67 -0.45 23.06
N VAL A 22 9.52 -0.99 21.85
CA VAL A 22 10.66 -1.39 21.03
C VAL A 22 11.48 -0.18 20.55
N ASP A 23 10.79 0.84 20.04
CA ASP A 23 11.49 2.01 19.50
C ASP A 23 12.19 2.79 20.61
N LEU A 24 11.74 2.59 21.84
CA LEU A 24 12.40 3.18 23.00
C LEU A 24 13.77 2.54 23.18
N LYS A 25 13.84 1.21 23.14
CA LYS A 25 15.10 0.49 23.19
C LYS A 25 16.03 0.87 22.03
N VAL A 26 15.45 1.06 20.85
CA VAL A 26 16.24 1.46 19.69
C VAL A 26 16.88 2.83 19.92
N ALA A 27 16.13 3.74 20.52
CA ALA A 27 16.62 5.09 20.81
C ALA A 27 17.87 5.05 21.67
N PHE A 28 17.86 4.14 22.64
CA PHE A 28 18.99 3.99 23.55
C PHE A 28 20.18 3.37 22.83
N VAL A 29 19.90 2.44 21.92
CA VAL A 29 20.94 1.80 21.13
C VAL A 29 21.67 2.80 20.24
N LEU A 30 20.91 3.69 19.62
CA LEU A 30 21.49 4.71 18.73
C LEU A 30 22.29 5.74 19.53
N TYR A 31 21.83 6.02 20.75
CA TYR A 31 22.54 6.93 21.64
C TYR A 31 23.92 6.37 21.99
N ALA A 32 23.94 5.12 22.45
CA ALA A 32 25.18 4.50 22.89
C ALA A 32 26.15 4.34 21.73
N VAL A 33 25.62 4.02 20.55
CA VAL A 33 26.44 3.90 19.35
C VAL A 33 27.10 5.23 19.01
N ALA A 34 26.33 6.31 19.08
CA ALA A 34 26.85 7.62 18.76
C ALA A 34 27.87 8.10 19.81
N LYS A 35 27.58 7.85 21.09
CA LYS A 35 28.47 8.30 22.17
C LYS A 35 29.82 7.58 22.12
N LEU A 36 29.83 6.36 21.60
CA LEU A 36 31.06 5.61 21.48
C LEU A 36 31.80 5.97 20.20
N HIS A 37 31.19 6.88 19.42
CA HIS A 37 31.75 7.33 18.14
C HIS A 37 32.01 6.18 17.18
N LEU A 38 31.21 5.12 17.32
CA LEU A 38 31.27 3.99 16.40
C LEU A 38 31.01 4.37 14.93
N PRO A 39 30.07 5.30 14.65
CA PRO A 39 29.92 5.65 13.23
C PRO A 39 31.18 6.26 12.65
N ASP A 40 31.83 7.11 13.44
CA ASP A 40 33.04 7.79 13.01
C ASP A 40 34.22 6.80 12.88
N LEU A 41 34.25 5.82 13.77
CA LEU A 41 35.26 4.77 13.70
C LEU A 41 35.06 3.88 12.48
N LEU A 42 33.83 3.82 11.97
CA LEU A 42 33.52 2.98 10.82
C LEU A 42 33.43 3.79 9.52
N ALA A 43 33.79 5.07 9.60
CA ALA A 43 33.62 5.99 8.48
C ALA A 43 34.40 5.60 7.23
N ASP A 44 35.46 4.82 7.39
CA ASP A 44 36.32 4.50 6.27
C ASP A 44 36.28 3.03 5.86
N GLY A 45 35.37 2.25 6.46
CA GLY A 45 35.24 0.85 6.12
C GLY A 45 35.04 -0.06 7.32
N PRO A 46 34.87 -1.36 7.07
CA PRO A 46 34.50 -2.31 8.12
C PRO A 46 35.61 -2.57 9.13
N ARG A 47 35.23 -2.89 10.36
CA ARG A 47 36.17 -3.25 11.41
CA ARG A 47 36.19 -3.28 11.39
C ARG A 47 35.63 -4.45 12.17
N THR A 48 36.51 -5.25 12.75
CA THR A 48 36.07 -6.37 13.53
C THR A 48 35.67 -5.92 14.93
N THR A 49 34.95 -6.80 15.64
CA THR A 49 34.57 -6.54 17.03
C THR A 49 35.80 -6.28 17.90
N ALA A 50 36.82 -7.12 17.74
CA ALA A 50 38.06 -6.98 18.50
C ALA A 50 38.69 -5.61 18.31
N ASP A 51 38.73 -5.14 17.06
CA ASP A 51 39.29 -3.82 16.77
C ASP A 51 38.48 -2.71 17.45
N LEU A 52 37.16 -2.80 17.31
CA LEU A 52 36.26 -1.81 17.89
C LEU A 52 36.32 -1.87 19.42
N ALA A 53 36.58 -3.06 19.95
CA ALA A 53 36.71 -3.22 21.40
C ALA A 53 37.91 -2.45 21.94
N ALA A 54 39.05 -2.57 21.25
CA ALA A 54 40.27 -1.87 21.65
C ALA A 54 40.15 -0.38 21.40
N ALA A 55 39.47 -0.02 20.33
CA ALA A 55 39.28 1.38 19.96
C ALA A 55 38.37 2.13 20.93
N THR A 56 37.47 1.41 21.60
CA THR A 56 36.52 2.02 22.53
C THR A 56 36.82 1.66 23.98
N GLY A 57 37.72 0.71 24.18
CA GLY A 57 38.02 0.25 25.53
C GLY A 57 36.85 -0.52 26.11
N SER A 58 36.23 -1.35 25.27
CA SER A 58 35.03 -2.09 25.66
C SER A 58 35.27 -3.58 25.84
N ASP A 59 34.43 -4.22 26.64
CA ASP A 59 34.38 -5.67 26.66
C ASP A 59 33.88 -6.14 25.30
N PRO A 60 34.66 -7.01 24.63
CA PRO A 60 34.29 -7.51 23.30
C PRO A 60 32.93 -8.18 23.27
N SER A 61 32.66 -9.04 24.26
CA SER A 61 31.42 -9.82 24.31
C SER A 61 30.17 -8.95 24.32
N ARG A 62 30.18 -7.89 25.13
CA ARG A 62 29.01 -7.03 25.24
C ARG A 62 28.95 -5.96 24.15
N LEU A 63 30.09 -5.62 23.57
CA LEU A 63 30.12 -4.68 22.46
C LEU A 63 29.45 -5.30 21.24
N ARG A 64 29.77 -6.57 21.00
CA ARG A 64 29.20 -7.31 19.89
C ARG A 64 27.67 -7.38 19.98
N ARG A 65 27.16 -7.58 21.18
CA ARG A 65 25.73 -7.61 21.41
C ARG A 65 25.10 -6.24 21.15
N LEU A 66 25.79 -5.18 21.56
CA LEU A 66 25.36 -3.83 21.27
C LEU A 66 25.40 -3.53 19.76
N LEU A 67 26.49 -3.94 19.11
CA LEU A 67 26.66 -3.72 17.68
C LEU A 67 25.65 -4.52 16.87
N ARG A 68 25.38 -5.75 17.31
CA ARG A 68 24.39 -6.59 16.66
C ARG A 68 22.98 -5.98 16.79
N ALA A 69 22.72 -5.31 17.92
CA ALA A 69 21.42 -4.66 18.13
C ALA A 69 21.28 -3.47 17.20
N ALA A 70 22.35 -2.70 17.04
CA ALA A 70 22.36 -1.59 16.10
C ALA A 70 22.15 -2.08 14.65
N ALA A 71 22.63 -3.29 14.36
CA ALA A 71 22.38 -3.91 13.07
C ALA A 71 20.90 -4.24 12.89
N GLY A 72 20.30 -4.84 13.93
CA GLY A 72 18.88 -5.14 13.92
C GLY A 72 18.01 -3.92 13.67
N ALA A 73 18.46 -2.78 14.17
CA ALA A 73 17.73 -1.53 14.01
C ALA A 73 18.09 -0.82 12.72
N ASP A 74 18.89 -1.47 11.87
CA ASP A 74 19.29 -0.97 10.56
C ASP A 74 20.17 0.28 10.60
N ALA A 75 20.98 0.41 11.65
CA ALA A 75 21.95 1.50 11.72
C ALA A 75 23.31 1.04 11.21
N LEU A 76 23.65 -0.21 11.51
CA LEU A 76 24.88 -0.83 11.00
C LEU A 76 24.52 -2.06 10.17
N ARG A 77 25.54 -2.69 9.59
CA ARG A 77 25.38 -3.97 8.89
C ARG A 77 26.38 -4.98 9.45
N GLU A 78 25.92 -6.20 9.70
CA GLU A 78 26.82 -7.28 10.06
C GLU A 78 27.59 -7.73 8.82
N VAL A 79 28.87 -8.01 9.00
CA VAL A 79 29.77 -8.29 7.88
C VAL A 79 30.70 -9.46 8.25
N PRO A 80 30.90 -10.41 7.31
CA PRO A 80 31.69 -11.63 7.50
C PRO A 80 33.00 -11.42 8.28
N GLU A 81 33.34 -12.42 9.09
CA GLU A 81 34.48 -12.42 10.01
C GLU A 81 34.26 -11.44 11.17
N ASP A 82 33.10 -11.56 11.81
CA ASP A 82 32.78 -10.81 13.02
C ASP A 82 33.04 -9.30 12.88
N SER A 83 32.47 -8.71 11.83
CA SER A 83 32.72 -7.31 11.52
C SER A 83 31.43 -6.52 11.37
N PHE A 84 31.56 -5.19 11.38
CA PHE A 84 30.41 -4.31 11.17
C PHE A 84 30.79 -3.15 10.28
N GLU A 85 29.82 -2.64 9.54
CA GLU A 85 30.03 -1.44 8.73
C GLU A 85 28.78 -0.58 8.75
N LEU A 86 28.86 0.59 8.15
CA LEU A 86 27.78 1.57 8.19
C LEU A 86 26.62 1.24 7.27
N ALA A 87 25.41 1.21 7.83
CA ALA A 87 24.18 1.25 7.03
C ALA A 87 23.84 2.73 6.84
N PRO A 88 22.94 3.06 5.90
CA PRO A 88 22.60 4.48 5.66
C PRO A 88 22.21 5.29 6.92
N MET A 89 21.44 4.71 7.83
CA MET A 89 20.99 5.44 8.99
C MET A 89 22.13 5.75 9.96
N GLY A 90 23.06 4.80 10.10
CA GLY A 90 24.24 5.02 10.93
C GLY A 90 25.15 6.08 10.37
N ASP A 91 25.17 6.20 9.05
CA ASP A 91 25.98 7.20 8.36
C ASP A 91 25.59 8.62 8.79
N LEU A 92 24.31 8.83 9.03
CA LEU A 92 23.82 10.16 9.43
C LEU A 92 24.15 10.48 10.88
N LEU A 93 24.68 9.50 11.60
CA LEU A 93 25.05 9.70 13.00
C LEU A 93 26.53 10.04 13.11
N ARG A 94 27.18 10.28 11.98
CA ARG A 94 28.54 10.81 11.98
C ARG A 94 28.48 12.31 12.16
N SER A 95 29.39 12.86 12.97
CA SER A 95 29.48 14.29 13.16
C SER A 95 29.79 14.99 11.84
N GLY A 96 30.63 14.37 11.02
CA GLY A 96 31.11 14.99 9.80
C GLY A 96 30.24 14.81 8.56
N HIS A 97 29.05 14.25 8.72
CA HIS A 97 28.13 14.09 7.61
C HIS A 97 27.44 15.43 7.33
N PRO A 98 27.37 15.81 6.04
CA PRO A 98 26.78 17.10 5.66
C PRO A 98 25.33 17.26 6.13
N ARG A 99 24.55 16.18 6.11
CA ARG A 99 23.19 16.21 6.60
C ARG A 99 23.08 15.41 7.90
N SER A 100 24.03 15.63 8.80
CA SER A 100 24.12 14.88 10.05
C SER A 100 22.88 15.05 10.93
N MET A 101 22.59 14.01 11.71
CA MET A 101 21.47 14.04 12.65
C MET A 101 21.90 13.46 14.00
N ARG A 102 23.19 13.57 14.28
CA ARG A 102 23.76 13.05 15.51
C ARG A 102 23.31 13.88 16.70
N GLY A 103 23.10 15.17 16.46
CA GLY A 103 22.70 16.08 17.51
C GLY A 103 21.40 15.72 18.20
N MET A 104 20.34 15.54 17.41
CA MET A 104 19.03 15.23 17.97
C MET A 104 18.99 13.82 18.56
N THR A 105 19.84 12.94 18.06
CA THR A 105 19.82 11.54 18.48
C THR A 105 20.54 11.36 19.82
N THR A 106 21.50 12.24 20.11
CA THR A 106 22.24 12.16 21.38
C THR A 106 21.68 13.06 22.48
N PHE A 107 21.25 14.27 22.12
CA PHE A 107 20.85 15.25 23.14
C PHE A 107 19.68 14.78 24.00
N PHE A 108 18.62 14.31 23.36
CA PHE A 108 17.39 13.95 24.07
C PHE A 108 17.51 12.64 24.83
N ALA A 109 18.69 12.03 24.81
CA ALA A 109 18.91 10.79 25.54
C ALA A 109 20.03 10.95 26.54
N GLU A 110 20.56 12.17 26.65
CA GLU A 110 21.53 12.47 27.68
C GLU A 110 20.86 12.32 29.05
N PRO A 111 21.60 11.81 30.04
CA PRO A 111 21.06 11.55 31.39
C PRO A 111 20.36 12.76 32.01
N ASP A 112 20.99 13.92 31.94
CA ASP A 112 20.41 15.13 32.51
C ASP A 112 19.13 15.54 31.78
N VAL A 113 19.08 15.28 30.47
CA VAL A 113 17.91 15.60 29.66
C VAL A 113 16.83 14.54 29.80
N LEU A 114 17.26 13.28 29.78
CA LEU A 114 16.34 12.16 29.94
C LEU A 114 15.64 12.21 31.29
N ALA A 115 16.37 12.62 32.32
CA ALA A 115 15.82 12.73 33.66
C ALA A 115 14.73 13.80 33.75
N ALA A 116 14.81 14.80 32.86
CA ALA A 116 13.82 15.86 32.82
C ALA A 116 12.50 15.34 32.24
N TYR A 117 12.58 14.61 31.13
CA TYR A 117 11.39 14.00 30.54
C TYR A 117 10.74 13.00 31.49
N GLY A 118 11.53 12.45 32.42
CA GLY A 118 11.00 11.57 33.44
C GLY A 118 10.20 12.31 34.49
N ASP A 119 10.63 13.52 34.81
CA ASP A 119 9.97 14.36 35.81
C ASP A 119 8.77 15.12 35.25
N LEU A 120 8.22 14.62 34.14
CA LEU A 120 7.11 15.26 33.47
C LEU A 120 5.87 15.32 34.37
N VAL A 121 5.73 14.33 35.24
CA VAL A 121 4.59 14.27 36.16
C VAL A 121 4.65 15.37 37.21
N GLU A 122 5.82 15.53 37.84
CA GLU A 122 5.97 16.56 38.86
C GLU A 122 5.86 17.96 38.25
N SER A 123 6.34 18.11 37.02
CA SER A 123 6.21 19.37 36.30
C SER A 123 4.74 19.75 36.07
N VAL A 124 3.94 18.79 35.62
CA VAL A 124 2.52 19.02 35.43
C VAL A 124 1.85 19.32 36.77
N ARG A 125 2.30 18.63 37.81
CA ARG A 125 1.75 18.83 39.16
C ARG A 125 2.17 20.15 39.78
N THR A 126 3.39 20.59 39.48
CA THR A 126 3.94 21.79 40.13
C THR A 126 3.70 23.06 39.33
N GLY A 127 3.96 23.00 38.03
CA GLY A 127 3.84 24.18 37.19
C GLY A 127 5.21 24.67 36.75
N VAL A 128 6.25 24.05 37.31
CA VAL A 128 7.62 24.37 36.95
C VAL A 128 8.08 23.48 35.80
N PRO A 129 8.77 24.07 34.81
CA PRO A 129 9.40 23.26 33.75
C PRO A 129 10.20 22.12 34.37
N ALA A 130 10.09 20.93 33.79
CA ALA A 130 10.65 19.72 34.38
C ALA A 130 12.17 19.80 34.57
N PHE A 131 12.86 20.38 33.60
CA PHE A 131 14.32 20.47 33.65
C PHE A 131 14.77 21.26 34.88
N GLN A 132 14.01 22.28 35.24
CA GLN A 132 14.37 23.15 36.37
C GLN A 132 14.01 22.53 37.72
N LEU A 133 13.36 21.38 37.71
CA LEU A 133 13.05 20.67 38.95
C LEU A 133 14.25 19.88 39.43
N ARG A 134 14.97 19.27 38.49
CA ARG A 134 16.13 18.44 38.82
C ARG A 134 17.42 19.26 38.76
N HIS A 135 17.38 20.37 38.04
CA HIS A 135 18.54 21.26 37.96
C HIS A 135 18.22 22.63 38.57
N ARG A 136 19.22 23.25 39.17
CA ARG A 136 19.03 24.52 39.87
C ARG A 136 18.92 25.70 38.90
N GLU A 137 19.29 25.47 37.64
CA GLU A 137 19.28 26.51 36.62
C GLU A 137 18.36 26.17 35.46
N PRO A 138 17.88 27.19 34.73
CA PRO A 138 17.17 26.94 33.48
C PRO A 138 18.11 26.37 32.42
N LEU A 139 17.56 25.85 31.33
CA LEU A 139 18.30 25.10 30.33
C LEU A 139 19.52 25.84 29.77
N TYR A 140 19.32 27.08 29.36
CA TYR A 140 20.39 27.84 28.70
C TYR A 140 21.53 28.17 29.65
N ASP A 141 21.21 28.54 30.89
CA ASP A 141 22.22 28.78 31.91
C ASP A 141 23.02 27.51 32.16
N PHE A 142 22.32 26.38 32.16
CA PHE A 142 22.93 25.07 32.36
C PHE A 142 23.92 24.75 31.23
N LEU A 143 23.46 24.94 30.00
CA LEU A 143 24.28 24.62 28.83
C LEU A 143 25.47 25.55 28.69
N ALA A 144 25.34 26.76 29.24
CA ALA A 144 26.39 27.77 29.11
C ALA A 144 27.66 27.38 29.86
N ARG A 145 27.51 26.64 30.96
CA ARG A 145 28.65 26.16 31.76
C ARG A 145 29.63 25.33 30.93
N PRO A 146 30.93 25.47 31.21
CA PRO A 146 31.96 24.72 30.47
C PRO A 146 31.86 23.21 30.71
N GLN A 147 31.37 22.81 31.88
CA GLN A 147 31.28 21.39 32.22
C GLN A 147 30.18 20.68 31.44
N HIS A 148 29.37 21.44 30.71
CA HIS A 148 28.28 20.86 29.92
C HIS A 148 28.42 21.22 28.45
N LYS A 149 29.65 21.46 28.00
CA LYS A 149 29.90 21.80 26.61
C LYS A 149 29.48 20.68 25.65
N GLU A 150 29.73 19.43 26.05
CA GLU A 150 29.42 18.27 25.22
C GLU A 150 27.93 18.20 24.87
N VAL A 151 27.09 18.51 25.86
CA VAL A 151 25.64 18.52 25.66
C VAL A 151 25.22 19.82 24.95
N ARG A 152 25.90 20.91 25.26
CA ARG A 152 25.65 22.17 24.58
C ARG A 152 25.82 22.04 23.06
N ASP A 153 26.87 21.34 22.64
CA ASP A 153 27.17 21.19 21.22
C ASP A 153 26.22 20.23 20.51
N GLU A 154 25.73 19.23 21.23
CA GLU A 154 24.72 18.35 20.69
C GLU A 154 23.37 19.08 20.55
N PHE A 155 23.11 19.99 21.49
CA PHE A 155 21.89 20.79 21.46
C PHE A 155 21.87 21.70 20.25
N ASP A 156 22.98 22.40 20.00
CA ASP A 156 23.06 23.32 18.88
C ASP A 156 22.94 22.59 17.54
N ALA A 157 23.56 21.42 17.45
CA ALA A 157 23.45 20.59 16.27
C ALA A 157 22.00 20.14 16.06
N ALA A 158 21.35 19.75 17.15
CA ALA A 158 19.95 19.37 17.11
C ALA A 158 19.08 20.47 16.50
N MET A 159 19.30 21.71 16.93
CA MET A 159 18.53 22.86 16.44
C MET A 159 18.80 23.14 14.95
N VAL A 160 20.03 22.91 14.52
CA VAL A 160 20.36 23.04 13.11
C VAL A 160 19.65 21.95 12.31
N GLU A 161 19.62 20.74 12.87
CA GLU A 161 19.02 19.58 12.21
C GLU A 161 17.50 19.74 12.04
N PHE A 162 16.82 20.21 13.09
CA PHE A 162 15.39 20.46 13.02
C PHE A 162 15.09 21.55 11.99
N GLY A 163 15.96 22.55 11.89
CA GLY A 163 15.81 23.59 10.90
C GLY A 163 15.94 23.06 9.49
N GLN A 164 16.87 22.13 9.28
CA GLN A 164 17.07 21.52 7.98
C GLN A 164 15.89 20.59 7.66
N TYR A 165 15.41 19.89 8.68
CA TYR A 165 14.35 18.91 8.50
C TYR A 165 13.01 19.54 8.11
N PHE A 166 12.77 20.77 8.56
CA PHE A 166 11.48 21.43 8.32
C PHE A 166 11.56 22.56 7.29
N ALA A 167 12.71 22.70 6.65
CA ALA A 167 12.95 23.82 5.73
C ALA A 167 11.93 23.87 4.59
N ASP A 168 11.76 22.75 3.89
CA ASP A 168 10.84 22.71 2.76
C ASP A 168 9.39 23.01 3.16
N ASP A 169 9.02 22.59 4.37
CA ASP A 169 7.66 22.80 4.88
C ASP A 169 7.26 24.28 4.88
N PHE A 170 8.22 25.15 5.13
CA PHE A 170 7.95 26.59 5.09
C PHE A 170 7.94 27.09 3.66
N LEU A 171 8.97 26.73 2.90
CA LEU A 171 9.18 27.29 1.56
C LEU A 171 8.15 26.84 0.54
N THR A 172 7.35 25.82 0.88
CA THR A 172 6.34 25.32 -0.03
C THR A 172 4.93 25.66 0.43
N SER A 173 4.81 26.27 1.61
CA SER A 173 3.50 26.52 2.20
C SER A 173 3.13 27.99 2.19
N PHE A 174 4.12 28.85 1.94
CA PHE A 174 3.89 30.28 1.88
C PHE A 174 4.63 30.88 0.69
N ASP A 175 4.08 31.97 0.15
CA ASP A 175 4.67 32.60 -1.04
C ASP A 175 5.67 33.69 -0.67
N PHE A 176 6.88 33.28 -0.30
CA PHE A 176 7.93 34.24 0.00
C PHE A 176 8.38 35.01 -1.24
N GLY A 177 8.09 34.44 -2.41
CA GLY A 177 8.50 35.03 -3.67
C GLY A 177 7.86 36.36 -4.03
N ARG A 178 6.90 36.81 -3.23
CA ARG A 178 6.24 38.08 -3.49
C ARG A 178 6.83 39.20 -2.63
N PHE A 179 7.96 38.92 -1.99
CA PHE A 179 8.69 39.94 -1.24
C PHE A 179 10.10 40.07 -1.78
N THR A 180 10.69 41.25 -1.64
CA THR A 180 12.00 41.52 -2.24
C THR A 180 13.06 41.90 -1.23
N ARG A 181 12.66 42.13 0.01
CA ARG A 181 13.62 42.47 1.06
C ARG A 181 13.21 41.86 2.40
N PHE A 182 14.01 40.91 2.86
CA PHE A 182 13.68 40.17 4.08
C PHE A 182 14.47 40.68 5.28
N ALA A 183 13.83 40.67 6.44
CA ALA A 183 14.47 41.06 7.68
C ALA A 183 14.29 39.98 8.72
N ASP A 184 15.30 39.12 8.85
CA ASP A 184 15.25 38.01 9.79
C ASP A 184 15.66 38.45 11.19
N ILE A 185 14.68 38.72 12.05
CA ILE A 185 14.96 39.15 13.40
C ILE A 185 15.20 37.94 14.31
N GLY A 186 16.45 37.78 14.74
CA GLY A 186 16.85 36.64 15.54
C GLY A 186 17.12 35.42 14.68
N GLY A 187 17.66 35.66 13.48
CA GLY A 187 17.88 34.61 12.51
C GLY A 187 19.16 33.81 12.67
N GLY A 188 19.81 33.94 13.83
CA GLY A 188 21.01 33.17 14.14
C GLY A 188 22.14 33.35 13.15
N ARG A 189 22.60 32.25 12.56
CA ARG A 189 23.70 32.31 11.60
C ARG A 189 23.22 32.61 10.19
N GLY A 190 21.90 32.58 9.99
CA GLY A 190 21.32 32.94 8.71
C GLY A 190 20.75 31.78 7.91
N GLN A 191 20.52 30.66 8.59
CA GLN A 191 20.04 29.43 7.95
C GLN A 191 18.72 29.62 7.21
N PHE A 192 17.71 30.11 7.92
CA PHE A 192 16.41 30.35 7.31
C PHE A 192 16.48 31.38 6.19
N LEU A 193 17.11 32.51 6.49
CA LEU A 193 17.29 33.59 5.52
C LEU A 193 17.96 33.09 4.24
N ALA A 194 18.95 32.21 4.40
CA ALA A 194 19.65 31.63 3.26
C ALA A 194 18.72 30.78 2.40
N GLY A 195 17.85 30.00 3.05
CA GLY A 195 16.89 29.17 2.34
C GLY A 195 15.92 29.99 1.50
N VAL A 196 15.43 31.08 2.08
CA VAL A 196 14.48 31.97 1.41
C VAL A 196 15.11 32.69 0.23
N LEU A 197 16.34 33.17 0.42
CA LEU A 197 17.05 33.89 -0.64
C LEU A 197 17.40 32.98 -1.82
N THR A 198 17.48 31.67 -1.57
CA THR A 198 17.75 30.71 -2.63
C THR A 198 16.46 30.41 -3.39
N ALA A 199 15.33 30.54 -2.71
CA ALA A 199 14.02 30.30 -3.32
C ALA A 199 13.54 31.54 -4.08
N VAL A 200 14.02 32.71 -3.67
CA VAL A 200 13.72 33.96 -4.36
C VAL A 200 15.02 34.52 -4.94
N PRO A 201 15.31 34.18 -6.20
CA PRO A 201 16.60 34.50 -6.85
C PRO A 201 16.92 36.00 -6.87
N SER A 202 15.90 36.83 -7.04
CA SER A 202 16.10 38.27 -7.09
C SER A 202 15.61 38.93 -5.80
N SER A 203 16.40 38.80 -4.74
CA SER A 203 16.05 39.39 -3.45
C SER A 203 17.25 39.50 -2.52
N THR A 204 17.13 40.36 -1.51
CA THR A 204 18.18 40.55 -0.53
C THR A 204 17.63 40.32 0.88
N GLY A 205 18.49 40.43 1.87
CA GLY A 205 18.09 40.18 3.25
C GLY A 205 18.88 40.96 4.28
N VAL A 206 18.32 41.05 5.48
CA VAL A 206 19.00 41.67 6.61
C VAL A 206 18.95 40.73 7.81
N LEU A 207 20.11 40.30 8.27
CA LEU A 207 20.19 39.40 9.42
C LEU A 207 20.41 40.18 10.71
N VAL A 208 19.44 40.12 11.61
CA VAL A 208 19.51 40.83 12.88
C VAL A 208 19.65 39.86 14.05
N ASP A 209 20.77 39.93 14.76
CA ASP A 209 20.99 39.06 15.92
C ASP A 209 22.10 39.59 16.81
N GLY A 210 22.25 38.98 17.98
CA GLY A 210 23.25 39.40 18.94
C GLY A 210 24.66 39.03 18.50
N PRO A 211 25.66 39.44 19.30
CA PRO A 211 27.07 39.22 18.97
C PRO A 211 27.53 37.80 19.24
N ALA A 212 26.64 36.97 19.80
CA ALA A 212 26.98 35.60 20.12
C ALA A 212 27.26 34.77 18.86
N VAL A 213 26.66 35.15 17.75
CA VAL A 213 26.77 34.38 16.51
C VAL A 213 27.24 35.20 15.32
N ALA A 214 27.89 36.32 15.59
CA ALA A 214 28.33 37.24 14.53
C ALA A 214 29.31 36.57 13.55
N ALA A 215 30.33 35.90 14.09
CA ALA A 215 31.33 35.26 13.26
C ALA A 215 30.76 34.02 12.57
N SER A 216 29.90 33.30 13.29
CA SER A 216 29.24 32.12 12.75
C SER A 216 28.39 32.47 11.53
N ALA A 217 27.78 33.65 11.58
CA ALA A 217 26.89 34.10 10.51
C ALA A 217 27.67 34.49 9.27
N HIS A 218 28.80 35.18 9.47
CA HIS A 218 29.66 35.59 8.36
C HIS A 218 30.22 34.40 7.59
N LYS A 219 30.63 33.37 8.32
CA LYS A 219 31.22 32.19 7.70
C LYS A 219 30.17 31.39 6.93
N PHE A 220 29.03 31.13 7.55
CA PHE A 220 27.96 30.38 6.89
C PHE A 220 27.48 31.06 5.61
N LEU A 221 27.27 32.37 5.68
CA LEU A 221 26.85 33.13 4.51
C LEU A 221 27.90 33.10 3.41
N ALA A 222 29.17 33.04 3.80
CA ALA A 222 30.25 32.97 2.82
C ALA A 222 30.28 31.61 2.15
N SER A 223 29.96 30.57 2.91
CA SER A 223 29.91 29.21 2.39
C SER A 223 28.71 29.04 1.44
N GLN A 224 27.80 30.00 1.46
CA GLN A 224 26.63 29.99 0.57
C GLN A 224 26.70 31.11 -0.45
N ASN A 225 27.82 31.84 -0.46
CA ASN A 225 28.00 33.01 -1.33
C ASN A 225 26.82 33.98 -1.25
N LEU A 226 26.44 34.33 -0.03
CA LEU A 226 25.33 35.27 0.19
C LEU A 226 25.80 36.54 0.85
N THR A 227 27.12 36.72 0.90
CA THR A 227 27.74 37.84 1.59
C THR A 227 27.32 39.20 1.01
N GLU A 228 27.10 39.24 -0.30
CA GLU A 228 26.77 40.48 -0.96
C GLU A 228 25.25 40.73 -0.97
N ARG A 229 24.48 39.74 -0.54
CA ARG A 229 23.03 39.86 -0.56
C ARG A 229 22.43 40.01 0.82
N VAL A 230 23.23 39.76 1.86
CA VAL A 230 22.75 39.88 3.23
C VAL A 230 23.57 40.88 4.06
N GLU A 231 22.88 41.87 4.61
CA GLU A 231 23.48 42.78 5.56
C GLU A 231 23.35 42.20 6.97
N VAL A 232 24.47 42.07 7.66
CA VAL A 232 24.49 41.49 9.00
C VAL A 232 24.58 42.58 10.08
N ARG A 233 23.46 42.87 10.72
CA ARG A 233 23.43 43.87 11.78
C ARG A 233 23.51 43.23 13.16
N ILE A 234 24.53 43.63 13.92
CA ILE A 234 24.78 43.05 15.23
C ILE A 234 24.46 44.04 16.35
N GLY A 235 23.70 43.58 17.34
CA GLY A 235 23.36 44.41 18.48
C GLY A 235 22.00 44.09 19.08
N ASP A 236 21.54 44.97 19.97
CA ASP A 236 20.24 44.82 20.60
C ASP A 236 19.13 45.04 19.57
N PHE A 237 18.06 44.25 19.67
CA PHE A 237 16.95 44.29 18.71
C PHE A 237 16.37 45.70 18.50
N PHE A 238 16.18 46.43 19.60
CA PHE A 238 15.51 47.72 19.55
C PHE A 238 16.36 48.85 18.95
N ASP A 239 17.56 48.52 18.51
CA ASP A 239 18.45 49.52 17.94
C ASP A 239 18.77 49.28 16.48
N VAL A 240 19.11 48.03 16.15
CA VAL A 240 19.60 47.70 14.81
C VAL A 240 18.49 47.26 13.85
N LEU A 241 17.24 47.59 14.17
CA LEU A 241 16.13 47.24 13.28
C LEU A 241 16.23 48.00 11.96
N PRO A 242 16.32 47.27 10.85
CA PRO A 242 16.40 47.90 9.53
C PRO A 242 15.06 48.50 9.12
N THR A 243 15.11 49.53 8.28
CA THR A 243 13.90 50.22 7.83
C THR A 243 13.73 50.09 6.32
N GLY A 244 12.51 49.83 5.87
CA GLY A 244 12.21 49.76 4.46
C GLY A 244 12.09 48.35 3.92
N CYS A 245 12.10 47.37 4.82
CA CYS A 245 11.92 45.99 4.43
C CYS A 245 10.43 45.69 4.27
N ASP A 246 10.09 44.89 3.27
CA ASP A 246 8.69 44.58 3.00
C ASP A 246 8.30 43.22 3.58
N ALA A 247 9.25 42.58 4.26
CA ALA A 247 8.98 41.32 4.96
C ALA A 247 9.83 41.20 6.21
N TYR A 248 9.17 41.12 7.37
CA TYR A 248 9.86 40.93 8.63
C TYR A 248 9.53 39.56 9.21
N VAL A 249 10.57 38.83 9.61
CA VAL A 249 10.40 37.46 10.06
C VAL A 249 10.82 37.25 11.52
N LEU A 250 9.90 36.71 12.32
CA LEU A 250 10.18 36.39 13.71
C LEU A 250 10.06 34.88 13.95
N ARG A 251 11.20 34.21 14.02
CA ARG A 251 11.19 32.75 14.11
C ARG A 251 11.68 32.26 15.48
N GLY A 252 10.73 31.81 16.31
CA GLY A 252 11.05 31.28 17.62
C GLY A 252 11.71 32.30 18.52
N VAL A 253 11.07 33.46 18.65
CA VAL A 253 11.63 34.56 19.43
C VAL A 253 10.71 34.95 20.59
N LEU A 254 9.45 35.21 20.27
CA LEU A 254 8.50 35.71 21.25
C LEU A 254 7.97 34.60 22.15
N GLU A 255 8.48 33.40 21.98
CA GLU A 255 8.06 32.25 22.76
C GLU A 255 8.39 32.40 24.24
N ASP A 256 9.52 33.05 24.53
CA ASP A 256 9.95 33.23 25.91
C ASP A 256 9.97 34.70 26.34
N TRP A 257 9.51 35.58 25.46
CA TRP A 257 9.37 36.98 25.81
C TRP A 257 8.04 37.22 26.52
N ALA A 258 8.06 38.12 27.51
CA ALA A 258 6.83 38.49 28.20
C ALA A 258 5.92 39.29 27.29
N ASP A 259 4.67 39.46 27.68
CA ASP A 259 3.71 40.24 26.90
C ASP A 259 4.18 41.69 26.75
N ALA A 260 4.49 42.31 27.88
CA ALA A 260 4.94 43.70 27.91
C ALA A 260 6.20 43.91 27.05
N ASP A 261 7.08 42.92 27.03
CA ASP A 261 8.30 42.99 26.24
C ASP A 261 8.05 42.72 24.76
N ALA A 262 7.21 41.73 24.47
CA ALA A 262 6.91 41.36 23.09
C ALA A 262 6.21 42.49 22.35
N VAL A 263 5.27 43.16 23.02
CA VAL A 263 4.53 44.27 22.43
C VAL A 263 5.48 45.38 21.98
N ARG A 264 6.41 45.77 22.86
CA ARG A 264 7.39 46.81 22.54
C ARG A 264 8.15 46.47 21.26
N LEU A 265 8.62 45.22 21.17
CA LEU A 265 9.33 44.75 19.98
C LEU A 265 8.44 44.80 18.75
N LEU A 266 7.18 44.39 18.91
CA LEU A 266 6.24 44.40 17.82
C LEU A 266 5.92 45.82 17.35
N VAL A 267 5.87 46.76 18.30
CA VAL A 267 5.63 48.17 18.00
C VAL A 267 6.80 48.76 17.22
N ARG A 268 8.01 48.39 17.60
CA ARG A 268 9.22 48.83 16.92
C ARG A 268 9.29 48.32 15.49
N ILE A 269 8.87 47.07 15.29
CA ILE A 269 8.81 46.52 13.95
C ILE A 269 7.75 47.27 13.14
N ARG A 270 6.62 47.53 13.78
CA ARG A 270 5.49 48.19 13.13
C ARG A 270 5.85 49.55 12.50
N GLN A 271 6.69 50.32 13.19
CA GLN A 271 7.04 51.65 12.69
C GLN A 271 8.22 51.58 11.73
N ALA A 272 8.83 50.42 11.60
CA ALA A 272 9.94 50.22 10.66
C ALA A 272 9.43 49.76 9.29
N MET A 273 8.17 49.34 9.25
CA MET A 273 7.56 48.83 8.01
C MET A 273 7.03 49.97 7.15
N GLY A 274 6.82 51.14 7.75
CA GLY A 274 6.26 52.27 7.04
C GLY A 274 4.77 52.11 6.84
N ASP A 275 4.28 52.49 5.67
CA ASP A 275 2.86 52.39 5.36
C ASP A 275 2.62 51.66 4.05
N ALA A 276 3.62 50.90 3.60
CA ALA A 276 3.49 50.10 2.39
C ALA A 276 2.44 49.00 2.59
N PRO A 277 1.35 49.06 1.80
CA PRO A 277 0.21 48.16 1.94
C PRO A 277 0.56 46.67 1.83
N GLU A 278 1.66 46.33 1.17
CA GLU A 278 2.01 44.93 0.96
C GLU A 278 3.08 44.42 1.92
N ALA A 279 3.65 45.32 2.71
CA ALA A 279 4.65 44.92 3.70
C ALA A 279 4.03 44.02 4.75
N ARG A 280 4.73 42.94 5.10
CA ARG A 280 4.19 41.99 6.05
C ARG A 280 5.16 41.66 7.19
N LEU A 281 4.60 41.33 8.34
CA LEU A 281 5.33 40.69 9.42
C LEU A 281 4.93 39.23 9.43
N LEU A 282 5.89 38.34 9.22
CA LEU A 282 5.62 36.91 9.19
C LEU A 282 6.16 36.23 10.44
N ILE A 283 5.25 35.71 11.28
CA ILE A 283 5.67 35.04 12.50
C ILE A 283 5.60 33.52 12.33
N LEU A 284 6.75 32.88 12.45
CA LEU A 284 6.85 31.44 12.26
C LEU A 284 6.82 30.75 13.63
N ASP A 285 5.80 29.94 13.86
CA ASP A 285 5.62 29.31 15.16
C ASP A 285 4.61 28.16 15.08
N SER A 286 4.48 27.43 16.17
CA SER A 286 3.39 26.47 16.32
C SER A 286 2.24 27.16 17.04
N VAL A 287 1.05 27.06 16.47
CA VAL A 287 -0.10 27.77 17.02
C VAL A 287 -1.08 26.82 17.68
N ILE A 288 -1.25 26.99 18.99
CA ILE A 288 -2.16 26.16 19.78
C ILE A 288 -3.57 26.23 19.20
N GLY A 289 -4.13 25.06 18.91
CA GLY A 289 -5.46 24.97 18.34
C GLY A 289 -5.44 24.92 16.82
N GLU A 290 -4.29 25.22 16.24
CA GLU A 290 -4.14 25.23 14.78
C GLU A 290 -2.81 24.61 14.37
N THR A 291 -2.46 23.52 15.04
CA THR A 291 -1.31 22.72 14.67
C THR A 291 -1.79 21.28 14.50
N GLY A 292 -0.96 20.45 13.89
CA GLY A 292 -1.34 19.06 13.66
C GLY A 292 -1.06 18.22 14.88
N GLU A 293 -1.37 16.92 14.79
CA GLU A 293 -1.15 15.99 15.90
C GLU A 293 0.31 15.94 16.33
N LEU A 294 1.22 16.08 15.37
CA LEU A 294 2.65 16.05 15.67
C LEU A 294 3.00 17.24 16.55
N GLY A 295 2.45 18.39 16.20
CA GLY A 295 2.68 19.62 16.93
C GLY A 295 2.22 19.53 18.36
N LYS A 296 1.06 18.90 18.59
CA LYS A 296 0.55 18.73 19.96
C LYS A 296 1.53 17.90 20.79
N VAL A 297 2.14 16.90 20.15
CA VAL A 297 3.15 16.06 20.79
C VAL A 297 4.45 16.83 21.07
N LEU A 298 4.90 17.64 20.13
CA LEU A 298 6.18 18.34 20.27
C LEU A 298 6.14 19.45 21.32
N ASP A 299 4.94 19.85 21.74
CA ASP A 299 4.84 20.85 22.80
C ASP A 299 5.35 20.27 24.11
N LEU A 300 5.52 18.96 24.16
CA LEU A 300 6.12 18.27 25.28
C LEU A 300 7.52 18.83 25.59
N ASP A 301 8.30 19.05 24.53
CA ASP A 301 9.64 19.62 24.64
C ASP A 301 9.62 20.96 25.38
N MET A 302 8.67 21.80 25.00
CA MET A 302 8.51 23.10 25.65
C MET A 302 8.16 22.93 27.11
N LEU A 303 7.33 21.93 27.40
CA LEU A 303 6.88 21.68 28.76
C LEU A 303 8.01 21.16 29.64
N VAL A 304 8.88 20.35 29.06
CA VAL A 304 9.95 19.72 29.81
C VAL A 304 11.16 20.64 29.97
N LEU A 305 11.52 21.34 28.90
CA LEU A 305 12.81 22.03 28.86
C LEU A 305 12.73 23.49 29.28
N VAL A 306 11.81 24.25 28.69
CA VAL A 306 11.79 25.69 28.91
C VAL A 306 10.51 26.17 29.59
N GLU A 307 10.50 27.46 29.93
CA GLU A 307 9.37 28.06 30.65
C GLU A 307 8.38 28.71 29.69
N GLY A 308 8.86 29.03 28.48
CA GLY A 308 8.04 29.66 27.48
C GLY A 308 6.93 28.77 26.95
N GLU A 309 5.96 29.38 26.29
CA GLU A 309 4.79 28.66 25.79
C GLU A 309 4.33 29.16 24.42
N HIS A 310 3.74 28.28 23.63
CA HIS A 310 3.14 28.68 22.36
C HIS A 310 1.84 29.41 22.63
N ARG A 311 1.44 30.27 21.70
CA ARG A 311 0.23 31.07 21.88
C ARG A 311 -0.92 30.63 20.97
N THR A 312 -2.14 30.80 21.46
CA THR A 312 -3.33 30.57 20.65
C THR A 312 -3.51 31.75 19.71
N ARG A 313 -4.47 31.64 18.79
CA ARG A 313 -4.72 32.70 17.83
C ARG A 313 -5.26 33.95 18.51
N ALA A 314 -6.19 33.74 19.44
CA ALA A 314 -6.79 34.84 20.18
C ALA A 314 -5.72 35.61 20.95
N GLN A 315 -4.77 34.89 21.52
CA GLN A 315 -3.65 35.51 22.23
C GLN A 315 -2.80 36.35 21.29
N TRP A 316 -2.54 35.81 20.09
CA TRP A 316 -1.78 36.53 19.08
C TRP A 316 -2.53 37.76 18.61
N ASP A 317 -3.84 37.62 18.43
CA ASP A 317 -4.70 38.74 18.09
C ASP A 317 -4.54 39.88 19.08
N ASP A 318 -4.64 39.55 20.37
CA ASP A 318 -4.58 40.53 21.45
C ASP A 318 -3.21 41.20 21.52
N LEU A 319 -2.17 40.41 21.34
CA LEU A 319 -0.81 40.94 21.36
C LEU A 319 -0.57 41.88 20.18
N LEU A 320 -0.89 41.41 18.98
CA LEU A 320 -0.69 42.18 17.77
C LEU A 320 -1.59 43.41 17.72
N ALA A 321 -2.74 43.34 18.37
CA ALA A 321 -3.68 44.46 18.41
C ALA A 321 -3.05 45.66 19.11
N ARG A 322 -2.35 45.38 20.21
CA ARG A 322 -1.69 46.44 20.99
C ARG A 322 -0.51 47.06 20.22
N ALA A 323 -0.05 46.37 19.20
CA ALA A 323 1.08 46.85 18.40
C ALA A 323 0.63 47.38 17.03
N GLY A 324 -0.67 47.35 16.78
CA GLY A 324 -1.21 47.86 15.53
C GLY A 324 -1.03 46.92 14.36
N PHE A 325 -1.19 45.62 14.61
CA PHE A 325 -1.13 44.62 13.54
C PHE A 325 -2.44 43.87 13.37
N ASP A 326 -2.68 43.36 12.17
CA ASP A 326 -3.83 42.51 11.89
C ASP A 326 -3.40 41.19 11.26
N ILE A 327 -3.96 40.10 11.76
CA ILE A 327 -3.66 38.78 11.21
C ILE A 327 -4.41 38.60 9.89
N VAL A 328 -3.65 38.51 8.79
CA VAL A 328 -4.23 38.25 7.48
C VAL A 328 -4.62 36.78 7.37
N GLY A 329 -3.77 35.93 7.93
CA GLY A 329 -4.03 34.50 7.95
C GLY A 329 -2.94 33.71 8.64
N ILE A 330 -3.29 32.52 9.12
CA ILE A 330 -2.31 31.61 9.70
C ILE A 330 -2.17 30.39 8.80
N HIS A 331 -1.14 30.39 7.96
CA HIS A 331 -0.98 29.35 6.96
C HIS A 331 -0.22 28.16 7.52
N PRO A 332 -0.81 26.96 7.43
CA PRO A 332 -0.16 25.72 7.89
C PRO A 332 1.11 25.42 7.11
N ALA A 333 2.19 25.16 7.83
CA ALA A 333 3.47 24.80 7.20
C ALA A 333 3.87 23.40 7.65
N GLY A 334 3.20 22.39 7.12
CA GLY A 334 3.38 21.02 7.58
C GLY A 334 2.46 20.74 8.75
N ASP A 335 2.81 19.73 9.55
CA ASP A 335 1.92 19.29 10.61
C ASP A 335 2.29 19.87 11.98
N VAL A 336 3.24 20.79 11.99
CA VAL A 336 3.64 21.42 13.24
C VAL A 336 3.56 22.93 13.16
N TRP A 337 4.37 23.48 12.27
CA TRP A 337 4.59 24.92 12.22
C TRP A 337 3.57 25.62 11.33
N ALA A 338 3.54 26.94 11.45
CA ALA A 338 2.63 27.76 10.67
C ALA A 338 3.26 29.10 10.38
N VAL A 339 2.84 29.74 9.29
CA VAL A 339 3.26 31.09 9.02
C VAL A 339 2.13 32.06 9.34
N ILE A 340 2.31 32.84 10.40
CA ILE A 340 1.34 33.85 10.77
C ILE A 340 1.60 35.11 9.96
N GLU A 341 0.73 35.39 8.99
CA GLU A 341 0.90 36.57 8.15
C GLU A 341 0.20 37.77 8.79
N CYS A 342 0.98 38.80 9.12
CA CYS A 342 0.45 39.98 9.80
C CYS A 342 0.59 41.24 8.96
N ARG A 343 -0.41 42.11 9.05
CA ARG A 343 -0.42 43.34 8.28
C ARG A 343 -0.56 44.54 9.19
N GLY A 344 0.09 45.64 8.83
CA GLY A 344 -0.06 46.88 9.58
C GLY A 344 -1.42 47.49 9.32
N THR A 345 -2.12 47.84 10.39
CA THR A 345 -3.45 48.44 10.28
C THR A 345 -3.39 49.82 9.63
N ARG B 11 10.43 6.42 5.40
CA ARG B 11 11.03 5.53 4.41
C ARG B 11 12.54 5.72 4.31
N THR B 12 12.98 6.97 4.18
CA THR B 12 14.41 7.26 4.13
C THR B 12 15.03 7.23 5.52
N ALA B 13 16.35 7.20 5.57
CA ALA B 13 17.06 7.12 6.86
C ALA B 13 16.77 8.36 7.72
N ALA B 14 16.75 9.53 7.09
CA ALA B 14 16.50 10.78 7.80
C ALA B 14 15.13 10.77 8.50
N GLN B 15 14.11 10.31 7.79
CA GLN B 15 12.77 10.20 8.34
C GLN B 15 12.68 9.20 9.47
N ARG B 16 13.47 8.13 9.40
CA ARG B 16 13.44 7.12 10.45
C ARG B 16 14.08 7.63 11.74
N LEU B 17 15.19 8.35 11.62
CA LEU B 17 15.85 8.94 12.78
C LEU B 17 14.95 9.98 13.45
N TYR B 18 14.36 10.87 12.65
CA TYR B 18 13.47 11.88 13.20
C TYR B 18 12.27 11.25 13.88
N GLN B 19 11.80 10.12 13.36
CA GLN B 19 10.64 9.45 13.94
C GLN B 19 10.98 8.78 15.27
N TYR B 20 12.19 8.25 15.41
CA TYR B 20 12.63 7.69 16.68
C TYR B 20 12.67 8.77 17.77
N ASN B 21 13.07 9.97 17.39
CA ASN B 21 13.09 11.11 18.30
C ASN B 21 11.68 11.46 18.77
N VAL B 22 10.72 11.43 17.84
CA VAL B 22 9.33 11.73 18.15
C VAL B 22 8.72 10.64 19.03
N ASP B 23 8.98 9.39 18.70
CA ASP B 23 8.41 8.27 19.44
C ASP B 23 8.94 8.20 20.88
N LEU B 24 10.18 8.64 21.07
CA LEU B 24 10.76 8.78 22.40
C LEU B 24 9.90 9.70 23.29
N LYS B 25 9.43 10.80 22.71
CA LYS B 25 8.56 11.74 23.43
C LYS B 25 7.18 11.13 23.70
N VAL B 26 6.62 10.45 22.72
CA VAL B 26 5.33 9.77 22.90
C VAL B 26 5.42 8.76 24.05
N ALA B 27 6.55 8.07 24.13
CA ALA B 27 6.79 7.11 25.19
C ALA B 27 6.69 7.76 26.58
N PHE B 28 7.29 8.94 26.72
CA PHE B 28 7.19 9.68 27.98
C PHE B 28 5.78 10.16 28.24
N VAL B 29 5.10 10.57 27.17
CA VAL B 29 3.74 11.07 27.27
C VAL B 29 2.82 9.98 27.84
N LEU B 30 2.93 8.78 27.28
CA LEU B 30 2.10 7.66 27.68
C LEU B 30 2.42 7.24 29.11
N TYR B 31 3.70 7.30 29.47
CA TYR B 31 4.14 6.98 30.81
C TYR B 31 3.48 7.89 31.84
N ALA B 32 3.48 9.19 31.56
CA ALA B 32 2.96 10.17 32.51
C ALA B 32 1.46 10.07 32.66
N VAL B 33 0.79 9.78 31.54
CA VAL B 33 -0.66 9.61 31.53
C VAL B 33 -1.05 8.42 32.41
N ALA B 34 -0.27 7.35 32.31
CA ALA B 34 -0.54 6.14 33.08
C ALA B 34 -0.25 6.36 34.57
N LYS B 35 0.86 7.02 34.89
CA LYS B 35 1.24 7.24 36.28
C LYS B 35 0.26 8.16 37.00
N LEU B 36 -0.37 9.08 36.26
CA LEU B 36 -1.39 9.95 36.83
C LEU B 36 -2.76 9.29 36.84
N HIS B 37 -2.81 8.03 36.38
CA HIS B 37 -4.02 7.23 36.36
C HIS B 37 -5.16 7.94 35.64
N LEU B 38 -4.79 8.74 34.66
CA LEU B 38 -5.73 9.41 33.78
C LEU B 38 -6.62 8.45 32.98
N PRO B 39 -6.07 7.31 32.50
CA PRO B 39 -6.98 6.38 31.82
C PRO B 39 -8.05 5.82 32.73
N ASP B 40 -7.73 5.63 34.00
CA ASP B 40 -8.68 5.09 34.97
C ASP B 40 -9.73 6.13 35.37
N LEU B 41 -9.30 7.38 35.46
CA LEU B 41 -10.20 8.50 35.77
C LEU B 41 -11.20 8.74 34.63
N LEU B 42 -10.84 8.32 33.43
CA LEU B 42 -11.65 8.55 32.23
C LEU B 42 -12.45 7.31 31.84
N ALA B 43 -12.35 6.27 32.64
CA ALA B 43 -12.93 4.97 32.31
C ALA B 43 -14.45 5.00 32.14
N ASP B 44 -15.12 5.93 32.79
CA ASP B 44 -16.58 5.97 32.75
C ASP B 44 -17.11 7.09 31.88
N GLY B 45 -16.22 7.75 31.14
CA GLY B 45 -16.64 8.82 30.25
C GLY B 45 -15.76 10.04 30.33
N PRO B 46 -16.07 11.07 29.53
CA PRO B 46 -15.25 12.29 29.43
C PRO B 46 -15.25 13.12 30.71
N ARG B 47 -14.17 13.87 30.92
CA ARG B 47 -14.01 14.75 32.07
C ARG B 47 -13.35 16.04 31.61
N THR B 48 -13.64 17.15 32.29
CA THR B 48 -13.06 18.44 31.91
C THR B 48 -11.62 18.53 32.40
N THR B 49 -10.85 19.41 31.80
CA THR B 49 -9.48 19.69 32.26
C THR B 49 -9.46 20.09 33.73
N ALA B 50 -10.32 21.03 34.10
CA ALA B 50 -10.43 21.49 35.49
C ALA B 50 -10.72 20.32 36.43
N ASP B 51 -11.61 19.43 36.01
CA ASP B 51 -11.94 18.25 36.81
C ASP B 51 -10.72 17.34 36.96
N LEU B 52 -10.07 17.04 35.85
CA LEU B 52 -8.89 16.17 35.88
C LEU B 52 -7.75 16.82 36.67
N ALA B 53 -7.72 18.16 36.67
CA ALA B 53 -6.74 18.90 37.46
C ALA B 53 -6.95 18.64 38.96
N ALA B 54 -8.18 18.78 39.41
CA ALA B 54 -8.51 18.54 40.82
C ALA B 54 -8.29 17.08 41.21
N ALA B 55 -8.57 16.17 40.29
CA ALA B 55 -8.44 14.74 40.55
C ALA B 55 -6.98 14.25 40.57
N THR B 56 -6.06 15.06 40.05
CA THR B 56 -4.65 14.67 40.02
C THR B 56 -3.76 15.65 40.82
N GLY B 57 -4.31 16.82 41.14
CA GLY B 57 -3.57 17.83 41.86
C GLY B 57 -2.58 18.53 40.96
N SER B 58 -3.01 18.84 39.73
CA SER B 58 -2.12 19.40 38.72
C SER B 58 -2.45 20.84 38.37
N ASP B 59 -1.46 21.54 37.82
CA ASP B 59 -1.70 22.85 37.21
C ASP B 59 -2.55 22.66 35.96
N PRO B 60 -3.75 23.27 35.95
CA PRO B 60 -4.70 23.11 34.84
C PRO B 60 -4.11 23.41 33.47
N SER B 61 -3.29 24.46 33.37
CA SER B 61 -2.75 24.88 32.08
C SER B 61 -1.73 23.89 31.54
N ARG B 62 -0.95 23.28 32.43
CA ARG B 62 0.06 22.33 32.00
C ARG B 62 -0.51 20.92 31.88
N LEU B 63 -1.60 20.63 32.59
CA LEU B 63 -2.28 19.36 32.44
C LEU B 63 -2.90 19.27 31.06
N ARG B 64 -3.55 20.36 30.65
CA ARG B 64 -4.17 20.45 29.34
C ARG B 64 -3.18 20.19 28.21
N ARG B 65 -1.94 20.66 28.38
CA ARG B 65 -0.91 20.48 27.36
C ARG B 65 -0.46 19.02 27.29
N LEU B 66 -0.43 18.36 28.43
CA LEU B 66 -0.10 16.93 28.49
C LEU B 66 -1.24 16.09 27.87
N LEU B 67 -2.47 16.42 28.24
CA LEU B 67 -3.63 15.71 27.72
C LEU B 67 -3.71 15.86 26.21
N ARG B 68 -3.45 17.07 25.73
CA ARG B 68 -3.45 17.36 24.31
C ARG B 68 -2.38 16.57 23.56
N ALA B 69 -1.20 16.41 24.17
CA ALA B 69 -0.15 15.60 23.57
C ALA B 69 -0.59 14.15 23.47
N ALA B 70 -1.28 13.69 24.49
CA ALA B 70 -1.81 12.33 24.53
C ALA B 70 -2.85 12.13 23.45
N ALA B 71 -3.61 13.20 23.16
CA ALA B 71 -4.58 13.14 22.07
C ALA B 71 -3.87 13.12 20.73
N GLY B 72 -2.72 13.81 20.65
CA GLY B 72 -1.90 13.82 19.45
C GLY B 72 -1.32 12.45 19.15
N ALA B 73 -0.95 11.73 20.20
CA ALA B 73 -0.45 10.37 20.04
C ALA B 73 -1.57 9.34 19.95
N ASP B 74 -2.81 9.82 19.90
CA ASP B 74 -4.01 8.97 19.78
C ASP B 74 -4.26 8.05 20.98
N ALA B 75 -3.86 8.49 22.17
CA ALA B 75 -4.17 7.76 23.39
C ALA B 75 -5.49 8.23 23.96
N LEU B 76 -5.73 9.53 23.87
CA LEU B 76 -6.99 10.14 24.24
C LEU B 76 -7.57 10.80 23.00
N ARG B 77 -8.79 11.30 23.10
CA ARG B 77 -9.35 12.17 22.07
C ARG B 77 -9.89 13.43 22.72
N GLU B 78 -9.73 14.57 22.05
CA GLU B 78 -10.24 15.82 22.58
C GLU B 78 -11.74 15.86 22.37
N VAL B 79 -12.45 16.38 23.36
CA VAL B 79 -13.90 16.44 23.33
C VAL B 79 -14.36 17.86 23.66
N PRO B 80 -15.43 18.36 22.98
CA PRO B 80 -16.06 19.65 23.25
C PRO B 80 -16.20 19.96 24.75
N GLU B 81 -16.33 21.24 25.07
CA GLU B 81 -16.26 21.80 26.44
C GLU B 81 -14.94 21.45 27.15
N ASP B 82 -13.83 21.59 26.41
CA ASP B 82 -12.47 21.44 26.95
C ASP B 82 -12.33 20.14 27.75
N SER B 83 -12.66 19.02 27.11
CA SER B 83 -12.70 17.74 27.80
C SER B 83 -11.90 16.69 27.04
N PHE B 84 -11.64 15.58 27.69
CA PHE B 84 -10.88 14.50 27.06
C PHE B 84 -11.55 13.19 27.37
N GLU B 85 -11.32 12.21 26.52
CA GLU B 85 -12.01 10.94 26.56
C GLU B 85 -11.03 9.87 26.09
N LEU B 86 -11.21 8.63 26.54
CA LEU B 86 -10.34 7.54 26.12
C LEU B 86 -10.39 7.25 24.62
N ALA B 87 -9.24 6.93 24.04
CA ALA B 87 -9.16 6.36 22.70
C ALA B 87 -8.72 4.91 22.86
N PRO B 88 -8.85 4.07 21.82
CA PRO B 88 -8.46 2.65 21.95
C PRO B 88 -7.10 2.40 22.60
N MET B 89 -6.06 3.13 22.20
CA MET B 89 -4.73 2.90 22.77
C MET B 89 -4.67 3.28 24.25
N GLY B 90 -5.47 4.28 24.64
CA GLY B 90 -5.52 4.71 26.04
C GLY B 90 -6.30 3.75 26.91
N ASP B 91 -7.27 3.07 26.30
CA ASP B 91 -8.07 2.08 27.01
C ASP B 91 -7.20 0.94 27.51
N LEU B 92 -6.16 0.62 26.74
CA LEU B 92 -5.26 -0.46 27.08
C LEU B 92 -4.32 -0.11 28.23
N LEU B 93 -4.27 1.17 28.58
CA LEU B 93 -3.41 1.63 29.67
C LEU B 93 -4.18 1.69 30.99
N ARG B 94 -5.41 1.22 31.00
CA ARG B 94 -6.15 1.06 32.25
C ARG B 94 -5.66 -0.20 32.93
N SER B 95 -5.49 -0.14 34.24
CA SER B 95 -5.05 -1.29 35.02
C SER B 95 -6.09 -2.40 34.99
N GLY B 96 -7.36 -2.02 34.85
CA GLY B 96 -8.45 -2.97 34.92
C GLY B 96 -8.80 -3.68 33.61
N HIS B 97 -8.24 -3.20 32.50
CA HIS B 97 -8.48 -3.81 31.20
C HIS B 97 -7.96 -5.24 31.18
N PRO B 98 -8.79 -6.19 30.71
CA PRO B 98 -8.44 -7.61 30.69
C PRO B 98 -7.17 -7.92 29.93
N ARG B 99 -6.87 -7.10 28.91
CA ARG B 99 -5.67 -7.27 28.11
C ARG B 99 -4.82 -5.99 28.18
N SER B 100 -4.67 -5.47 29.39
CA SER B 100 -3.93 -4.24 29.64
C SER B 100 -2.46 -4.32 29.21
N MET B 101 -1.89 -3.18 28.83
CA MET B 101 -0.47 -3.12 28.52
C MET B 101 0.18 -1.96 29.28
N ARG B 102 -0.41 -1.63 30.42
CA ARG B 102 0.11 -0.55 31.27
C ARG B 102 1.46 -0.91 31.86
N GLY B 103 1.67 -2.21 32.09
CA GLY B 103 2.90 -2.68 32.69
C GLY B 103 4.16 -2.34 31.90
N MET B 104 4.14 -2.62 30.60
CA MET B 104 5.32 -2.38 29.78
C MET B 104 5.47 -0.90 29.47
N THR B 105 4.36 -0.18 29.46
CA THR B 105 4.38 1.25 29.15
C THR B 105 4.97 2.05 30.30
N THR B 106 4.83 1.55 31.53
CA THR B 106 5.29 2.29 32.70
C THR B 106 6.65 1.80 33.20
N PHE B 107 6.85 0.49 33.29
CA PHE B 107 8.09 -0.05 33.86
C PHE B 107 9.34 0.49 33.16
N PHE B 108 9.36 0.42 31.83
CA PHE B 108 10.58 0.76 31.08
C PHE B 108 10.85 2.26 30.99
N ALA B 109 9.92 3.07 31.48
CA ALA B 109 10.11 4.52 31.46
C ALA B 109 10.22 5.06 32.88
N GLU B 110 10.23 4.15 33.83
CA GLU B 110 10.43 4.52 35.23
C GLU B 110 11.86 5.04 35.42
N PRO B 111 12.02 6.13 36.17
CA PRO B 111 13.32 6.78 36.44
C PRO B 111 14.46 5.81 36.75
N ASP B 112 14.25 4.91 37.71
CA ASP B 112 15.28 3.93 38.08
C ASP B 112 15.64 2.99 36.94
N VAL B 113 14.65 2.61 36.13
CA VAL B 113 14.87 1.73 34.99
C VAL B 113 15.51 2.48 33.84
N LEU B 114 15.03 3.70 33.61
CA LEU B 114 15.49 4.52 32.50
C LEU B 114 16.95 4.94 32.68
N ALA B 115 17.37 5.07 33.93
CA ALA B 115 18.74 5.44 34.24
C ALA B 115 19.68 4.30 33.86
N ALA B 116 19.19 3.07 33.99
CA ALA B 116 19.98 1.89 33.68
C ALA B 116 20.23 1.80 32.18
N TYR B 117 19.22 2.08 31.38
CA TYR B 117 19.41 2.10 29.93
C TYR B 117 20.30 3.27 29.53
N GLY B 118 20.42 4.24 30.43
CA GLY B 118 21.29 5.38 30.22
C GLY B 118 22.74 5.02 30.40
N ASP B 119 23.02 4.12 31.33
CA ASP B 119 24.38 3.66 31.59
C ASP B 119 24.79 2.49 30.70
N LEU B 120 24.18 2.41 29.52
CA LEU B 120 24.47 1.33 28.58
C LEU B 120 25.92 1.37 28.13
N VAL B 121 26.45 2.57 27.93
CA VAL B 121 27.83 2.74 27.49
C VAL B 121 28.83 2.17 28.50
N GLU B 122 28.64 2.51 29.77
CA GLU B 122 29.55 2.05 30.82
C GLU B 122 29.39 0.55 31.09
N SER B 123 28.22 0.02 30.79
CA SER B 123 27.98 -1.42 30.90
C SER B 123 28.78 -2.19 29.85
N VAL B 124 28.80 -1.68 28.62
CA VAL B 124 29.55 -2.30 27.55
C VAL B 124 31.06 -2.24 27.85
N ARG B 125 31.50 -1.13 28.43
CA ARG B 125 32.92 -0.93 28.76
C ARG B 125 33.38 -1.76 29.96
N THR B 126 32.47 -2.06 30.87
CA THR B 126 32.83 -2.71 32.12
C THR B 126 32.59 -4.22 32.11
N GLY B 127 31.45 -4.62 31.56
CA GLY B 127 31.06 -6.03 31.55
C GLY B 127 30.00 -6.33 32.59
N VAL B 128 29.62 -5.31 33.34
CA VAL B 128 28.60 -5.43 34.37
C VAL B 128 27.25 -4.98 33.80
N PRO B 129 26.16 -5.72 34.13
CA PRO B 129 24.83 -5.26 33.71
C PRO B 129 24.57 -3.84 34.18
N ALA B 130 24.00 -3.02 33.31
CA ALA B 130 23.84 -1.59 33.59
C ALA B 130 23.05 -1.32 34.87
N PHE B 131 21.99 -2.09 35.09
CA PHE B 131 21.14 -1.92 36.27
C PHE B 131 21.93 -2.12 37.56
N GLN B 132 22.74 -3.17 37.61
CA GLN B 132 23.56 -3.45 38.80
C GLN B 132 24.62 -2.38 38.97
N LEU B 133 25.10 -1.86 37.85
CA LEU B 133 26.07 -0.78 37.84
C LEU B 133 25.44 0.47 38.43
N ARG B 134 24.15 0.65 38.17
CA ARG B 134 23.43 1.86 38.56
C ARG B 134 22.91 1.81 39.98
N HIS B 135 22.33 0.68 40.37
CA HIS B 135 21.66 0.57 41.66
C HIS B 135 22.40 -0.35 42.63
N ARG B 136 23.63 -0.71 42.29
CA ARG B 136 24.52 -1.46 43.20
C ARG B 136 23.92 -2.79 43.65
N GLU B 137 23.05 -3.37 42.83
CA GLU B 137 22.24 -4.50 43.25
C GLU B 137 21.52 -5.10 42.04
N PRO B 138 21.34 -6.43 42.02
CA PRO B 138 20.62 -7.05 40.89
C PRO B 138 19.14 -6.67 40.86
N LEU B 139 18.56 -6.68 39.67
CA LEU B 139 17.17 -6.25 39.47
C LEU B 139 16.17 -6.90 40.43
N TYR B 140 16.26 -8.22 40.60
CA TYR B 140 15.27 -8.94 41.41
C TYR B 140 15.41 -8.64 42.89
N ASP B 141 16.60 -8.21 43.32
CA ASP B 141 16.81 -7.81 44.70
C ASP B 141 16.34 -6.37 44.93
N PHE B 142 16.50 -5.54 43.90
CA PHE B 142 16.02 -4.17 43.92
C PHE B 142 14.50 -4.13 44.07
N LEU B 143 13.82 -4.97 43.29
CA LEU B 143 12.37 -5.01 43.26
C LEU B 143 11.78 -5.67 44.50
N ALA B 144 12.60 -6.41 45.23
CA ALA B 144 12.14 -7.13 46.42
C ALA B 144 11.91 -6.19 47.60
N ARG B 145 12.56 -5.03 47.56
CA ARG B 145 12.43 -4.03 48.61
C ARG B 145 11.03 -3.46 48.64
N PRO B 146 10.47 -3.26 49.85
CA PRO B 146 9.08 -2.81 50.03
C PRO B 146 8.83 -1.45 49.36
N GLN B 147 9.84 -0.60 49.36
CA GLN B 147 9.74 0.75 48.81
C GLN B 147 9.59 0.78 47.28
N HIS B 148 9.90 -0.33 46.62
CA HIS B 148 9.80 -0.42 45.17
C HIS B 148 8.69 -1.35 44.71
N LYS B 149 7.68 -1.53 45.56
CA LYS B 149 6.57 -2.44 45.25
C LYS B 149 5.84 -2.03 43.98
N GLU B 150 5.69 -0.73 43.78
CA GLU B 150 4.96 -0.20 42.64
C GLU B 150 5.66 -0.53 41.33
N VAL B 151 6.99 -0.47 41.35
CA VAL B 151 7.80 -0.80 40.19
C VAL B 151 7.82 -2.32 40.00
N ARG B 152 7.75 -3.05 41.10
CA ARG B 152 7.73 -4.51 41.04
C ARG B 152 6.45 -5.02 40.39
N ASP B 153 5.32 -4.44 40.75
CA ASP B 153 4.03 -4.86 40.19
C ASP B 153 3.98 -4.54 38.69
N GLU B 154 4.58 -3.43 38.30
CA GLU B 154 4.61 -3.04 36.90
C GLU B 154 5.48 -3.99 36.08
N PHE B 155 6.59 -4.42 36.67
CA PHE B 155 7.45 -5.41 36.04
C PHE B 155 6.72 -6.75 35.89
N ASP B 156 6.01 -7.15 36.94
CA ASP B 156 5.23 -8.38 36.93
C ASP B 156 4.17 -8.34 35.83
N ALA B 157 3.50 -7.20 35.71
CA ALA B 157 2.48 -7.02 34.69
C ALA B 157 3.10 -7.03 33.29
N ALA B 158 4.28 -6.44 33.15
CA ALA B 158 4.98 -6.40 31.87
C ALA B 158 5.29 -7.81 31.34
N MET B 159 5.74 -8.68 32.24
CA MET B 159 6.05 -10.07 31.88
C MET B 159 4.81 -10.84 31.44
N VAL B 160 3.68 -10.58 32.09
CA VAL B 160 2.41 -11.19 31.71
C VAL B 160 2.01 -10.70 30.32
N GLU B 161 2.23 -9.42 30.07
CA GLU B 161 1.86 -8.81 28.80
C GLU B 161 2.72 -9.27 27.63
N PHE B 162 4.01 -9.51 27.89
CA PHE B 162 4.90 -10.03 26.85
C PHE B 162 4.50 -11.47 26.49
N GLY B 163 4.08 -12.23 27.49
CA GLY B 163 3.58 -13.58 27.27
C GLY B 163 2.32 -13.57 26.44
N GLN B 164 1.42 -12.64 26.75
CA GLN B 164 0.18 -12.48 25.99
C GLN B 164 0.47 -12.06 24.55
N TYR B 165 1.40 -11.13 24.37
CA TYR B 165 1.72 -10.60 23.05
C TYR B 165 2.36 -11.66 22.12
N PHE B 166 3.14 -12.57 22.68
CA PHE B 166 3.88 -13.53 21.87
C PHE B 166 3.30 -14.94 21.90
N ALA B 167 2.11 -15.09 22.48
CA ALA B 167 1.48 -16.39 22.60
C ALA B 167 1.22 -17.03 21.23
N ASP B 168 0.54 -16.30 20.34
CA ASP B 168 0.20 -16.82 19.02
C ASP B 168 1.42 -17.18 18.19
N ASP B 169 2.54 -16.52 18.46
CA ASP B 169 3.77 -16.76 17.71
C ASP B 169 4.32 -18.17 17.96
N PHE B 170 4.14 -18.68 19.18
CA PHE B 170 4.57 -20.03 19.49
C PHE B 170 3.60 -21.06 18.91
N LEU B 171 2.32 -20.89 19.23
CA LEU B 171 1.29 -21.86 18.88
C LEU B 171 1.09 -22.05 17.38
N THR B 172 1.44 -21.04 16.58
CA THR B 172 1.31 -21.15 15.13
C THR B 172 2.65 -21.41 14.46
N SER B 173 3.62 -21.89 15.23
CA SER B 173 4.97 -22.12 14.69
C SER B 173 5.51 -23.50 15.06
N PHE B 174 4.72 -24.25 15.82
CA PHE B 174 5.11 -25.60 16.21
C PHE B 174 3.87 -26.45 16.46
N ASP B 175 3.98 -27.74 16.18
CA ASP B 175 2.83 -28.63 16.28
C ASP B 175 2.73 -29.24 17.68
N PHE B 176 2.14 -28.48 18.61
CA PHE B 176 1.97 -28.94 19.98
C PHE B 176 0.91 -30.04 20.06
N GLY B 177 0.09 -30.17 19.01
CA GLY B 177 -0.96 -31.15 18.97
C GLY B 177 -0.49 -32.59 18.94
N ARG B 178 0.81 -32.78 18.72
CA ARG B 178 1.40 -34.12 18.70
C ARG B 178 1.46 -34.74 20.09
N PHE B 179 1.43 -33.89 21.12
CA PHE B 179 1.61 -34.35 22.50
C PHE B 179 0.31 -34.27 23.29
N THR B 180 0.22 -35.08 24.34
CA THR B 180 -0.99 -35.12 25.17
C THR B 180 -0.73 -34.75 26.62
N ARG B 181 0.49 -34.95 27.11
CA ARG B 181 0.81 -34.61 28.48
C ARG B 181 2.01 -33.66 28.57
N PHE B 182 1.72 -32.40 28.87
CA PHE B 182 2.73 -31.36 28.92
C PHE B 182 3.22 -31.14 30.34
N ALA B 183 4.50 -30.79 30.48
CA ALA B 183 5.07 -30.47 31.77
C ALA B 183 5.92 -29.21 31.67
N ASP B 184 5.40 -28.10 32.17
CA ASP B 184 6.07 -26.81 32.08
C ASP B 184 6.98 -26.58 33.28
N ILE B 185 8.28 -26.70 33.07
CA ILE B 185 9.24 -26.49 34.14
C ILE B 185 9.57 -25.00 34.27
N GLY B 186 9.19 -24.42 35.41
CA GLY B 186 9.35 -23.00 35.62
C GLY B 186 8.25 -22.22 34.93
N GLY B 187 7.06 -22.82 34.90
CA GLY B 187 5.96 -22.28 34.14
C GLY B 187 5.16 -21.17 34.82
N GLY B 188 5.60 -20.75 36.00
CA GLY B 188 4.95 -19.66 36.72
C GLY B 188 3.49 -19.91 37.03
N ARG B 189 2.65 -18.93 36.70
CA ARG B 189 1.21 -19.04 36.96
C ARG B 189 0.53 -20.01 36.01
N GLY B 190 1.24 -20.43 34.97
CA GLY B 190 0.74 -21.41 34.04
C GLY B 190 0.17 -20.78 32.77
N GLN B 191 0.59 -19.56 32.50
CA GLN B 191 0.12 -18.81 31.34
C GLN B 191 0.36 -19.56 30.03
N PHE B 192 1.59 -20.01 29.82
CA PHE B 192 1.91 -20.74 28.60
C PHE B 192 1.20 -22.09 28.54
N LEU B 193 1.18 -22.78 29.68
CA LEU B 193 0.52 -24.08 29.79
C LEU B 193 -0.96 -23.98 29.46
N ALA B 194 -1.58 -22.89 29.90
CA ALA B 194 -2.98 -22.61 29.60
C ALA B 194 -3.24 -22.48 28.10
N GLY B 195 -2.37 -21.73 27.42
CA GLY B 195 -2.52 -21.50 26.00
C GLY B 195 -2.41 -22.79 25.20
N VAL B 196 -1.46 -23.63 25.58
CA VAL B 196 -1.25 -24.91 24.91
C VAL B 196 -2.41 -25.87 25.15
N LEU B 197 -2.86 -25.97 26.41
CA LEU B 197 -3.97 -26.86 26.74
C LEU B 197 -5.29 -26.39 26.14
N THR B 198 -5.39 -25.09 25.87
CA THR B 198 -6.57 -24.55 25.19
C THR B 198 -6.54 -24.90 23.70
N ALA B 199 -5.35 -24.86 23.11
CA ALA B 199 -5.18 -25.15 21.69
C ALA B 199 -5.13 -26.65 21.42
N VAL B 200 -4.87 -27.44 22.47
CA VAL B 200 -4.81 -28.90 22.34
C VAL B 200 -5.84 -29.56 23.24
N PRO B 201 -7.00 -29.93 22.68
CA PRO B 201 -8.10 -30.54 23.44
C PRO B 201 -7.71 -31.89 24.04
N SER B 202 -8.42 -32.27 25.11
CA SER B 202 -8.27 -33.57 25.76
C SER B 202 -6.87 -33.83 26.30
N SER B 203 -6.07 -32.78 26.40
CA SER B 203 -4.70 -32.90 26.90
C SER B 203 -4.62 -32.45 28.35
N THR B 204 -3.65 -32.98 29.08
CA THR B 204 -3.43 -32.60 30.47
C THR B 204 -2.07 -31.94 30.64
N GLY B 205 -1.87 -31.31 31.79
CA GLY B 205 -0.63 -30.61 32.06
C GLY B 205 -0.09 -30.82 33.46
N VAL B 206 1.19 -30.53 33.63
CA VAL B 206 1.81 -30.52 34.95
C VAL B 206 2.59 -29.21 35.09
N LEU B 207 2.34 -28.48 36.18
CA LEU B 207 3.02 -27.22 36.43
C LEU B 207 4.08 -27.41 37.51
N VAL B 208 5.31 -27.06 37.19
CA VAL B 208 6.41 -27.18 38.14
C VAL B 208 7.06 -25.82 38.40
N ASP B 209 6.95 -25.35 39.64
CA ASP B 209 7.57 -24.09 40.03
C ASP B 209 7.68 -23.96 41.55
N GLY B 210 8.37 -22.91 42.01
CA GLY B 210 8.59 -22.70 43.42
C GLY B 210 7.36 -22.25 44.18
N PRO B 211 7.49 -22.09 45.51
CA PRO B 211 6.38 -21.73 46.39
C PRO B 211 5.98 -20.25 46.31
N ALA B 212 6.62 -19.51 45.42
CA ALA B 212 6.31 -18.09 45.25
C ALA B 212 5.01 -17.89 44.48
N VAL B 213 4.89 -18.58 43.34
CA VAL B 213 3.75 -18.39 42.45
C VAL B 213 2.65 -19.41 42.65
N ALA B 214 2.75 -20.19 43.72
CA ALA B 214 1.78 -21.26 44.01
C ALA B 214 0.36 -20.72 44.09
N ALA B 215 0.16 -19.66 44.87
CA ALA B 215 -1.15 -19.06 45.02
C ALA B 215 -1.61 -18.41 43.71
N SER B 216 -0.66 -17.83 42.99
CA SER B 216 -0.98 -17.17 41.72
C SER B 216 -1.40 -18.18 40.66
N ALA B 217 -0.79 -19.37 40.70
CA ALA B 217 -1.09 -20.41 39.73
C ALA B 217 -2.50 -20.94 39.93
N HIS B 218 -2.85 -21.25 41.17
CA HIS B 218 -4.16 -21.81 41.48
C HIS B 218 -5.30 -20.86 41.10
N LYS B 219 -5.09 -19.57 41.32
CA LYS B 219 -6.10 -18.58 40.99
C LYS B 219 -6.25 -18.40 39.48
N PHE B 220 -5.12 -18.38 38.77
CA PHE B 220 -5.15 -18.17 37.33
C PHE B 220 -5.71 -19.40 36.60
N LEU B 221 -5.34 -20.59 37.04
CA LEU B 221 -5.85 -21.81 36.46
C LEU B 221 -7.36 -21.95 36.69
N ALA B 222 -7.82 -21.48 37.86
CA ALA B 222 -9.25 -21.50 38.15
C ALA B 222 -10.00 -20.53 37.25
N SER B 223 -9.34 -19.44 36.85
CA SER B 223 -9.97 -18.46 35.97
C SER B 223 -10.06 -18.98 34.54
N GLN B 224 -9.32 -20.05 34.25
CA GLN B 224 -9.32 -20.66 32.93
C GLN B 224 -10.06 -21.99 32.94
N ASN B 225 -10.61 -22.36 34.09
CA ASN B 225 -11.25 -23.66 34.28
C ASN B 225 -10.34 -24.82 33.87
N LEU B 226 -9.08 -24.76 34.31
CA LEU B 226 -8.10 -25.80 33.96
C LEU B 226 -7.57 -26.51 35.20
N THR B 227 -8.19 -26.26 36.35
CA THR B 227 -7.81 -26.86 37.63
C THR B 227 -7.85 -28.39 37.56
N GLU B 228 -8.78 -28.92 36.78
CA GLU B 228 -8.92 -30.36 36.63
C GLU B 228 -7.86 -30.96 35.72
N ARG B 229 -7.37 -30.16 34.76
CA ARG B 229 -6.44 -30.65 33.75
C ARG B 229 -4.97 -30.32 34.06
N VAL B 230 -4.72 -29.53 35.10
CA VAL B 230 -3.35 -29.17 35.45
C VAL B 230 -2.98 -29.57 36.87
N GLU B 231 -1.95 -30.39 36.99
CA GLU B 231 -1.41 -30.74 38.30
C GLU B 231 -0.32 -29.76 38.71
N VAL B 232 -0.55 -29.02 39.80
CA VAL B 232 0.43 -28.05 40.27
C VAL B 232 1.40 -28.69 41.26
N ARG B 233 2.67 -28.71 40.90
CA ARG B 233 3.71 -29.26 41.78
C ARG B 233 4.64 -28.16 42.26
N ILE B 234 4.75 -28.03 43.58
CA ILE B 234 5.53 -26.97 44.19
C ILE B 234 6.77 -27.50 44.88
N GLY B 235 7.93 -26.93 44.55
CA GLY B 235 9.18 -27.33 45.17
C GLY B 235 10.36 -27.12 44.26
N ASP B 236 11.51 -27.68 44.64
CA ASP B 236 12.71 -27.59 43.83
C ASP B 236 12.56 -28.42 42.56
N PHE B 237 13.20 -27.96 41.48
CA PHE B 237 13.10 -28.63 40.18
C PHE B 237 13.53 -30.10 40.24
N PHE B 238 14.63 -30.36 40.95
CA PHE B 238 15.19 -31.71 41.00
C PHE B 238 14.39 -32.65 41.90
N ASP B 239 13.37 -32.12 42.56
CA ASP B 239 12.57 -32.92 43.47
C ASP B 239 11.22 -33.33 42.87
N VAL B 240 10.41 -32.33 42.53
CA VAL B 240 9.03 -32.58 42.10
C VAL B 240 8.90 -32.81 40.60
N LEU B 241 10.03 -33.06 39.93
CA LEU B 241 10.02 -33.28 38.48
C LEU B 241 9.21 -34.53 38.12
N PRO B 242 8.15 -34.36 37.34
CA PRO B 242 7.20 -35.44 37.01
C PRO B 242 7.73 -36.39 35.95
N THR B 243 7.22 -37.62 35.94
CA THR B 243 7.65 -38.63 34.98
C THR B 243 6.45 -39.14 34.18
N GLY B 244 6.67 -39.42 32.90
CA GLY B 244 5.62 -39.96 32.05
C GLY B 244 4.97 -38.92 31.16
N CYS B 245 5.70 -37.84 30.87
CA CYS B 245 5.20 -36.80 29.99
C CYS B 245 5.89 -36.91 28.63
N ASP B 246 5.15 -36.67 27.55
CA ASP B 246 5.71 -36.78 26.22
C ASP B 246 6.23 -35.45 25.70
N ALA B 247 6.07 -34.40 26.49
CA ALA B 247 6.60 -33.09 26.12
C ALA B 247 6.99 -32.28 27.35
N TYR B 248 8.27 -31.96 27.45
CA TYR B 248 8.76 -31.12 28.54
C TYR B 248 9.14 -29.74 28.01
N VAL B 249 8.76 -28.69 28.74
CA VAL B 249 8.94 -27.33 28.27
C VAL B 249 9.78 -26.49 29.23
N LEU B 250 10.90 -25.97 28.73
CA LEU B 250 11.73 -25.01 29.47
C LEU B 250 11.61 -23.63 28.83
N ARG B 251 10.84 -22.74 29.47
CA ARG B 251 10.55 -21.43 28.89
C ARG B 251 11.35 -20.30 29.51
N GLY B 252 12.54 -20.04 28.96
CA GLY B 252 13.37 -18.93 29.40
C GLY B 252 13.83 -19.04 30.84
N VAL B 253 14.22 -20.24 31.25
CA VAL B 253 14.66 -20.47 32.62
C VAL B 253 16.05 -21.08 32.69
N LEU B 254 16.82 -20.92 31.63
CA LEU B 254 18.20 -21.40 31.61
C LEU B 254 19.18 -20.27 31.32
N GLU B 255 18.65 -19.06 31.15
CA GLU B 255 19.48 -17.88 30.99
C GLU B 255 20.29 -17.62 32.26
N ASP B 256 19.69 -17.95 33.40
CA ASP B 256 20.29 -17.65 34.70
C ASP B 256 20.80 -18.91 35.39
N TRP B 257 21.26 -19.88 34.62
CA TRP B 257 21.81 -21.12 35.15
C TRP B 257 23.23 -21.35 34.67
N ALA B 258 24.08 -21.86 35.56
CA ALA B 258 25.42 -22.28 35.17
C ALA B 258 25.31 -23.56 34.35
N ASP B 259 26.32 -23.81 33.51
CA ASP B 259 26.31 -24.99 32.65
C ASP B 259 26.19 -26.29 33.46
N ALA B 260 26.96 -26.37 34.53
CA ALA B 260 26.96 -27.55 35.39
C ALA B 260 25.59 -27.81 35.98
N ASP B 261 24.90 -26.75 36.39
CA ASP B 261 23.57 -26.87 36.97
C ASP B 261 22.54 -27.23 35.90
N ALA B 262 22.68 -26.65 34.73
CA ALA B 262 21.75 -26.87 33.63
C ALA B 262 21.85 -28.31 33.10
N VAL B 263 23.05 -28.87 33.11
CA VAL B 263 23.28 -30.24 32.67
C VAL B 263 22.54 -31.23 33.57
N ARG B 264 22.65 -31.03 34.88
CA ARG B 264 21.98 -31.89 35.84
C ARG B 264 20.47 -31.85 35.66
N LEU B 265 19.94 -30.65 35.45
CA LEU B 265 18.52 -30.47 35.19
C LEU B 265 18.11 -31.21 33.92
N LEU B 266 18.89 -31.02 32.86
CA LEU B 266 18.62 -31.66 31.58
C LEU B 266 18.80 -33.18 31.66
N VAL B 267 19.68 -33.62 32.54
CA VAL B 267 19.85 -35.05 32.78
C VAL B 267 18.61 -35.59 33.49
N ARG B 268 18.16 -34.88 34.52
CA ARG B 268 16.96 -35.26 35.26
C ARG B 268 15.73 -35.32 34.35
N ILE B 269 15.64 -34.36 33.42
CA ILE B 269 14.55 -34.35 32.46
C ILE B 269 14.62 -35.57 31.55
N ARG B 270 15.84 -35.90 31.11
CA ARG B 270 16.05 -37.05 30.23
C ARG B 270 15.62 -38.35 30.90
N GLN B 271 15.89 -38.46 32.20
CA GLN B 271 15.54 -39.66 32.96
C GLN B 271 14.03 -39.74 33.20
N ALA B 272 13.36 -38.61 33.12
CA ALA B 272 11.94 -38.53 33.41
C ALA B 272 11.06 -38.88 32.21
N MET B 273 11.53 -38.55 31.01
CA MET B 273 10.75 -38.81 29.80
C MET B 273 10.96 -40.23 29.29
N GLY B 274 11.86 -40.96 29.94
CA GLY B 274 12.06 -42.38 29.66
C GLY B 274 12.71 -42.67 28.32
N ASP B 275 12.35 -43.82 27.75
CA ASP B 275 12.90 -44.24 26.46
C ASP B 275 11.88 -44.02 25.35
N ALA B 276 10.85 -43.23 25.64
CA ALA B 276 9.80 -42.95 24.68
C ALA B 276 10.33 -42.17 23.48
N PRO B 277 10.30 -42.80 22.30
CA PRO B 277 10.85 -42.21 21.06
C PRO B 277 10.07 -40.98 20.58
N GLU B 278 8.80 -40.89 20.93
CA GLU B 278 7.98 -39.76 20.49
C GLU B 278 8.07 -38.58 21.46
N ALA B 279 8.62 -38.83 22.64
CA ALA B 279 8.75 -37.80 23.66
C ALA B 279 9.74 -36.72 23.23
N ARG B 280 9.51 -35.49 23.67
CA ARG B 280 10.37 -34.37 23.29
C ARG B 280 10.61 -33.42 24.46
N LEU B 281 11.78 -32.79 24.44
CA LEU B 281 12.05 -31.64 25.30
C LEU B 281 11.96 -30.39 24.43
N LEU B 282 11.11 -29.46 24.84
CA LEU B 282 10.92 -28.23 24.08
C LEU B 282 11.49 -27.03 24.83
N ILE B 283 12.55 -26.45 24.30
CA ILE B 283 13.15 -25.27 24.89
C ILE B 283 12.72 -24.02 24.13
N LEU B 284 12.13 -23.08 24.85
CA LEU B 284 11.64 -21.85 24.25
C LEU B 284 12.58 -20.71 24.64
N ASP B 285 13.23 -20.13 23.64
CA ASP B 285 14.23 -19.10 23.89
C ASP B 285 14.58 -18.32 22.62
N SER B 286 15.33 -17.23 22.80
CA SER B 286 15.91 -16.49 21.69
C SER B 286 17.29 -17.08 21.37
N VAL B 287 17.48 -17.54 20.15
CA VAL B 287 18.73 -18.22 19.77
C VAL B 287 19.64 -17.29 18.99
N ILE B 288 20.84 -17.06 19.51
CA ILE B 288 21.80 -16.18 18.86
C ILE B 288 22.19 -16.67 17.46
N GLY B 289 22.05 -15.79 16.47
CA GLY B 289 22.42 -16.12 15.11
C GLY B 289 21.24 -16.67 14.33
N GLU B 290 20.20 -17.09 15.03
CA GLU B 290 19.00 -17.60 14.39
C GLU B 290 17.77 -16.90 14.94
N THR B 291 17.95 -15.64 15.31
CA THR B 291 16.82 -14.79 15.69
C THR B 291 16.65 -13.75 14.59
N GLY B 292 15.52 -13.07 14.59
CA GLY B 292 15.29 -12.01 13.61
C GLY B 292 15.92 -10.70 14.06
N GLU B 293 15.76 -9.66 13.26
CA GLU B 293 16.29 -8.34 13.60
C GLU B 293 15.72 -7.83 14.92
N LEU B 294 14.44 -8.09 15.14
CA LEU B 294 13.78 -7.67 16.39
C LEU B 294 14.42 -8.35 17.59
N GLY B 295 14.80 -9.62 17.42
CA GLY B 295 15.44 -10.36 18.49
C GLY B 295 16.78 -9.78 18.90
N LYS B 296 17.53 -9.28 17.93
CA LYS B 296 18.83 -8.67 18.20
C LYS B 296 18.67 -7.38 19.01
N VAL B 297 17.60 -6.64 18.73
CA VAL B 297 17.28 -5.43 19.47
C VAL B 297 16.87 -5.74 20.91
N LEU B 298 16.04 -6.76 21.08
CA LEU B 298 15.51 -7.11 22.39
C LEU B 298 16.57 -7.62 23.35
N ASP B 299 17.71 -8.03 22.81
CA ASP B 299 18.83 -8.51 23.63
C ASP B 299 19.38 -7.36 24.46
N LEU B 300 19.03 -6.14 24.08
CA LEU B 300 19.36 -4.95 24.85
C LEU B 300 18.81 -5.04 26.28
N ASP B 301 17.62 -5.61 26.41
CA ASP B 301 16.99 -5.78 27.73
C ASP B 301 17.84 -6.64 28.65
N MET B 302 18.36 -7.74 28.12
CA MET B 302 19.24 -8.63 28.87
C MET B 302 20.54 -7.93 29.24
N LEU B 303 21.02 -7.08 28.34
CA LEU B 303 22.28 -6.37 28.55
C LEU B 303 22.16 -5.36 29.69
N VAL B 304 21.01 -4.71 29.76
CA VAL B 304 20.79 -3.66 30.75
C VAL B 304 20.41 -4.21 32.12
N LEU B 305 19.51 -5.20 32.12
CA LEU B 305 18.81 -5.58 33.35
C LEU B 305 19.44 -6.74 34.10
N VAL B 306 19.80 -7.81 33.38
CA VAL B 306 20.22 -9.03 34.06
C VAL B 306 21.62 -9.53 33.67
N GLU B 307 22.05 -10.59 34.37
CA GLU B 307 23.37 -11.16 34.17
C GLU B 307 23.31 -12.31 33.16
N GLY B 308 22.12 -12.87 32.97
CA GLY B 308 21.91 -13.96 32.03
C GLY B 308 22.25 -13.63 30.59
N GLU B 309 22.17 -14.63 29.73
CA GLU B 309 22.58 -14.47 28.33
C GLU B 309 22.00 -15.56 27.45
N HIS B 310 21.65 -15.21 26.22
CA HIS B 310 21.13 -16.19 25.28
C HIS B 310 22.27 -17.01 24.70
N ARG B 311 21.95 -18.17 24.18
CA ARG B 311 22.97 -19.10 23.67
C ARG B 311 22.89 -19.27 22.15
N THR B 312 24.00 -19.67 21.56
CA THR B 312 24.02 -20.01 20.13
C THR B 312 23.54 -21.45 19.96
N ARG B 313 23.42 -21.89 18.71
CA ARG B 313 23.01 -23.26 18.44
C ARG B 313 24.09 -24.23 18.92
N ALA B 314 25.35 -23.88 18.63
CA ALA B 314 26.49 -24.69 19.01
C ALA B 314 26.57 -24.86 20.52
N GLN B 315 26.28 -23.79 21.25
CA GLN B 315 26.31 -23.82 22.70
C GLN B 315 25.18 -24.68 23.27
N TRP B 316 24.02 -24.65 22.62
CA TRP B 316 22.90 -25.49 23.01
C TRP B 316 23.19 -26.96 22.73
N ASP B 317 23.82 -27.24 21.60
CA ASP B 317 24.15 -28.61 21.24
C ASP B 317 25.16 -29.21 22.22
N ASP B 318 26.05 -28.38 22.74
CA ASP B 318 27.04 -28.83 23.71
C ASP B 318 26.39 -29.30 25.00
N LEU B 319 25.53 -28.46 25.57
CA LEU B 319 24.82 -28.79 26.81
C LEU B 319 23.93 -30.01 26.62
N LEU B 320 23.13 -30.00 25.56
CA LEU B 320 22.18 -31.07 25.32
C LEU B 320 22.88 -32.41 25.10
N ALA B 321 24.01 -32.40 24.42
CA ALA B 321 24.77 -33.63 24.15
C ALA B 321 25.29 -34.24 25.46
N ARG B 322 25.62 -33.39 26.42
CA ARG B 322 26.14 -33.85 27.70
C ARG B 322 25.01 -34.37 28.60
N ALA B 323 23.78 -34.22 28.13
CA ALA B 323 22.62 -34.68 28.88
C ALA B 323 21.91 -35.83 28.17
N GLY B 324 22.41 -36.19 27.00
CA GLY B 324 21.84 -37.27 26.23
C GLY B 324 20.75 -36.81 25.28
N PHE B 325 20.83 -35.55 24.87
CA PHE B 325 19.85 -34.97 23.95
C PHE B 325 20.48 -34.63 22.60
N ASP B 326 19.67 -34.70 21.55
CA ASP B 326 20.06 -34.21 20.24
C ASP B 326 19.02 -33.20 19.77
N ILE B 327 19.44 -32.25 18.93
CA ILE B 327 18.51 -31.27 18.39
C ILE B 327 17.89 -31.79 17.10
N VAL B 328 16.55 -31.74 17.04
CA VAL B 328 15.82 -32.15 15.85
C VAL B 328 15.71 -30.95 14.92
N GLY B 329 15.54 -29.78 15.52
CA GLY B 329 15.45 -28.54 14.78
C GLY B 329 15.25 -27.35 15.68
N ILE B 330 15.40 -26.16 15.12
CA ILE B 330 15.10 -24.93 15.83
C ILE B 330 14.07 -24.16 15.01
N HIS B 331 12.80 -24.43 15.30
CA HIS B 331 11.71 -23.85 14.55
C HIS B 331 11.49 -22.41 14.99
N PRO B 332 11.55 -21.47 14.04
CA PRO B 332 11.29 -20.06 14.36
C PRO B 332 9.87 -19.84 14.86
N ALA B 333 9.72 -18.94 15.83
CA ALA B 333 8.40 -18.60 16.37
C ALA B 333 8.24 -17.09 16.38
N GLY B 334 8.02 -16.52 15.20
CA GLY B 334 7.98 -15.08 15.05
C GLY B 334 9.37 -14.54 14.76
N ASP B 335 9.58 -13.26 15.09
CA ASP B 335 10.82 -12.58 14.76
C ASP B 335 11.82 -12.59 15.92
N VAL B 336 11.45 -13.20 17.03
CA VAL B 336 12.33 -13.20 18.19
C VAL B 336 12.62 -14.60 18.70
N TRP B 337 11.55 -15.33 19.02
CA TRP B 337 11.67 -16.58 19.75
C TRP B 337 11.73 -17.77 18.81
N ALA B 338 12.07 -18.93 19.38
CA ALA B 338 12.12 -20.16 18.61
C ALA B 338 11.85 -21.35 19.52
N VAL B 339 11.40 -22.45 18.93
CA VAL B 339 11.23 -23.69 19.68
C VAL B 339 12.36 -24.66 19.35
N ILE B 340 13.21 -24.92 20.33
CA ILE B 340 14.28 -25.91 20.17
C ILE B 340 13.75 -27.30 20.45
N GLU B 341 13.52 -28.09 19.41
CA GLU B 341 12.98 -29.44 19.58
C GLU B 341 14.08 -30.46 19.84
N CYS B 342 13.99 -31.15 20.98
CA CYS B 342 15.05 -32.06 21.41
C CYS B 342 14.58 -33.49 21.54
N ARG B 343 15.41 -34.41 21.05
CA ARG B 343 15.16 -35.85 21.11
C ARG B 343 16.12 -36.50 22.10
N GLY B 344 15.68 -37.57 22.75
CA GLY B 344 16.53 -38.30 23.68
C GLY B 344 17.63 -39.10 23.01
N THR B 345 18.46 -39.74 23.83
CA THR B 345 19.62 -40.53 23.37
C THR B 345 20.62 -39.66 22.61
N ARG C 11 -1.32 16.63 -5.49
CA ARG C 11 -2.18 17.36 -6.42
C ARG C 11 -2.41 18.80 -5.95
N THR C 12 -2.16 19.75 -6.83
CA THR C 12 -2.28 21.16 -6.48
C THR C 12 -3.73 21.58 -6.32
N ALA C 13 -3.95 22.77 -5.79
CA ALA C 13 -5.30 23.31 -5.63
C ALA C 13 -6.02 23.43 -6.96
N ALA C 14 -5.29 23.87 -7.97
CA ALA C 14 -5.85 24.06 -9.31
C ALA C 14 -6.33 22.76 -9.91
N GLN C 15 -5.54 21.70 -9.73
CA GLN C 15 -5.89 20.39 -10.29
C GLN C 15 -7.10 19.78 -9.57
N ARG C 16 -7.19 20.00 -8.26
CA ARG C 16 -8.32 19.51 -7.49
C ARG C 16 -9.61 20.16 -7.98
N LEU C 17 -9.53 21.44 -8.31
CA LEU C 17 -10.69 22.18 -8.81
C LEU C 17 -11.13 21.69 -10.18
N TYR C 18 -10.15 21.44 -11.06
CA TYR C 18 -10.47 20.94 -12.39
C TYR C 18 -11.13 19.58 -12.31
N GLN C 19 -10.58 18.71 -11.45
CA GLN C 19 -11.07 17.35 -11.31
C GLN C 19 -12.51 17.31 -10.82
N TYR C 20 -12.86 18.24 -9.93
CA TYR C 20 -14.23 18.32 -9.43
C TYR C 20 -15.18 18.64 -10.56
N ASN C 21 -14.70 19.39 -11.54
CA ASN C 21 -15.50 19.71 -12.71
C ASN C 21 -15.64 18.51 -13.64
N VAL C 22 -14.58 17.70 -13.73
CA VAL C 22 -14.62 16.50 -14.55
C VAL C 22 -15.51 15.43 -13.93
N ASP C 23 -15.33 15.19 -12.63
CA ASP C 23 -16.10 14.17 -11.91
C ASP C 23 -17.61 14.47 -11.96
N LEU C 24 -17.96 15.75 -11.92
CA LEU C 24 -19.34 16.17 -12.08
C LEU C 24 -19.92 15.62 -13.38
N LYS C 25 -19.16 15.78 -14.46
CA LYS C 25 -19.53 15.23 -15.76
C LYS C 25 -19.64 13.70 -15.69
N VAL C 26 -18.77 13.08 -14.90
CA VAL C 26 -18.82 11.62 -14.72
C VAL C 26 -20.12 11.22 -14.01
N ALA C 27 -20.53 12.03 -13.05
CA ALA C 27 -21.75 11.76 -12.30
C ALA C 27 -22.97 11.68 -13.22
N PHE C 28 -23.06 12.60 -14.18
CA PHE C 28 -24.16 12.60 -15.15
C PHE C 28 -24.09 11.39 -16.07
N VAL C 29 -22.88 11.04 -16.52
CA VAL C 29 -22.70 9.89 -17.38
C VAL C 29 -23.19 8.63 -16.70
N LEU C 30 -22.70 8.39 -15.49
CA LEU C 30 -23.10 7.23 -14.70
C LEU C 30 -24.61 7.18 -14.50
N TYR C 31 -25.20 8.34 -14.25
CA TYR C 31 -26.64 8.45 -14.07
C TYR C 31 -27.39 7.98 -15.32
N ALA C 32 -27.07 8.57 -16.47
CA ALA C 32 -27.72 8.25 -17.74
C ALA C 32 -27.57 6.78 -18.11
N VAL C 33 -26.41 6.20 -17.83
CA VAL C 33 -26.17 4.79 -18.12
C VAL C 33 -27.09 3.91 -17.28
N ALA C 34 -27.14 4.18 -15.97
CA ALA C 34 -27.98 3.42 -15.05
C ALA C 34 -29.46 3.66 -15.32
N LYS C 35 -29.80 4.88 -15.72
CA LYS C 35 -31.19 5.26 -15.96
C LYS C 35 -31.73 4.63 -17.24
N LEU C 36 -30.81 4.20 -18.11
CA LEU C 36 -31.20 3.50 -19.34
C LEU C 36 -31.13 1.98 -19.13
N HIS C 37 -30.84 1.58 -17.90
CA HIS C 37 -30.74 0.16 -17.53
C HIS C 37 -29.69 -0.58 -18.35
N LEU C 38 -28.72 0.17 -18.88
CA LEU C 38 -27.64 -0.41 -19.67
C LEU C 38 -26.79 -1.43 -18.92
N PRO C 39 -26.50 -1.19 -17.62
CA PRO C 39 -25.80 -2.26 -16.89
C PRO C 39 -26.59 -3.57 -16.85
N ASP C 40 -27.91 -3.47 -16.69
CA ASP C 40 -28.78 -4.65 -16.65
C ASP C 40 -28.77 -5.39 -17.99
N LEU C 41 -28.71 -4.64 -19.09
CA LEU C 41 -28.72 -5.23 -20.42
C LEU C 41 -27.41 -5.93 -20.74
N LEU C 42 -26.32 -5.42 -20.17
CA LEU C 42 -25.00 -5.99 -20.40
C LEU C 42 -24.67 -7.04 -19.34
N ALA C 43 -25.70 -7.52 -18.65
CA ALA C 43 -25.52 -8.51 -17.59
C ALA C 43 -24.89 -9.78 -18.11
N ASP C 44 -25.52 -10.40 -19.11
CA ASP C 44 -25.08 -11.70 -19.60
C ASP C 44 -23.76 -11.61 -20.35
N GLY C 45 -23.67 -10.67 -21.27
CA GLY C 45 -22.46 -10.50 -22.07
C GLY C 45 -22.40 -9.18 -22.81
N PRO C 46 -21.30 -8.94 -23.53
CA PRO C 46 -21.09 -7.70 -24.30
C PRO C 46 -22.05 -7.61 -25.49
N ARG C 47 -22.49 -6.40 -25.80
CA ARG C 47 -23.46 -6.19 -26.87
C ARG C 47 -23.14 -4.95 -27.72
N THR C 48 -23.63 -4.95 -28.95
CA THR C 48 -23.36 -3.88 -29.92
C THR C 48 -24.09 -2.59 -29.58
N THR C 49 -23.55 -1.47 -30.06
CA THR C 49 -24.15 -0.16 -29.88
C THR C 49 -25.57 -0.13 -30.43
N ALA C 50 -25.71 -0.64 -31.65
CA ALA C 50 -27.01 -0.69 -32.31
C ALA C 50 -27.98 -1.59 -31.54
N ASP C 51 -27.47 -2.71 -31.04
CA ASP C 51 -28.27 -3.65 -30.26
C ASP C 51 -28.89 -2.96 -29.05
N LEU C 52 -28.07 -2.24 -28.30
CA LEU C 52 -28.51 -1.54 -27.09
C LEU C 52 -29.53 -0.45 -27.43
N ALA C 53 -29.33 0.20 -28.57
CA ALA C 53 -30.21 1.28 -29.03
C ALA C 53 -31.61 0.76 -29.35
N ALA C 54 -31.76 -0.56 -29.46
CA ALA C 54 -33.06 -1.17 -29.73
C ALA C 54 -33.88 -1.27 -28.45
N ALA C 55 -33.30 -1.91 -27.43
CA ALA C 55 -34.02 -2.18 -26.19
C ALA C 55 -34.29 -0.90 -25.40
N THR C 56 -33.50 0.15 -25.65
CA THR C 56 -33.67 1.41 -24.95
C THR C 56 -34.36 2.46 -25.83
N GLY C 57 -34.47 2.16 -27.13
CA GLY C 57 -35.04 3.09 -28.08
C GLY C 57 -34.25 4.39 -28.11
N SER C 58 -33.02 4.33 -28.60
CA SER C 58 -32.12 5.47 -28.57
C SER C 58 -31.55 5.80 -29.94
N ASP C 59 -30.73 6.84 -29.99
CA ASP C 59 -30.04 7.24 -31.21
C ASP C 59 -28.61 6.70 -31.20
N PRO C 60 -28.27 5.84 -32.16
CA PRO C 60 -26.99 5.13 -32.24
C PRO C 60 -25.77 6.04 -32.17
N SER C 61 -25.86 7.24 -32.72
CA SER C 61 -24.73 8.16 -32.76
C SER C 61 -24.42 8.75 -31.39
N ARG C 62 -25.46 9.19 -30.68
CA ARG C 62 -25.30 9.82 -29.38
C ARG C 62 -25.22 8.79 -28.26
N LEU C 63 -25.82 7.62 -28.49
CA LEU C 63 -25.72 6.53 -27.53
C LEU C 63 -24.29 6.01 -27.49
N ARG C 64 -23.66 5.95 -28.66
CA ARG C 64 -22.27 5.55 -28.77
C ARG C 64 -21.38 6.47 -27.95
N ARG C 65 -21.64 7.76 -28.06
CA ARG C 65 -20.85 8.78 -27.36
C ARG C 65 -21.04 8.70 -25.85
N LEU C 66 -22.26 8.35 -25.41
CA LEU C 66 -22.53 8.16 -23.99
C LEU C 66 -21.80 6.93 -23.47
N LEU C 67 -21.91 5.84 -24.21
CA LEU C 67 -21.25 4.59 -23.85
C LEU C 67 -19.74 4.75 -23.80
N ARG C 68 -19.19 5.37 -24.84
CA ARG C 68 -17.75 5.65 -24.90
C ARG C 68 -17.32 6.45 -23.68
N ALA C 69 -18.09 7.49 -23.36
CA ALA C 69 -17.84 8.31 -22.18
C ALA C 69 -17.82 7.45 -20.92
N ALA C 70 -18.80 6.56 -20.81
CA ALA C 70 -18.88 5.63 -19.68
C ALA C 70 -17.65 4.73 -19.65
N ALA C 71 -17.22 4.27 -20.83
CA ALA C 71 -15.97 3.54 -20.94
C ALA C 71 -14.80 4.44 -20.55
N GLY C 72 -14.88 5.71 -20.97
CA GLY C 72 -13.90 6.69 -20.58
C GLY C 72 -13.83 6.82 -19.07
N ALA C 73 -14.98 6.76 -18.41
CA ALA C 73 -15.04 6.86 -16.96
C ALA C 73 -14.72 5.53 -16.29
N ASP C 74 -14.40 4.53 -17.11
CA ASP C 74 -14.06 3.18 -16.65
C ASP C 74 -15.23 2.51 -15.94
N ALA C 75 -16.43 2.68 -16.50
CA ALA C 75 -17.61 1.98 -16.02
C ALA C 75 -17.91 0.81 -16.95
N LEU C 76 -17.56 0.98 -18.22
CA LEU C 76 -17.66 -0.08 -19.22
C LEU C 76 -16.32 -0.26 -19.92
N ARG C 77 -16.25 -1.26 -20.80
CA ARG C 77 -15.07 -1.43 -21.64
C ARG C 77 -15.47 -1.53 -23.10
N GLU C 78 -14.80 -0.76 -23.96
CA GLU C 78 -15.07 -0.82 -25.39
C GLU C 78 -14.62 -2.15 -25.97
N VAL C 79 -15.59 -2.94 -26.42
CA VAL C 79 -15.29 -4.22 -27.06
C VAL C 79 -15.15 -4.03 -28.56
N PRO C 80 -13.94 -4.25 -29.09
CA PRO C 80 -13.60 -4.06 -30.50
C PRO C 80 -14.57 -4.74 -31.47
N GLU C 81 -15.73 -4.11 -31.67
CA GLU C 81 -16.78 -4.61 -32.55
C GLU C 81 -17.93 -3.61 -32.55
N ASP C 82 -17.64 -2.38 -32.14
CA ASP C 82 -18.65 -1.37 -31.81
C ASP C 82 -19.56 -1.93 -30.71
N SER C 83 -18.94 -2.62 -29.76
CA SER C 83 -19.68 -3.24 -28.66
C SER C 83 -19.14 -2.79 -27.31
N PHE C 84 -19.89 -3.09 -26.25
CA PHE C 84 -19.51 -2.69 -24.90
C PHE C 84 -19.80 -3.78 -23.89
N GLU C 85 -18.96 -3.88 -22.87
CA GLU C 85 -19.14 -4.89 -21.83
C GLU C 85 -19.01 -4.27 -20.44
N LEU C 86 -19.42 -5.01 -19.42
CA LEU C 86 -19.37 -4.53 -18.04
C LEU C 86 -17.96 -4.54 -17.46
N ALA C 87 -17.44 -3.34 -17.18
CA ALA C 87 -16.25 -3.21 -16.34
C ALA C 87 -16.73 -3.30 -14.89
N PRO C 88 -15.84 -3.73 -13.97
CA PRO C 88 -16.22 -3.96 -12.57
C PRO C 88 -17.08 -2.86 -11.95
N MET C 89 -16.77 -1.61 -12.23
CA MET C 89 -17.51 -0.49 -11.65
C MET C 89 -18.92 -0.40 -12.21
N GLY C 90 -19.06 -0.72 -13.50
CA GLY C 90 -20.36 -0.74 -14.14
C GLY C 90 -21.23 -1.87 -13.62
N ASP C 91 -20.58 -2.92 -13.13
CA ASP C 91 -21.29 -4.10 -12.64
C ASP C 91 -22.06 -3.78 -11.37
N LEU C 92 -21.55 -2.82 -10.60
CA LEU C 92 -22.22 -2.40 -9.37
C LEU C 92 -23.44 -1.55 -9.66
N LEU C 93 -23.57 -1.08 -10.90
CA LEU C 93 -24.70 -0.25 -11.31
C LEU C 93 -25.86 -1.08 -11.84
N ARG C 94 -25.84 -2.38 -11.54
CA ARG C 94 -26.95 -3.26 -11.82
C ARG C 94 -27.87 -3.38 -10.61
N SER C 95 -29.14 -3.68 -10.85
CA SER C 95 -30.09 -3.93 -9.76
C SER C 95 -29.76 -5.21 -9.02
N GLY C 96 -29.67 -6.31 -9.76
CA GLY C 96 -29.54 -7.64 -9.20
C GLY C 96 -28.26 -7.95 -8.42
N HIS C 97 -27.32 -7.02 -8.42
CA HIS C 97 -26.06 -7.20 -7.69
C HIS C 97 -26.34 -7.22 -6.19
N PRO C 98 -25.70 -8.15 -5.46
CA PRO C 98 -25.90 -8.30 -4.00
C PRO C 98 -25.46 -7.06 -3.21
N ARG C 99 -24.47 -6.35 -3.73
CA ARG C 99 -24.03 -5.12 -3.12
C ARG C 99 -24.15 -3.97 -4.13
N SER C 100 -25.34 -3.83 -4.69
CA SER C 100 -25.61 -2.80 -5.69
C SER C 100 -25.30 -1.41 -5.16
N MET C 101 -25.09 -0.48 -6.08
CA MET C 101 -24.91 0.92 -5.71
C MET C 101 -25.61 1.79 -6.74
N ARG C 102 -26.66 1.25 -7.35
CA ARG C 102 -27.41 1.96 -8.37
C ARG C 102 -28.30 3.03 -7.76
N GLY C 103 -28.83 2.75 -6.58
CA GLY C 103 -29.73 3.67 -5.91
C GLY C 103 -29.13 5.03 -5.62
N MET C 104 -27.91 5.03 -5.08
CA MET C 104 -27.25 6.28 -4.72
C MET C 104 -26.74 7.01 -5.96
N THR C 105 -26.42 6.27 -7.01
CA THR C 105 -25.88 6.85 -8.24
C THR C 105 -27.00 7.48 -9.09
N THR C 106 -28.20 6.93 -9.00
CA THR C 106 -29.34 7.49 -9.73
C THR C 106 -30.09 8.57 -8.94
N PHE C 107 -30.31 8.36 -7.65
CA PHE C 107 -31.16 9.27 -6.89
C PHE C 107 -30.59 10.68 -6.85
N PHE C 108 -29.33 10.80 -6.47
CA PHE C 108 -28.73 12.11 -6.24
C PHE C 108 -28.39 12.84 -7.53
N ALA C 109 -28.56 12.18 -8.67
CA ALA C 109 -28.29 12.79 -9.96
C ALA C 109 -29.57 13.00 -10.77
N GLU C 110 -30.70 12.63 -10.17
CA GLU C 110 -32.01 12.86 -10.76
C GLU C 110 -32.24 14.37 -10.95
N PRO C 111 -32.74 14.77 -12.13
CA PRO C 111 -32.96 16.18 -12.47
C PRO C 111 -33.71 16.97 -11.39
N ASP C 112 -34.75 16.38 -10.79
CA ASP C 112 -35.50 17.05 -9.74
C ASP C 112 -34.66 17.26 -8.48
N VAL C 113 -33.80 16.29 -8.19
CA VAL C 113 -32.94 16.34 -7.01
C VAL C 113 -31.81 17.35 -7.17
N LEU C 114 -31.17 17.35 -8.34
CA LEU C 114 -30.09 18.29 -8.62
C LEU C 114 -30.59 19.73 -8.57
N ALA C 115 -31.82 19.94 -9.03
CA ALA C 115 -32.44 21.27 -9.00
C ALA C 115 -32.55 21.78 -7.56
N ALA C 116 -32.74 20.86 -6.62
CA ALA C 116 -32.82 21.22 -5.21
C ALA C 116 -31.45 21.64 -4.69
N TYR C 117 -30.40 20.93 -5.07
CA TYR C 117 -29.05 21.27 -4.65
C TYR C 117 -28.61 22.61 -5.23
N GLY C 118 -29.18 22.99 -6.37
CA GLY C 118 -28.85 24.25 -7.01
C GLY C 118 -29.44 25.45 -6.30
N ASP C 119 -30.53 25.23 -5.57
CA ASP C 119 -31.17 26.31 -4.82
C ASP C 119 -30.61 26.40 -3.40
N LEU C 120 -29.40 25.89 -3.23
CA LEU C 120 -28.71 25.90 -1.96
C LEU C 120 -28.57 27.33 -1.40
N VAL C 121 -28.31 28.28 -2.30
CA VAL C 121 -28.09 29.66 -1.91
C VAL C 121 -29.30 30.29 -1.22
N GLU C 122 -30.45 30.25 -1.89
CA GLU C 122 -31.68 30.81 -1.32
C GLU C 122 -32.10 30.07 -0.05
N SER C 123 -31.81 28.77 -0.02
CA SER C 123 -32.07 27.97 1.16
C SER C 123 -31.29 28.50 2.36
N VAL C 124 -30.08 29.00 2.10
CA VAL C 124 -29.22 29.56 3.14
C VAL C 124 -29.71 30.93 3.60
N ARG C 125 -30.22 31.73 2.67
CA ARG C 125 -30.75 33.05 3.00
C ARG C 125 -32.09 32.98 3.72
N THR C 126 -32.97 32.08 3.28
CA THR C 126 -34.34 32.03 3.78
C THR C 126 -34.51 31.11 4.99
N GLY C 127 -33.67 30.08 5.10
CA GLY C 127 -33.80 29.10 6.15
C GLY C 127 -34.68 27.93 5.76
N VAL C 128 -35.37 28.05 4.64
CA VAL C 128 -36.20 26.97 4.11
C VAL C 128 -35.31 25.92 3.44
N PRO C 129 -35.60 24.63 3.67
CA PRO C 129 -34.86 23.56 2.98
C PRO C 129 -34.94 23.69 1.46
N ALA C 130 -33.80 23.51 0.80
CA ALA C 130 -33.67 23.71 -0.64
C ALA C 130 -34.73 22.98 -1.47
N PHE C 131 -35.02 21.74 -1.12
CA PHE C 131 -35.98 20.94 -1.87
C PHE C 131 -37.40 21.52 -1.77
N GLN C 132 -37.73 22.07 -0.61
CA GLN C 132 -39.05 22.63 -0.40
C GLN C 132 -39.22 23.93 -1.18
N LEU C 133 -38.11 24.64 -1.38
CA LEU C 133 -38.14 25.85 -2.18
C LEU C 133 -38.41 25.53 -3.64
N ARG C 134 -37.66 24.58 -4.17
CA ARG C 134 -37.69 24.26 -5.59
C ARG C 134 -38.98 23.55 -6.00
N HIS C 135 -39.49 22.67 -5.14
CA HIS C 135 -40.64 21.85 -5.49
C HIS C 135 -41.88 22.19 -4.68
N ARG C 136 -41.79 23.27 -3.91
CA ARG C 136 -42.93 23.84 -3.21
C ARG C 136 -43.58 22.90 -2.21
N GLU C 137 -42.86 21.84 -1.84
CA GLU C 137 -43.34 20.86 -0.87
C GLU C 137 -42.18 20.02 -0.37
N PRO C 138 -42.29 19.46 0.85
CA PRO C 138 -41.19 18.67 1.41
C PRO C 138 -40.97 17.35 0.66
N LEU C 139 -39.81 16.74 0.88
CA LEU C 139 -39.37 15.56 0.12
C LEU C 139 -40.35 14.39 0.23
N TYR C 140 -40.84 14.13 1.43
CA TYR C 140 -41.68 12.97 1.67
C TYR C 140 -43.08 13.15 1.09
N ASP C 141 -43.44 14.39 0.78
CA ASP C 141 -44.68 14.66 0.06
C ASP C 141 -44.46 14.43 -1.42
N PHE C 142 -43.25 14.76 -1.89
CA PHE C 142 -42.87 14.58 -3.29
C PHE C 142 -42.88 13.12 -3.68
N LEU C 143 -42.29 12.27 -2.82
CA LEU C 143 -42.12 10.85 -3.12
C LEU C 143 -43.39 10.04 -2.87
N ALA C 144 -44.45 10.70 -2.43
CA ALA C 144 -45.72 10.02 -2.18
C ALA C 144 -46.58 10.05 -3.43
N ARG C 145 -46.19 10.88 -4.39
CA ARG C 145 -46.92 11.00 -5.65
C ARG C 145 -46.58 9.82 -6.55
N PRO C 146 -47.60 9.26 -7.22
CA PRO C 146 -47.43 8.04 -8.03
C PRO C 146 -46.46 8.21 -9.20
N GLN C 147 -46.35 9.42 -9.75
CA GLN C 147 -45.47 9.64 -10.90
C GLN C 147 -44.00 9.74 -10.49
N HIS C 148 -43.72 9.66 -9.20
CA HIS C 148 -42.36 9.75 -8.70
C HIS C 148 -41.94 8.48 -7.97
N LYS C 149 -42.68 7.40 -8.19
CA LYS C 149 -42.43 6.14 -7.50
C LYS C 149 -41.03 5.61 -7.81
N GLU C 150 -40.58 5.82 -9.04
CA GLU C 150 -39.25 5.40 -9.44
C GLU C 150 -38.20 6.09 -8.58
N VAL C 151 -38.37 7.39 -8.39
CA VAL C 151 -37.47 8.17 -7.55
C VAL C 151 -37.56 7.71 -6.10
N ARG C 152 -38.75 7.28 -5.67
CA ARG C 152 -38.91 6.82 -4.30
C ARG C 152 -38.17 5.51 -4.07
N ASP C 153 -38.32 4.58 -5.01
CA ASP C 153 -37.68 3.27 -4.89
C ASP C 153 -36.16 3.39 -4.99
N GLU C 154 -35.70 4.42 -5.70
CA GLU C 154 -34.27 4.69 -5.84
C GLU C 154 -33.71 5.33 -4.58
N PHE C 155 -34.55 6.12 -3.91
CA PHE C 155 -34.16 6.76 -2.67
C PHE C 155 -34.07 5.71 -1.57
N ASP C 156 -35.01 4.77 -1.56
CA ASP C 156 -35.00 3.68 -0.60
C ASP C 156 -33.79 2.79 -0.85
N ALA C 157 -33.45 2.60 -2.12
CA ALA C 157 -32.30 1.81 -2.50
C ALA C 157 -31.01 2.47 -2.02
N ALA C 158 -30.93 3.78 -2.16
CA ALA C 158 -29.75 4.54 -1.74
C ALA C 158 -29.50 4.42 -0.24
N MET C 159 -30.57 4.40 0.54
CA MET C 159 -30.46 4.30 1.99
C MET C 159 -29.97 2.91 2.41
N VAL C 160 -30.52 1.88 1.78
CA VAL C 160 -30.06 0.51 2.03
C VAL C 160 -28.58 0.36 1.69
N GLU C 161 -28.18 0.96 0.56
CA GLU C 161 -26.80 0.88 0.10
C GLU C 161 -25.81 1.58 1.03
N PHE C 162 -26.20 2.74 1.55
CA PHE C 162 -25.34 3.48 2.49
C PHE C 162 -25.10 2.68 3.76
N GLY C 163 -26.08 1.86 4.13
CA GLY C 163 -25.94 1.00 5.30
C GLY C 163 -24.94 -0.10 5.05
N GLN C 164 -25.06 -0.76 3.90
CA GLN C 164 -24.16 -1.85 3.55
C GLN C 164 -22.74 -1.34 3.32
N TYR C 165 -22.63 -0.13 2.78
CA TYR C 165 -21.34 0.43 2.44
C TYR C 165 -20.53 0.83 3.68
N PHE C 166 -21.20 1.37 4.70
CA PHE C 166 -20.51 1.85 5.90
C PHE C 166 -20.39 0.78 6.98
N ALA C 167 -21.04 -0.36 6.78
CA ALA C 167 -21.13 -1.41 7.80
C ALA C 167 -19.76 -1.84 8.34
N ASP C 168 -18.77 -1.87 7.46
CA ASP C 168 -17.41 -2.28 7.83
C ASP C 168 -16.75 -1.26 8.75
N ASP C 169 -17.07 0.02 8.54
CA ASP C 169 -16.54 1.08 9.37
C ASP C 169 -16.96 0.91 10.84
N PHE C 170 -18.19 0.43 11.07
CA PHE C 170 -18.65 0.20 12.45
C PHE C 170 -17.98 -1.02 13.05
N LEU C 171 -17.84 -2.07 12.25
CA LEU C 171 -17.34 -3.35 12.74
C LEU C 171 -15.85 -3.32 13.06
N THR C 172 -15.12 -2.43 12.39
CA THR C 172 -13.68 -2.33 12.60
C THR C 172 -13.30 -1.21 13.57
N SER C 173 -14.25 -0.35 13.92
CA SER C 173 -13.96 0.79 14.78
C SER C 173 -14.39 0.57 16.22
N PHE C 174 -15.28 -0.38 16.46
CA PHE C 174 -15.83 -0.61 17.78
C PHE C 174 -15.78 -2.09 18.18
N ASP C 175 -15.51 -2.34 19.45
CA ASP C 175 -15.34 -3.69 19.95
C ASP C 175 -16.68 -4.34 20.30
N PHE C 176 -17.31 -4.93 19.31
CA PHE C 176 -18.59 -5.60 19.51
C PHE C 176 -18.40 -6.92 20.25
N GLY C 177 -17.16 -7.40 20.30
CA GLY C 177 -16.85 -8.65 20.97
C GLY C 177 -16.88 -8.55 22.49
N ARG C 178 -17.15 -7.36 23.00
CA ARG C 178 -17.37 -7.17 24.43
C ARG C 178 -18.68 -7.81 24.86
N PHE C 179 -19.58 -8.01 23.91
CA PHE C 179 -20.95 -8.42 24.19
C PHE C 179 -21.31 -9.76 23.58
N THR C 180 -22.32 -10.43 24.15
CA THR C 180 -22.71 -11.76 23.71
C THR C 180 -24.14 -11.85 23.18
N ARG C 181 -25.03 -10.96 23.63
CA ARG C 181 -26.41 -10.96 23.14
C ARG C 181 -26.83 -9.57 22.68
N PHE C 182 -27.04 -9.42 21.38
CA PHE C 182 -27.34 -8.14 20.77
C PHE C 182 -28.82 -7.98 20.46
N ALA C 183 -29.31 -6.75 20.58
CA ALA C 183 -30.66 -6.44 20.13
C ALA C 183 -30.61 -5.27 19.17
N ASP C 184 -30.95 -5.52 17.90
CA ASP C 184 -30.92 -4.46 16.89
C ASP C 184 -32.33 -3.92 16.69
N ILE C 185 -32.58 -2.72 17.19
CA ILE C 185 -33.90 -2.14 17.17
C ILE C 185 -34.14 -1.33 15.90
N GLY C 186 -34.95 -1.88 14.99
CA GLY C 186 -35.17 -1.28 13.69
C GLY C 186 -34.14 -1.74 12.67
N GLY C 187 -33.80 -3.03 12.73
CA GLY C 187 -32.74 -3.56 11.89
C GLY C 187 -33.18 -4.21 10.59
N GLY C 188 -34.39 -3.90 10.15
CA GLY C 188 -34.91 -4.35 8.88
C GLY C 188 -34.82 -5.85 8.64
N ARG C 189 -34.15 -6.23 7.55
CA ARG C 189 -33.96 -7.63 7.21
C ARG C 189 -32.87 -8.29 8.07
N GLY C 190 -32.16 -7.49 8.86
CA GLY C 190 -31.16 -8.01 9.77
C GLY C 190 -29.76 -8.12 9.20
N GLN C 191 -29.48 -7.36 8.15
CA GLN C 191 -28.16 -7.39 7.50
C GLN C 191 -27.05 -6.91 8.43
N PHE C 192 -27.25 -5.80 9.13
CA PHE C 192 -26.25 -5.31 10.06
C PHE C 192 -26.05 -6.28 11.22
N LEU C 193 -27.16 -6.82 11.72
CA LEU C 193 -27.09 -7.78 12.83
C LEU C 193 -26.31 -9.03 12.42
N ALA C 194 -26.47 -9.42 11.16
CA ALA C 194 -25.73 -10.57 10.62
C ALA C 194 -24.23 -10.29 10.56
N GLY C 195 -23.85 -9.06 10.23
CA GLY C 195 -22.46 -8.65 10.24
C GLY C 195 -21.86 -8.73 11.64
N VAL C 196 -22.60 -8.27 12.64
CA VAL C 196 -22.14 -8.35 14.03
C VAL C 196 -21.92 -9.80 14.48
N LEU C 197 -22.92 -10.64 14.24
CA LEU C 197 -22.87 -12.03 14.67
C LEU C 197 -21.79 -12.84 13.95
N THR C 198 -21.48 -12.44 12.71
CA THR C 198 -20.38 -13.06 11.97
C THR C 198 -19.03 -12.72 12.61
N ALA C 199 -18.88 -11.47 13.02
CA ALA C 199 -17.64 -11.00 13.61
C ALA C 199 -17.49 -11.46 15.06
N VAL C 200 -18.62 -11.67 15.73
CA VAL C 200 -18.61 -12.07 17.13
C VAL C 200 -19.16 -13.49 17.29
N PRO C 201 -18.25 -14.47 17.31
CA PRO C 201 -18.63 -15.89 17.39
C PRO C 201 -19.33 -16.22 18.69
N SER C 202 -20.24 -17.20 18.64
CA SER C 202 -20.96 -17.70 19.81
C SER C 202 -21.93 -16.67 20.40
N SER C 203 -22.19 -15.59 19.66
CA SER C 203 -23.15 -14.59 20.10
C SER C 203 -24.51 -14.81 19.47
N THR C 204 -25.57 -14.45 20.19
CA THR C 204 -26.93 -14.52 19.64
C THR C 204 -27.49 -13.12 19.48
N GLY C 205 -28.60 -13.01 18.77
CA GLY C 205 -29.20 -11.70 18.52
C GLY C 205 -30.73 -11.69 18.45
N VAL C 206 -31.29 -10.51 18.70
CA VAL C 206 -32.73 -10.30 18.55
C VAL C 206 -32.97 -9.16 17.56
N LEU C 207 -33.77 -9.45 16.54
CA LEU C 207 -34.12 -8.45 15.54
C LEU C 207 -35.50 -7.88 15.80
N VAL C 208 -35.57 -6.56 15.97
CA VAL C 208 -36.84 -5.89 16.23
C VAL C 208 -37.21 -4.91 15.12
N ASP C 209 -38.32 -5.18 14.45
CA ASP C 209 -38.85 -4.25 13.45
C ASP C 209 -40.33 -4.54 13.21
N GLY C 210 -40.91 -3.84 12.24
CA GLY C 210 -42.32 -4.00 11.93
C GLY C 210 -42.61 -5.20 11.05
N PRO C 211 -43.87 -5.36 10.66
CA PRO C 211 -44.31 -6.51 9.85
C PRO C 211 -43.95 -6.41 8.37
N ALA C 212 -43.35 -5.29 7.96
CA ALA C 212 -43.05 -5.05 6.55
C ALA C 212 -42.11 -6.09 5.94
N VAL C 213 -40.92 -6.24 6.53
CA VAL C 213 -39.95 -7.17 5.97
C VAL C 213 -39.75 -8.41 6.83
N ALA C 214 -40.75 -8.72 7.67
CA ALA C 214 -40.70 -9.86 8.58
C ALA C 214 -40.38 -11.18 7.87
N ALA C 215 -41.17 -11.53 6.86
CA ALA C 215 -40.91 -12.75 6.09
C ALA C 215 -39.53 -12.70 5.41
N SER C 216 -39.19 -11.53 4.84
CA SER C 216 -37.90 -11.34 4.19
C SER C 216 -36.74 -11.53 5.14
N ALA C 217 -36.95 -11.17 6.40
CA ALA C 217 -35.89 -11.27 7.40
C ALA C 217 -35.57 -12.73 7.71
N HIS C 218 -36.61 -13.53 7.88
CA HIS C 218 -36.39 -14.95 8.18
C HIS C 218 -35.65 -15.64 7.03
N LYS C 219 -35.98 -15.25 5.80
CA LYS C 219 -35.35 -15.82 4.63
C LYS C 219 -33.89 -15.42 4.54
N PHE C 220 -33.61 -14.14 4.76
CA PHE C 220 -32.24 -13.62 4.70
C PHE C 220 -31.35 -14.25 5.75
N LEU C 221 -31.85 -14.36 6.97
CA LEU C 221 -31.08 -14.94 8.07
C LEU C 221 -30.78 -16.41 7.81
N ALA C 222 -31.72 -17.10 7.18
CA ALA C 222 -31.55 -18.50 6.83
C ALA C 222 -30.41 -18.66 5.82
N SER C 223 -30.34 -17.74 4.87
CA SER C 223 -29.31 -17.77 3.84
C SER C 223 -27.94 -17.48 4.44
N GLN C 224 -27.92 -16.92 5.65
CA GLN C 224 -26.67 -16.63 6.34
C GLN C 224 -26.32 -17.69 7.38
N ASN C 225 -27.17 -18.70 7.48
CA ASN C 225 -27.05 -19.77 8.48
C ASN C 225 -27.08 -19.23 9.91
N LEU C 226 -27.94 -18.25 10.15
CA LEU C 226 -28.04 -17.64 11.47
C LEU C 226 -29.40 -17.91 12.09
N THR C 227 -30.15 -18.83 11.51
CA THR C 227 -31.51 -19.14 11.97
C THR C 227 -31.56 -19.47 13.46
N GLU C 228 -30.65 -20.34 13.91
CA GLU C 228 -30.67 -20.80 15.29
C GLU C 228 -30.13 -19.76 16.28
N ARG C 229 -29.51 -18.71 15.77
CA ARG C 229 -28.87 -17.72 16.64
C ARG C 229 -29.58 -16.36 16.68
N VAL C 230 -30.60 -16.20 15.86
CA VAL C 230 -31.34 -14.93 15.84
C VAL C 230 -32.83 -15.14 16.05
N GLU C 231 -33.42 -14.29 16.89
CA GLU C 231 -34.86 -14.25 17.04
C GLU C 231 -35.40 -12.99 16.36
N VAL C 232 -36.44 -13.15 15.54
CA VAL C 232 -37.06 -12.01 14.89
C VAL C 232 -38.37 -11.64 15.55
N ARG C 233 -38.45 -10.43 16.08
CA ARG C 233 -39.68 -9.97 16.72
C ARG C 233 -40.40 -8.92 15.89
N ILE C 234 -41.73 -8.97 15.91
CA ILE C 234 -42.54 -8.03 15.15
C ILE C 234 -43.34 -7.13 16.09
N GLY C 235 -43.33 -5.84 15.82
CA GLY C 235 -44.09 -4.88 16.62
C GLY C 235 -43.40 -3.53 16.66
N ASP C 236 -44.01 -2.59 17.37
CA ASP C 236 -43.40 -1.27 17.55
C ASP C 236 -42.23 -1.36 18.52
N PHE C 237 -41.43 -0.31 18.59
CA PHE C 237 -40.26 -0.29 19.47
C PHE C 237 -40.63 0.03 20.92
N PHE C 238 -41.74 -0.50 21.41
CA PHE C 238 -42.14 -0.24 22.79
C PHE C 238 -42.63 -1.50 23.50
N ASP C 239 -43.27 -2.39 22.75
CA ASP C 239 -43.96 -3.53 23.36
C ASP C 239 -43.18 -4.84 23.27
N VAL C 240 -42.29 -4.95 22.28
CA VAL C 240 -41.64 -6.22 22.01
C VAL C 240 -40.14 -6.20 22.29
N LEU C 241 -39.70 -5.29 23.15
CA LEU C 241 -38.28 -5.18 23.46
C LEU C 241 -37.78 -6.30 24.35
N PRO C 242 -36.77 -7.05 23.89
CA PRO C 242 -36.22 -8.20 24.61
C PRO C 242 -35.43 -7.80 25.85
N THR C 243 -35.61 -8.55 26.93
CA THR C 243 -34.86 -8.31 28.15
C THR C 243 -33.62 -9.20 28.18
N GLY C 244 -32.68 -8.90 29.06
CA GLY C 244 -31.47 -9.69 29.18
C GLY C 244 -30.59 -9.68 27.95
N CYS C 245 -30.28 -8.48 27.46
CA CYS C 245 -29.30 -8.30 26.40
C CYS C 245 -28.28 -7.29 26.90
N ASP C 246 -27.01 -7.50 26.57
CA ASP C 246 -25.97 -6.62 27.08
C ASP C 246 -25.60 -5.54 26.06
N ALA C 247 -26.24 -5.55 24.89
CA ALA C 247 -26.00 -4.53 23.88
C ALA C 247 -27.25 -4.24 23.06
N TYR C 248 -27.69 -2.98 23.09
CA TYR C 248 -28.83 -2.55 22.29
C TYR C 248 -28.35 -1.54 21.25
N VAL C 249 -28.74 -1.77 20.00
CA VAL C 249 -28.25 -0.98 18.89
C VAL C 249 -29.37 -0.18 18.20
N LEU C 250 -29.20 1.14 18.14
CA LEU C 250 -30.06 1.99 17.33
C LEU C 250 -29.26 2.56 16.17
N ARG C 251 -29.36 1.92 15.01
CA ARG C 251 -28.57 2.32 13.86
C ARG C 251 -29.34 3.26 12.94
N GLY C 252 -29.09 4.56 13.07
CA GLY C 252 -29.62 5.57 12.17
C GLY C 252 -31.13 5.68 12.19
N VAL C 253 -31.71 5.62 13.39
CA VAL C 253 -33.16 5.62 13.52
C VAL C 253 -33.68 6.85 14.26
N LEU C 254 -32.81 7.53 15.00
CA LEU C 254 -33.24 8.68 15.79
C LEU C 254 -33.18 9.99 15.02
N GLU C 255 -32.71 9.93 13.78
CA GLU C 255 -32.61 11.13 12.94
C GLU C 255 -34.01 11.62 12.53
N ASP C 256 -34.94 10.68 12.41
CA ASP C 256 -36.29 11.00 11.98
C ASP C 256 -37.24 11.13 13.18
N TRP C 257 -36.69 10.98 14.38
CA TRP C 257 -37.49 11.07 15.60
C TRP C 257 -37.37 12.42 16.29
N ALA C 258 -38.47 12.89 16.85
CA ALA C 258 -38.48 14.12 17.63
C ALA C 258 -37.92 13.86 19.01
N ASP C 259 -37.63 14.93 19.75
CA ASP C 259 -37.04 14.80 21.08
C ASP C 259 -37.98 14.09 22.04
N ALA C 260 -39.26 14.46 22.02
CA ALA C 260 -40.25 13.88 22.92
C ALA C 260 -40.40 12.38 22.69
N ASP C 261 -40.43 11.98 21.42
CA ASP C 261 -40.59 10.57 21.06
C ASP C 261 -39.33 9.76 21.38
N ALA C 262 -38.17 10.41 21.27
CA ALA C 262 -36.91 9.72 21.47
C ALA C 262 -36.73 9.29 22.92
N VAL C 263 -37.10 10.15 23.86
CA VAL C 263 -36.93 9.85 25.29
C VAL C 263 -37.73 8.61 25.70
N ARG C 264 -38.97 8.53 25.26
CA ARG C 264 -39.85 7.40 25.62
C ARG C 264 -39.27 6.05 25.18
N LEU C 265 -38.80 5.99 23.94
CA LEU C 265 -38.17 4.78 23.42
C LEU C 265 -36.94 4.43 24.26
N LEU C 266 -36.17 5.44 24.62
CA LEU C 266 -34.93 5.21 25.35
C LEU C 266 -35.19 4.71 26.77
N VAL C 267 -36.28 5.18 27.37
CA VAL C 267 -36.67 4.74 28.70
C VAL C 267 -37.03 3.26 28.68
N ARG C 268 -37.85 2.87 27.70
CA ARG C 268 -38.24 1.48 27.52
C ARG C 268 -37.01 0.59 27.32
N ILE C 269 -36.02 1.11 26.59
CA ILE C 269 -34.75 0.40 26.39
C ILE C 269 -34.00 0.27 27.70
N ARG C 270 -33.99 1.34 28.48
CA ARG C 270 -33.35 1.37 29.79
C ARG C 270 -33.95 0.32 30.72
N GLN C 271 -35.29 0.25 30.74
CA GLN C 271 -36.00 -0.74 31.53
C GLN C 271 -35.65 -2.15 31.06
N ALA C 272 -35.60 -2.33 29.74
CA ALA C 272 -35.32 -3.63 29.15
C ALA C 272 -33.90 -4.09 29.46
N MET C 273 -32.98 -3.13 29.59
CA MET C 273 -31.56 -3.44 29.78
C MET C 273 -31.32 -4.11 31.14
N GLY C 274 -32.10 -3.72 32.14
CA GLY C 274 -32.12 -4.43 33.41
C GLY C 274 -31.00 -4.08 34.36
N ASP C 275 -30.47 -2.87 34.24
CA ASP C 275 -29.46 -2.35 35.16
C ASP C 275 -28.21 -3.23 35.25
N ALA C 276 -27.92 -3.97 34.18
CA ALA C 276 -26.68 -4.72 34.11
C ALA C 276 -25.51 -3.76 33.95
N PRO C 277 -24.48 -3.92 34.79
CA PRO C 277 -23.32 -3.01 34.77
C PRO C 277 -22.51 -3.07 33.48
N GLU C 278 -22.56 -4.21 32.79
CA GLU C 278 -21.81 -4.39 31.57
C GLU C 278 -22.63 -4.06 30.33
N ALA C 279 -23.95 -3.94 30.50
CA ALA C 279 -24.85 -3.72 29.37
C ALA C 279 -24.74 -2.31 28.81
N ARG C 280 -24.82 -2.19 27.50
CA ARG C 280 -24.72 -0.88 26.86
C ARG C 280 -25.80 -0.64 25.79
N LEU C 281 -26.18 0.63 25.63
CA LEU C 281 -26.93 1.05 24.47
C LEU C 281 -25.97 1.69 23.50
N LEU C 282 -26.00 1.25 22.26
CA LEU C 282 -25.10 1.75 21.22
C LEU C 282 -25.89 2.48 20.13
N ILE C 283 -25.70 3.80 20.06
CA ILE C 283 -26.40 4.60 19.07
C ILE C 283 -25.46 4.93 17.93
N LEU C 284 -25.84 4.52 16.73
CA LEU C 284 -25.03 4.73 15.54
C LEU C 284 -25.57 5.92 14.77
N ASP C 285 -24.82 7.02 14.75
CA ASP C 285 -25.30 8.25 14.13
C ASP C 285 -24.15 9.21 13.86
N SER C 286 -24.49 10.38 13.30
CA SER C 286 -23.50 11.41 13.03
C SER C 286 -23.61 12.54 14.05
N VAL C 287 -22.53 12.77 14.77
CA VAL C 287 -22.51 13.79 15.81
C VAL C 287 -21.85 15.08 15.32
N ILE C 288 -22.62 16.17 15.26
CA ILE C 288 -22.08 17.46 14.85
C ILE C 288 -20.93 17.90 15.76
N GLY C 289 -19.82 18.27 15.16
CA GLY C 289 -18.65 18.72 15.90
C GLY C 289 -17.66 17.60 16.16
N GLU C 290 -18.10 16.36 15.94
CA GLU C 290 -17.24 15.20 16.15
C GLU C 290 -17.40 14.19 15.02
N THR C 291 -17.48 14.72 13.80
CA THR C 291 -17.43 13.90 12.60
C THR C 291 -16.19 14.29 11.82
N GLY C 292 -15.80 13.47 10.84
CA GLY C 292 -14.64 13.79 10.04
C GLY C 292 -14.95 14.87 9.00
N GLU C 293 -13.97 15.19 8.16
CA GLU C 293 -14.16 16.19 7.12
C GLU C 293 -15.26 15.79 6.15
N LEU C 294 -15.31 14.50 5.83
CA LEU C 294 -16.35 13.97 4.94
C LEU C 294 -17.74 14.17 5.54
N GLY C 295 -17.84 13.98 6.85
CA GLY C 295 -19.09 14.21 7.55
C GLY C 295 -19.56 15.65 7.44
N LYS C 296 -18.61 16.59 7.39
CA LYS C 296 -18.97 17.99 7.27
C LYS C 296 -19.61 18.25 5.91
N VAL C 297 -19.09 17.60 4.88
CA VAL C 297 -19.63 17.72 3.54
C VAL C 297 -20.99 17.05 3.44
N LEU C 298 -21.12 15.86 4.02
CA LEU C 298 -22.35 15.07 3.92
C LEU C 298 -23.54 15.73 4.61
N ASP C 299 -23.27 16.67 5.51
CA ASP C 299 -24.34 17.41 6.18
C ASP C 299 -25.13 18.27 5.20
N LEU C 300 -24.65 18.36 3.95
CA LEU C 300 -25.32 19.12 2.91
C LEU C 300 -26.66 18.47 2.53
N ASP C 301 -26.75 17.17 2.71
CA ASP C 301 -27.97 16.42 2.42
C ASP C 301 -29.09 16.87 3.33
N MET C 302 -28.76 17.03 4.61
CA MET C 302 -29.72 17.51 5.60
C MET C 302 -30.15 18.94 5.30
N LEU C 303 -29.24 19.72 4.70
CA LEU C 303 -29.53 21.11 4.39
C LEU C 303 -30.46 21.22 3.18
N VAL C 304 -30.33 20.26 2.26
CA VAL C 304 -31.07 20.32 1.00
C VAL C 304 -32.36 19.50 1.04
N LEU C 305 -32.27 18.27 1.52
CA LEU C 305 -33.38 17.33 1.41
C LEU C 305 -34.42 17.51 2.52
N VAL C 306 -33.97 17.50 3.77
CA VAL C 306 -34.90 17.56 4.90
C VAL C 306 -34.76 18.84 5.71
N GLU C 307 -35.60 18.97 6.73
CA GLU C 307 -35.56 20.13 7.61
C GLU C 307 -34.88 19.77 8.93
N GLY C 308 -34.63 18.47 9.11
CA GLY C 308 -33.99 17.99 10.32
C GLY C 308 -32.53 18.41 10.42
N GLU C 309 -31.91 18.07 11.54
CA GLU C 309 -30.52 18.43 11.79
C GLU C 309 -29.89 17.45 12.78
N HIS C 310 -28.65 17.08 12.51
CA HIS C 310 -27.90 16.20 13.41
C HIS C 310 -27.68 16.85 14.78
N ARG C 311 -27.54 16.01 15.80
CA ARG C 311 -27.40 16.52 17.16
C ARG C 311 -25.93 16.69 17.55
N THR C 312 -25.67 17.70 18.38
CA THR C 312 -24.34 17.88 18.95
C THR C 312 -24.20 16.95 20.15
N ARG C 313 -22.97 16.84 20.67
CA ARG C 313 -22.71 16.01 21.84
C ARG C 313 -23.58 16.44 23.02
N ALA C 314 -23.54 17.73 23.31
CA ALA C 314 -24.31 18.30 24.41
C ALA C 314 -25.81 18.08 24.25
N GLN C 315 -26.26 18.02 23.00
CA GLN C 315 -27.68 17.76 22.73
C GLN C 315 -28.02 16.30 22.99
N TRP C 316 -27.11 15.41 22.62
CA TRP C 316 -27.25 13.99 22.93
C TRP C 316 -27.21 13.78 24.44
N ASP C 317 -26.31 14.51 25.10
CA ASP C 317 -26.16 14.43 26.55
C ASP C 317 -27.47 14.70 27.27
N ASP C 318 -28.11 15.80 26.89
CA ASP C 318 -29.38 16.19 27.50
C ASP C 318 -30.46 15.14 27.27
N LEU C 319 -30.64 14.75 26.02
CA LEU C 319 -31.65 13.77 25.64
C LEU C 319 -31.51 12.47 26.43
N LEU C 320 -30.29 11.95 26.47
CA LEU C 320 -30.02 10.68 27.13
C LEU C 320 -30.16 10.76 28.64
N ALA C 321 -29.85 11.92 29.21
CA ALA C 321 -29.98 12.12 30.66
C ALA C 321 -31.43 12.00 31.10
N ARG C 322 -32.35 12.50 30.28
CA ARG C 322 -33.77 12.45 30.58
C ARG C 322 -34.28 11.00 30.60
N ALA C 323 -33.53 10.11 29.97
CA ALA C 323 -33.91 8.70 29.90
C ALA C 323 -33.06 7.83 30.82
N GLY C 324 -32.21 8.47 31.62
CA GLY C 324 -31.39 7.76 32.59
C GLY C 324 -30.14 7.11 32.02
N PHE C 325 -29.57 7.71 30.98
CA PHE C 325 -28.31 7.24 30.40
C PHE C 325 -27.19 8.25 30.55
N ASP C 326 -25.96 7.77 30.51
CA ASP C 326 -24.79 8.63 30.38
C ASP C 326 -23.96 8.20 29.18
N ILE C 327 -23.19 9.11 28.62
CA ILE C 327 -22.33 8.76 27.49
C ILE C 327 -20.96 8.32 27.98
N VAL C 328 -20.64 7.04 27.77
CA VAL C 328 -19.33 6.52 28.12
C VAL C 328 -18.29 7.08 27.16
N GLY C 329 -18.70 7.24 25.90
CA GLY C 329 -17.81 7.80 24.89
C GLY C 329 -18.48 7.86 23.54
N ILE C 330 -17.93 8.69 22.66
CA ILE C 330 -18.40 8.76 21.28
C ILE C 330 -17.26 8.30 20.34
N HIS C 331 -17.38 7.07 19.86
CA HIS C 331 -16.30 6.42 19.14
C HIS C 331 -16.43 6.62 17.64
N PRO C 332 -15.46 7.32 17.03
CA PRO C 332 -15.44 7.55 15.57
C PRO C 332 -15.53 6.22 14.81
N ALA C 333 -16.44 6.16 13.84
CA ALA C 333 -16.59 4.98 13.00
C ALA C 333 -16.43 5.38 11.54
N GLY C 334 -15.18 5.48 11.10
CA GLY C 334 -14.89 6.03 9.79
C GLY C 334 -14.78 7.54 9.87
N ASP C 335 -15.08 8.22 8.76
CA ASP C 335 -14.93 9.68 8.71
C ASP C 335 -16.27 10.39 8.73
N VAL C 336 -17.33 9.65 8.96
CA VAL C 336 -18.67 10.24 8.98
C VAL C 336 -19.41 9.91 10.26
N TRP C 337 -19.45 8.62 10.59
CA TRP C 337 -20.31 8.16 11.67
C TRP C 337 -19.55 7.95 12.97
N ALA C 338 -20.32 7.71 14.03
CA ALA C 338 -19.76 7.41 15.33
C ALA C 338 -20.61 6.41 16.06
N VAL C 339 -20.02 5.74 17.05
CA VAL C 339 -20.78 4.87 17.94
C VAL C 339 -20.90 5.57 19.28
N ILE C 340 -22.12 5.95 19.64
CA ILE C 340 -22.36 6.58 20.94
C ILE C 340 -22.64 5.48 21.97
N GLU C 341 -21.69 5.25 22.87
CA GLU C 341 -21.84 4.20 23.86
C GLU C 341 -22.48 4.75 25.13
N CYS C 342 -23.63 4.19 25.50
CA CYS C 342 -24.41 4.71 26.61
C CYS C 342 -24.57 3.69 27.74
N ARG C 343 -24.25 4.12 28.96
CA ARG C 343 -24.42 3.29 30.14
C ARG C 343 -25.63 3.77 30.94
N GLY C 344 -26.36 2.81 31.51
CA GLY C 344 -27.50 3.14 32.34
C GLY C 344 -27.05 3.70 33.66
N THR C 345 -27.69 4.77 34.11
CA THR C 345 -27.35 5.39 35.38
C THR C 345 -28.55 5.48 36.31
N GLU D 10 -11.62 -5.39 -7.98
CA GLU D 10 -11.95 -5.66 -6.59
C GLU D 10 -13.07 -4.76 -6.10
N ARG D 11 -12.99 -4.35 -4.83
CA ARG D 11 -13.95 -3.44 -4.24
C ARG D 11 -13.38 -2.01 -4.23
N THR D 12 -12.42 -1.77 -5.11
CA THR D 12 -11.92 -0.42 -5.33
C THR D 12 -12.93 0.33 -6.20
N ALA D 13 -13.74 -0.42 -6.95
CA ALA D 13 -14.80 0.16 -7.75
C ALA D 13 -15.88 0.77 -6.85
N ALA D 14 -16.17 0.10 -5.74
CA ALA D 14 -17.18 0.59 -4.80
C ALA D 14 -16.73 1.89 -4.16
N GLN D 15 -15.45 1.99 -3.82
CA GLN D 15 -14.89 3.24 -3.31
C GLN D 15 -15.00 4.32 -4.37
N ARG D 16 -14.76 3.95 -5.62
CA ARG D 16 -14.82 4.89 -6.73
C ARG D 16 -16.22 5.48 -6.92
N LEU D 17 -17.23 4.62 -6.97
CA LEU D 17 -18.62 5.07 -7.11
C LEU D 17 -19.03 5.99 -5.97
N TYR D 18 -18.68 5.61 -4.74
CA TYR D 18 -19.04 6.43 -3.58
C TYR D 18 -18.43 7.81 -3.66
N GLN D 19 -17.16 7.87 -4.07
CA GLN D 19 -16.43 9.13 -4.16
C GLN D 19 -17.05 10.08 -5.20
N TYR D 20 -17.63 9.54 -6.26
CA TYR D 20 -18.33 10.36 -7.24
C TYR D 20 -19.56 11.03 -6.62
N ASN D 21 -20.26 10.28 -5.77
CA ASN D 21 -21.42 10.82 -5.05
C ASN D 21 -21.02 11.95 -4.11
N VAL D 22 -19.87 11.77 -3.48
CA VAL D 22 -19.30 12.78 -2.58
C VAL D 22 -18.90 14.04 -3.33
N ASP D 23 -18.17 13.87 -4.43
CA ASP D 23 -17.63 15.00 -5.18
C ASP D 23 -18.74 15.80 -5.85
N LEU D 24 -19.85 15.12 -6.14
CA LEU D 24 -21.05 15.79 -6.63
C LEU D 24 -21.52 16.84 -5.62
N LYS D 25 -21.59 16.44 -4.36
CA LYS D 25 -22.00 17.35 -3.28
C LYS D 25 -20.99 18.48 -3.11
N VAL D 26 -19.70 18.16 -3.22
CA VAL D 26 -18.65 19.18 -3.13
C VAL D 26 -18.82 20.23 -4.23
N ALA D 27 -19.11 19.76 -5.44
CA ALA D 27 -19.32 20.65 -6.58
C ALA D 27 -20.39 21.70 -6.31
N PHE D 28 -21.43 21.32 -5.56
CA PHE D 28 -22.51 22.24 -5.21
C PHE D 28 -22.10 23.16 -4.06
N VAL D 29 -21.31 22.63 -3.13
CA VAL D 29 -20.76 23.43 -2.05
C VAL D 29 -19.93 24.58 -2.63
N LEU D 30 -18.96 24.26 -3.47
CA LEU D 30 -18.08 25.28 -4.05
C LEU D 30 -18.85 26.31 -4.88
N TYR D 31 -19.90 25.85 -5.56
CA TYR D 31 -20.73 26.73 -6.37
C TYR D 31 -21.44 27.78 -5.51
N ALA D 32 -22.03 27.34 -4.41
CA ALA D 32 -22.76 28.24 -3.53
C ALA D 32 -21.81 29.22 -2.84
N VAL D 33 -20.64 28.72 -2.46
CA VAL D 33 -19.61 29.53 -1.82
C VAL D 33 -19.19 30.67 -2.75
N ALA D 34 -19.11 30.37 -4.05
CA ALA D 34 -18.71 31.37 -5.03
C ALA D 34 -19.83 32.37 -5.34
N LYS D 35 -21.08 31.91 -5.39
CA LYS D 35 -22.19 32.79 -5.73
C LYS D 35 -22.49 33.76 -4.59
N LEU D 36 -22.20 33.32 -3.36
CA LEU D 36 -22.32 34.18 -2.19
C LEU D 36 -21.12 35.12 -2.06
N HIS D 37 -20.14 34.92 -2.93
CA HIS D 37 -18.90 35.70 -2.95
C HIS D 37 -18.15 35.61 -1.62
N LEU D 38 -18.22 34.44 -1.01
CA LEU D 38 -17.48 34.18 0.22
C LEU D 38 -15.95 34.25 0.04
N PRO D 39 -15.40 33.74 -1.08
CA PRO D 39 -13.95 33.92 -1.23
C PRO D 39 -13.53 35.39 -1.33
N ASP D 40 -14.42 36.21 -1.84
CA ASP D 40 -14.14 37.64 -2.00
C ASP D 40 -14.28 38.37 -0.68
N LEU D 41 -15.24 37.94 0.14
CA LEU D 41 -15.45 38.53 1.46
C LEU D 41 -14.32 38.22 2.44
N LEU D 42 -13.54 37.19 2.13
CA LEU D 42 -12.49 36.71 3.03
C LEU D 42 -11.08 37.01 2.51
N ALA D 43 -11.01 37.73 1.39
CA ALA D 43 -9.75 37.95 0.68
C ALA D 43 -8.74 38.74 1.51
N ASP D 44 -9.19 39.43 2.55
CA ASP D 44 -8.29 40.25 3.34
C ASP D 44 -8.07 39.69 4.75
N GLY D 45 -8.70 38.56 5.05
CA GLY D 45 -8.53 37.94 6.35
C GLY D 45 -9.79 37.31 6.91
N PRO D 46 -9.66 36.62 8.05
CA PRO D 46 -10.75 35.86 8.66
C PRO D 46 -11.90 36.73 9.11
N ARG D 47 -13.11 36.17 9.04
CA ARG D 47 -14.31 36.86 9.53
C ARG D 47 -15.24 35.85 10.19
N THR D 48 -16.00 36.30 11.20
CA THR D 48 -16.89 35.41 11.92
C THR D 48 -18.11 35.04 11.08
N THR D 49 -18.81 33.99 11.48
CA THR D 49 -20.04 33.58 10.81
C THR D 49 -21.08 34.69 10.82
N ALA D 50 -21.23 35.34 11.98
CA ALA D 50 -22.23 36.39 12.14
C ALA D 50 -21.92 37.59 11.25
N ASP D 51 -20.64 37.84 11.00
CA ASP D 51 -20.22 38.92 10.12
C ASP D 51 -20.49 38.55 8.67
N LEU D 52 -20.27 37.28 8.33
CA LEU D 52 -20.49 36.80 6.97
C LEU D 52 -21.98 36.67 6.68
N ALA D 53 -22.76 36.41 7.72
CA ALA D 53 -24.20 36.26 7.60
C ALA D 53 -24.89 37.60 7.35
N ALA D 54 -24.35 38.66 7.94
CA ALA D 54 -24.91 40.00 7.74
C ALA D 54 -24.45 40.58 6.42
N ALA D 55 -23.34 40.07 5.90
CA ALA D 55 -22.79 40.53 4.63
C ALA D 55 -23.51 39.86 3.47
N THR D 56 -23.97 38.63 3.68
CA THR D 56 -24.62 37.86 2.63
C THR D 56 -26.15 37.81 2.80
N GLY D 57 -26.65 38.41 3.88
CA GLY D 57 -28.07 38.43 4.14
C GLY D 57 -28.64 37.04 4.35
N SER D 58 -27.87 36.18 5.02
CA SER D 58 -28.24 34.79 5.18
C SER D 58 -28.59 34.45 6.63
N ASP D 59 -29.14 33.26 6.83
CA ASP D 59 -29.38 32.73 8.16
C ASP D 59 -28.05 32.26 8.76
N PRO D 60 -27.64 32.84 9.90
CA PRO D 60 -26.35 32.53 10.53
C PRO D 60 -26.13 31.04 10.82
N SER D 61 -27.18 30.34 11.23
CA SER D 61 -27.05 28.93 11.58
C SER D 61 -26.85 28.05 10.35
N ARG D 62 -27.51 28.40 9.25
CA ARG D 62 -27.41 27.62 8.02
C ARG D 62 -26.16 27.96 7.24
N LEU D 63 -25.71 29.21 7.34
CA LEU D 63 -24.50 29.63 6.65
C LEU D 63 -23.31 28.92 7.26
N ARG D 64 -23.32 28.78 8.58
CA ARG D 64 -22.25 28.12 9.30
C ARG D 64 -22.05 26.69 8.81
N ARG D 65 -23.16 26.00 8.59
CA ARG D 65 -23.11 24.61 8.10
C ARG D 65 -22.55 24.54 6.68
N LEU D 66 -22.84 25.54 5.87
CA LEU D 66 -22.30 25.62 4.52
C LEU D 66 -20.80 25.93 4.54
N LEU D 67 -20.39 26.82 5.43
CA LEU D 67 -18.99 27.19 5.57
C LEU D 67 -18.19 26.01 6.11
N ARG D 68 -18.79 25.27 7.04
CA ARG D 68 -18.14 24.12 7.64
C ARG D 68 -18.02 22.99 6.61
N ALA D 69 -18.96 22.94 5.67
CA ALA D 69 -18.90 21.98 4.58
C ALA D 69 -17.81 22.35 3.59
N ALA D 70 -17.54 23.66 3.48
CA ALA D 70 -16.51 24.15 2.59
C ALA D 70 -15.12 23.91 3.15
N ALA D 71 -15.01 23.98 4.47
CA ALA D 71 -13.76 23.65 5.15
C ALA D 71 -13.53 22.15 5.09
N GLY D 72 -14.61 21.38 5.02
CA GLY D 72 -14.50 19.94 4.85
C GLY D 72 -13.86 19.58 3.51
N ALA D 73 -14.14 20.38 2.49
CA ALA D 73 -13.62 20.14 1.15
C ALA D 73 -12.28 20.85 0.92
N ASP D 74 -11.76 21.48 1.98
CA ASP D 74 -10.51 22.26 1.92
C ASP D 74 -10.59 23.44 0.95
N ALA D 75 -11.71 24.15 0.96
CA ALA D 75 -11.79 25.42 0.25
C ALA D 75 -11.58 26.53 1.27
N LEU D 76 -11.90 26.24 2.53
CA LEU D 76 -11.71 27.19 3.62
C LEU D 76 -11.08 26.51 4.83
N ARG D 77 -10.68 27.32 5.81
CA ARG D 77 -10.22 26.83 7.09
C ARG D 77 -11.16 27.29 8.21
N GLU D 78 -11.53 26.35 9.08
CA GLU D 78 -12.27 26.69 10.29
C GLU D 78 -11.32 27.32 11.30
N VAL D 79 -11.66 28.51 11.77
CA VAL D 79 -10.75 29.25 12.65
C VAL D 79 -11.41 29.60 13.97
N PRO D 80 -10.73 29.28 15.09
CA PRO D 80 -11.18 29.46 16.47
C PRO D 80 -11.99 30.72 16.72
N GLU D 81 -13.03 30.60 17.55
CA GLU D 81 -14.04 31.63 17.78
C GLU D 81 -14.95 31.79 16.56
N ASP D 82 -15.45 30.65 16.07
CA ASP D 82 -16.49 30.60 15.04
C ASP D 82 -16.17 31.48 13.82
N SER D 83 -15.02 31.26 13.20
CA SER D 83 -14.61 32.07 12.07
C SER D 83 -14.07 31.22 10.92
N PHE D 84 -13.88 31.85 9.77
CA PHE D 84 -13.43 31.17 8.57
C PHE D 84 -12.45 32.04 7.78
N GLU D 85 -11.45 31.40 7.18
CA GLU D 85 -10.53 32.11 6.29
C GLU D 85 -10.18 31.24 5.09
N LEU D 86 -9.49 31.85 4.12
CA LEU D 86 -9.22 31.19 2.85
C LEU D 86 -8.18 30.08 2.94
N ALA D 87 -8.51 28.93 2.39
CA ALA D 87 -7.54 27.89 2.10
C ALA D 87 -7.02 28.14 0.69
N PRO D 88 -5.94 27.47 0.27
CA PRO D 88 -5.45 27.68 -1.11
C PRO D 88 -6.50 27.48 -2.21
N MET D 89 -7.35 26.47 -2.08
CA MET D 89 -8.34 26.20 -3.13
C MET D 89 -9.46 27.23 -3.14
N GLY D 90 -9.72 27.85 -1.99
CA GLY D 90 -10.70 28.90 -1.90
C GLY D 90 -10.20 30.21 -2.48
N ASP D 91 -8.89 30.43 -2.40
CA ASP D 91 -8.27 31.62 -2.95
C ASP D 91 -8.47 31.67 -4.47
N LEU D 92 -8.45 30.50 -5.10
CA LEU D 92 -8.65 30.39 -6.54
C LEU D 92 -10.09 30.64 -6.97
N LEU D 93 -11.01 30.74 -6.01
CA LEU D 93 -12.41 30.98 -6.33
C LEU D 93 -12.75 32.47 -6.29
N ARG D 94 -11.76 33.30 -5.97
CA ARG D 94 -11.94 34.75 -6.07
C ARG D 94 -11.89 35.16 -7.54
N SER D 95 -12.76 36.08 -7.92
CA SER D 95 -12.76 36.57 -9.30
C SER D 95 -11.52 37.43 -9.58
N GLY D 96 -10.92 37.97 -8.52
CA GLY D 96 -9.77 38.83 -8.64
C GLY D 96 -8.44 38.11 -8.79
N HIS D 97 -8.43 36.81 -8.53
CA HIS D 97 -7.22 36.00 -8.66
C HIS D 97 -6.75 36.01 -10.12
N PRO D 98 -5.44 36.23 -10.33
CA PRO D 98 -4.88 36.26 -11.69
C PRO D 98 -5.04 34.91 -12.40
N ARG D 99 -5.01 33.83 -11.63
CA ARG D 99 -5.25 32.50 -12.17
C ARG D 99 -6.55 31.96 -11.59
N SER D 100 -7.61 32.75 -11.71
CA SER D 100 -8.91 32.39 -11.16
C SER D 100 -9.50 31.17 -11.85
N MET D 101 -10.35 30.44 -11.13
CA MET D 101 -11.04 29.27 -11.67
C MET D 101 -12.50 29.32 -11.26
N ARG D 102 -12.96 30.52 -10.90
CA ARG D 102 -14.33 30.72 -10.47
C ARG D 102 -15.32 30.46 -11.62
N GLY D 103 -14.88 30.78 -12.84
CA GLY D 103 -15.72 30.63 -14.02
C GLY D 103 -16.23 29.22 -14.25
N MET D 104 -15.35 28.23 -14.13
CA MET D 104 -15.71 26.85 -14.41
C MET D 104 -16.43 26.18 -13.24
N THR D 105 -16.27 26.73 -12.05
CA THR D 105 -16.91 26.18 -10.86
C THR D 105 -18.36 26.66 -10.77
N THR D 106 -18.67 27.74 -11.48
CA THR D 106 -19.99 28.35 -11.40
C THR D 106 -20.87 28.13 -12.62
N PHE D 107 -20.28 28.07 -13.82
CA PHE D 107 -21.09 27.92 -15.02
C PHE D 107 -21.80 26.58 -15.10
N PHE D 108 -21.09 25.51 -14.75
CA PHE D 108 -21.61 24.16 -14.94
C PHE D 108 -22.57 23.73 -13.82
N ALA D 109 -22.63 24.53 -12.76
CA ALA D 109 -23.53 24.26 -11.65
C ALA D 109 -24.67 25.27 -11.61
N GLU D 110 -24.80 26.04 -12.68
CA GLU D 110 -25.90 26.99 -12.82
C GLU D 110 -27.19 26.23 -13.14
N PRO D 111 -28.32 26.68 -12.56
CA PRO D 111 -29.63 26.05 -12.76
C PRO D 111 -30.01 25.83 -14.22
N ASP D 112 -29.90 26.85 -15.06
CA ASP D 112 -30.24 26.71 -16.48
C ASP D 112 -29.33 25.72 -17.19
N VAL D 113 -28.04 25.74 -16.86
CA VAL D 113 -27.07 24.81 -17.41
C VAL D 113 -27.32 23.40 -16.89
N LEU D 114 -27.59 23.30 -15.58
CA LEU D 114 -27.84 22.03 -14.93
C LEU D 114 -29.08 21.33 -15.49
N ALA D 115 -30.10 22.12 -15.83
CA ALA D 115 -31.34 21.60 -16.38
C ALA D 115 -31.15 21.06 -17.80
N ALA D 116 -30.19 21.62 -18.52
CA ALA D 116 -29.84 21.12 -19.85
C ALA D 116 -29.19 19.74 -19.72
N TYR D 117 -28.25 19.61 -18.79
CA TYR D 117 -27.60 18.34 -18.52
C TYR D 117 -28.59 17.30 -18.00
N GLY D 118 -29.70 17.77 -17.45
CA GLY D 118 -30.72 16.89 -16.90
C GLY D 118 -31.48 16.11 -17.95
N ASP D 119 -31.71 16.74 -19.10
CA ASP D 119 -32.39 16.07 -20.20
C ASP D 119 -31.43 15.26 -21.06
N LEU D 120 -30.35 14.77 -20.45
CA LEU D 120 -29.35 13.99 -21.16
C LEU D 120 -29.91 12.67 -21.68
N VAL D 121 -30.79 12.05 -20.91
CA VAL D 121 -31.36 10.76 -21.29
C VAL D 121 -32.25 10.86 -22.53
N GLU D 122 -33.20 11.80 -22.51
CA GLU D 122 -34.09 11.99 -23.66
C GLU D 122 -33.33 12.55 -24.85
N SER D 123 -32.25 13.29 -24.59
CA SER D 123 -31.41 13.81 -25.65
C SER D 123 -30.70 12.68 -26.38
N VAL D 124 -30.47 11.57 -25.68
CA VAL D 124 -29.86 10.40 -26.28
C VAL D 124 -30.87 9.65 -27.13
N ARG D 125 -32.09 9.50 -26.61
CA ARG D 125 -33.13 8.74 -27.31
C ARG D 125 -33.62 9.46 -28.56
N THR D 126 -33.61 10.79 -28.54
CA THR D 126 -34.14 11.58 -29.65
C THR D 126 -33.08 11.86 -30.71
N GLY D 127 -32.09 12.68 -30.34
CA GLY D 127 -31.08 13.12 -31.28
C GLY D 127 -30.81 14.60 -31.09
N VAL D 128 -31.86 15.32 -30.68
CA VAL D 128 -31.76 16.74 -30.38
C VAL D 128 -30.88 16.96 -29.16
N PRO D 129 -29.89 17.85 -29.28
CA PRO D 129 -29.02 18.21 -28.15
C PRO D 129 -29.82 18.58 -26.91
N ALA D 130 -29.28 18.25 -25.74
CA ALA D 130 -29.99 18.41 -24.48
C ALA D 130 -30.39 19.86 -24.21
N PHE D 131 -29.47 20.78 -24.48
CA PHE D 131 -29.71 22.20 -24.25
C PHE D 131 -30.81 22.73 -25.17
N GLN D 132 -30.91 22.13 -26.36
CA GLN D 132 -31.91 22.52 -27.35
C GLN D 132 -33.29 22.03 -26.94
N LEU D 133 -33.33 21.02 -26.09
CA LEU D 133 -34.59 20.47 -25.61
C LEU D 133 -35.13 21.28 -24.44
N ARG D 134 -34.22 21.91 -23.70
CA ARG D 134 -34.59 22.62 -22.48
C ARG D 134 -34.89 24.10 -22.74
N HIS D 135 -34.15 24.72 -23.65
CA HIS D 135 -34.28 26.15 -23.89
C HIS D 135 -34.72 26.47 -25.33
N ARG D 136 -34.87 25.43 -26.13
CA ARG D 136 -35.32 25.55 -27.52
C ARG D 136 -34.49 26.53 -28.34
N GLU D 137 -33.20 26.63 -28.05
CA GLU D 137 -32.29 27.49 -28.79
C GLU D 137 -30.84 27.12 -28.48
N PRO D 138 -29.92 27.36 -29.43
CA PRO D 138 -28.49 27.07 -29.23
C PRO D 138 -27.91 27.83 -28.05
N LEU D 139 -26.82 27.32 -27.49
CA LEU D 139 -26.17 27.92 -26.33
C LEU D 139 -25.73 29.36 -26.60
N TYR D 140 -25.18 29.59 -27.79
CA TYR D 140 -24.69 30.91 -28.16
C TYR D 140 -25.81 31.93 -28.23
N ASP D 141 -26.98 31.49 -28.72
CA ASP D 141 -28.14 32.36 -28.82
C ASP D 141 -28.75 32.63 -27.45
N PHE D 142 -28.51 31.71 -26.53
CA PHE D 142 -29.07 31.80 -25.18
C PHE D 142 -28.29 32.79 -24.33
N LEU D 143 -26.97 32.78 -24.44
CA LEU D 143 -26.12 33.66 -23.65
C LEU D 143 -26.12 35.09 -24.18
N ALA D 144 -26.67 35.28 -25.37
CA ALA D 144 -26.73 36.61 -25.98
C ALA D 144 -27.82 37.46 -25.36
N ARG D 145 -28.83 36.82 -24.80
CA ARG D 145 -29.95 37.51 -24.16
C ARG D 145 -29.50 38.31 -22.93
N PRO D 146 -30.08 39.51 -22.74
CA PRO D 146 -29.67 40.43 -21.68
C PRO D 146 -29.95 39.91 -20.27
N GLN D 147 -30.91 39.02 -20.11
CA GLN D 147 -31.24 38.48 -18.80
C GLN D 147 -30.38 37.27 -18.47
N HIS D 148 -29.34 37.04 -19.27
CA HIS D 148 -28.47 35.89 -19.07
C HIS D 148 -27.00 36.29 -19.12
N LYS D 149 -26.74 37.59 -19.04
CA LYS D 149 -25.38 38.13 -19.05
C LYS D 149 -24.52 37.49 -17.96
N GLU D 150 -25.10 37.34 -16.77
CA GLU D 150 -24.39 36.79 -15.63
C GLU D 150 -23.84 35.39 -15.92
N VAL D 151 -24.65 34.55 -16.55
CA VAL D 151 -24.21 33.21 -16.92
C VAL D 151 -23.20 33.28 -18.05
N ARG D 152 -23.38 34.25 -18.95
CA ARG D 152 -22.45 34.42 -20.07
C ARG D 152 -21.06 34.77 -19.59
N ASP D 153 -20.96 35.69 -18.64
CA ASP D 153 -19.68 36.12 -18.10
C ASP D 153 -18.89 34.95 -17.51
N GLU D 154 -19.60 34.08 -16.80
CA GLU D 154 -19.00 32.89 -16.21
C GLU D 154 -18.52 31.92 -17.29
N PHE D 155 -19.31 31.81 -18.37
CA PHE D 155 -18.95 30.93 -19.47
C PHE D 155 -17.67 31.40 -20.16
N ASP D 156 -17.62 32.70 -20.49
CA ASP D 156 -16.42 33.28 -21.10
C ASP D 156 -15.22 33.14 -20.18
N ALA D 157 -15.43 33.41 -18.89
CA ALA D 157 -14.39 33.27 -17.89
C ALA D 157 -13.92 31.83 -17.80
N ALA D 158 -14.85 30.89 -17.92
CA ALA D 158 -14.50 29.47 -17.88
C ALA D 158 -13.63 29.08 -19.06
N MET D 159 -13.95 29.63 -20.23
CA MET D 159 -13.18 29.34 -21.44
C MET D 159 -11.75 29.81 -21.30
N VAL D 160 -11.57 31.02 -20.77
CA VAL D 160 -10.24 31.58 -20.49
C VAL D 160 -9.47 30.65 -19.56
N GLU D 161 -10.16 30.11 -18.56
CA GLU D 161 -9.54 29.26 -17.54
C GLU D 161 -9.18 27.88 -18.09
N PHE D 162 -9.93 27.42 -19.09
CA PHE D 162 -9.61 26.17 -19.74
C PHE D 162 -8.37 26.32 -20.61
N GLY D 163 -8.22 27.50 -21.21
CA GLY D 163 -7.05 27.80 -22.00
C GLY D 163 -5.79 27.84 -21.16
N GLN D 164 -5.91 28.40 -19.96
CA GLN D 164 -4.78 28.47 -19.03
C GLN D 164 -4.37 27.09 -18.55
N TYR D 165 -5.35 26.25 -18.27
CA TYR D 165 -5.11 24.92 -17.70
C TYR D 165 -4.29 24.04 -18.65
N PHE D 166 -4.63 24.09 -19.94
CA PHE D 166 -4.01 23.21 -20.92
C PHE D 166 -2.91 23.89 -21.73
N ALA D 167 -2.56 25.12 -21.35
CA ALA D 167 -1.59 25.91 -22.11
C ALA D 167 -0.23 25.22 -22.22
N ASP D 168 0.36 24.86 -21.09
CA ASP D 168 1.68 24.27 -21.07
C ASP D 168 1.70 22.85 -21.66
N ASP D 169 0.53 22.24 -21.79
CA ASP D 169 0.41 20.94 -22.42
C ASP D 169 0.53 21.04 -23.94
N PHE D 170 0.41 22.25 -24.46
CA PHE D 170 0.54 22.46 -25.90
C PHE D 170 1.96 22.88 -26.28
N LEU D 171 2.57 23.71 -25.43
CA LEU D 171 3.90 24.22 -25.71
C LEU D 171 4.99 23.17 -25.48
N THR D 172 4.66 22.11 -24.75
CA THR D 172 5.63 21.07 -24.43
C THR D 172 5.34 19.76 -25.14
N SER D 173 4.38 19.77 -26.06
CA SER D 173 4.01 18.57 -26.80
C SER D 173 4.28 18.75 -28.29
N PHE D 174 4.75 19.93 -28.66
CA PHE D 174 5.03 20.24 -30.06
C PHE D 174 6.05 21.37 -30.14
N ASP D 175 7.06 21.19 -30.98
CA ASP D 175 8.11 22.20 -31.12
C ASP D 175 7.63 23.40 -31.94
N PHE D 176 7.07 24.39 -31.25
CA PHE D 176 6.61 25.59 -31.91
C PHE D 176 7.78 26.49 -32.29
N GLY D 177 8.97 26.19 -31.76
CA GLY D 177 10.16 26.96 -32.07
C GLY D 177 10.66 26.72 -33.48
N ARG D 178 9.94 25.90 -34.23
CA ARG D 178 10.27 25.58 -35.60
C ARG D 178 9.76 26.66 -36.56
N PHE D 179 9.01 27.62 -36.01
CA PHE D 179 8.37 28.64 -36.83
C PHE D 179 8.66 30.04 -36.33
N THR D 180 8.49 31.03 -37.21
CA THR D 180 8.86 32.41 -36.91
C THR D 180 7.68 33.37 -36.97
N ARG D 181 6.75 33.12 -37.89
CA ARG D 181 5.56 33.97 -38.02
C ARG D 181 4.28 33.18 -37.89
N PHE D 182 3.61 33.33 -36.74
CA PHE D 182 2.35 32.63 -36.47
C PHE D 182 1.14 33.46 -36.85
N ALA D 183 0.04 32.78 -37.16
CA ALA D 183 -1.21 33.45 -37.47
C ALA D 183 -2.38 32.65 -36.92
N ASP D 184 -2.93 33.08 -35.79
CA ASP D 184 -4.06 32.39 -35.18
C ASP D 184 -5.37 32.88 -35.78
N ILE D 185 -5.96 32.06 -36.64
CA ILE D 185 -7.22 32.41 -37.26
C ILE D 185 -8.38 32.16 -36.31
N GLY D 186 -8.84 33.21 -35.64
CA GLY D 186 -9.89 33.08 -34.64
C GLY D 186 -9.33 32.86 -33.25
N GLY D 187 -8.26 33.60 -32.94
CA GLY D 187 -7.57 33.44 -31.67
C GLY D 187 -8.13 34.30 -30.55
N GLY D 188 -9.28 34.92 -30.79
CA GLY D 188 -9.95 35.73 -29.78
C GLY D 188 -9.15 36.93 -29.33
N ARG D 189 -8.74 36.93 -28.07
CA ARG D 189 -8.00 38.04 -27.49
C ARG D 189 -6.49 37.84 -27.61
N GLY D 190 -6.09 36.71 -28.19
CA GLY D 190 -4.68 36.43 -28.42
C GLY D 190 -4.02 35.65 -27.31
N GLN D 191 -4.83 35.01 -26.47
CA GLN D 191 -4.31 34.27 -25.31
C GLN D 191 -3.34 33.15 -25.71
N PHE D 192 -3.77 32.28 -26.62
CA PHE D 192 -2.89 31.20 -27.08
C PHE D 192 -1.70 31.75 -27.85
N LEU D 193 -1.94 32.81 -28.62
CA LEU D 193 -0.89 33.42 -29.43
C LEU D 193 0.20 34.01 -28.54
N ALA D 194 -0.20 34.52 -27.37
CA ALA D 194 0.72 35.13 -26.42
C ALA D 194 1.66 34.10 -25.80
N GLY D 195 1.12 32.93 -25.50
CA GLY D 195 1.91 31.86 -24.92
C GLY D 195 3.01 31.39 -25.86
N VAL D 196 2.64 31.21 -27.13
CA VAL D 196 3.58 30.76 -28.16
C VAL D 196 4.71 31.76 -28.36
N LEU D 197 4.35 33.02 -28.60
CA LEU D 197 5.34 34.08 -28.82
C LEU D 197 6.22 34.29 -27.60
N THR D 198 5.71 33.95 -26.43
CA THR D 198 6.50 34.00 -25.21
C THR D 198 7.58 32.92 -25.24
N ALA D 199 7.20 31.75 -25.74
CA ALA D 199 8.12 30.60 -25.77
C ALA D 199 9.06 30.65 -26.97
N VAL D 200 8.68 31.40 -28.00
CA VAL D 200 9.53 31.53 -29.18
C VAL D 200 9.98 32.97 -29.38
N PRO D 201 11.25 33.25 -29.06
CA PRO D 201 11.82 34.60 -29.17
C PRO D 201 12.02 35.03 -30.62
N SER D 202 12.04 36.34 -30.85
CA SER D 202 12.24 36.92 -32.18
C SER D 202 11.21 36.43 -33.19
N SER D 203 10.04 36.03 -32.68
CA SER D 203 8.95 35.54 -33.52
C SER D 203 7.78 36.52 -33.50
N THR D 204 7.19 36.76 -34.68
CA THR D 204 6.05 37.67 -34.78
C THR D 204 4.77 36.88 -34.95
N GLY D 205 3.63 37.56 -34.83
CA GLY D 205 2.34 36.92 -34.95
C GLY D 205 1.29 37.79 -35.60
N VAL D 206 0.20 37.16 -36.00
CA VAL D 206 -0.95 37.87 -36.59
C VAL D 206 -2.24 37.35 -35.98
N LEU D 207 -3.04 38.26 -35.43
CA LEU D 207 -4.32 37.88 -34.84
C LEU D 207 -5.48 38.21 -35.77
N VAL D 208 -6.28 37.20 -36.10
CA VAL D 208 -7.40 37.36 -37.00
C VAL D 208 -8.71 36.95 -36.32
N ASP D 209 -9.56 37.93 -36.04
CA ASP D 209 -10.86 37.68 -35.40
C ASP D 209 -11.90 38.71 -35.78
N GLY D 210 -13.01 38.71 -35.05
CA GLY D 210 -14.10 39.64 -35.29
C GLY D 210 -13.97 40.91 -34.47
N PRO D 211 -14.83 41.90 -34.75
CA PRO D 211 -14.81 43.21 -34.09
C PRO D 211 -15.20 43.16 -32.62
N ALA D 212 -15.81 42.05 -32.19
CA ALA D 212 -16.32 41.94 -30.83
C ALA D 212 -15.20 41.85 -29.79
N VAL D 213 -14.03 41.34 -30.20
CA VAL D 213 -12.91 41.18 -29.29
C VAL D 213 -11.74 42.09 -29.66
N ALA D 214 -12.01 43.08 -30.50
CA ALA D 214 -10.98 43.99 -30.98
C ALA D 214 -10.30 44.74 -29.83
N ALA D 215 -11.10 45.43 -29.02
CA ALA D 215 -10.59 46.15 -27.86
C ALA D 215 -10.06 45.18 -26.81
N SER D 216 -10.70 44.02 -26.72
CA SER D 216 -10.28 42.97 -25.80
C SER D 216 -8.85 42.51 -26.12
N ALA D 217 -8.56 42.41 -27.41
CA ALA D 217 -7.25 41.93 -27.86
C ALA D 217 -6.14 42.93 -27.54
N HIS D 218 -6.35 44.19 -27.89
CA HIS D 218 -5.35 45.23 -27.69
C HIS D 218 -4.96 45.39 -26.23
N LYS D 219 -5.94 45.29 -25.33
CA LYS D 219 -5.66 45.45 -23.91
C LYS D 219 -4.85 44.30 -23.35
N PHE D 220 -5.24 43.06 -23.68
CA PHE D 220 -4.53 41.89 -23.18
C PHE D 220 -3.12 41.80 -23.73
N LEU D 221 -2.96 42.08 -25.02
CA LEU D 221 -1.64 42.02 -25.66
C LEU D 221 -0.70 43.04 -25.06
N ALA D 222 -1.24 44.19 -24.67
CA ALA D 222 -0.46 45.22 -23.99
C ALA D 222 0.04 44.70 -22.65
N SER D 223 -0.84 43.98 -21.96
CA SER D 223 -0.50 43.42 -20.64
C SER D 223 0.62 42.39 -20.75
N GLN D 224 0.80 41.86 -21.95
CA GLN D 224 1.85 40.90 -22.22
C GLN D 224 3.02 41.54 -22.98
N ASN D 225 2.94 42.85 -23.17
CA ASN D 225 3.97 43.60 -23.91
C ASN D 225 4.25 43.02 -25.30
N LEU D 226 3.19 42.60 -25.98
CA LEU D 226 3.33 41.98 -27.29
C LEU D 226 2.68 42.80 -28.39
N THR D 227 2.37 44.06 -28.09
CA THR D 227 1.68 44.94 -29.01
C THR D 227 2.44 45.11 -30.33
N GLU D 228 3.76 45.27 -30.23
CA GLU D 228 4.59 45.55 -31.40
C GLU D 228 4.99 44.28 -32.15
N ARG D 229 4.55 43.13 -31.65
CA ARG D 229 4.89 41.85 -32.27
C ARG D 229 3.66 41.21 -32.93
N VAL D 230 2.48 41.69 -32.57
CA VAL D 230 1.24 41.13 -33.09
C VAL D 230 0.45 42.13 -33.93
N GLU D 231 0.10 41.71 -35.14
CA GLU D 231 -0.77 42.49 -36.00
C GLU D 231 -2.22 42.02 -35.82
N VAL D 232 -3.10 42.92 -35.44
CA VAL D 232 -4.50 42.56 -35.17
C VAL D 232 -5.39 42.87 -36.36
N ARG D 233 -5.62 41.86 -37.20
CA ARG D 233 -6.48 42.03 -38.37
C ARG D 233 -7.94 41.79 -38.02
N ILE D 234 -8.77 42.80 -38.27
CA ILE D 234 -10.18 42.75 -37.93
C ILE D 234 -11.06 42.67 -39.17
N GLY D 235 -12.00 41.74 -39.19
CA GLY D 235 -12.91 41.60 -40.31
C GLY D 235 -13.43 40.18 -40.48
N ASP D 236 -13.50 39.73 -41.74
CA ASP D 236 -13.94 38.38 -42.04
C ASP D 236 -12.75 37.47 -42.31
N PHE D 237 -12.91 36.17 -42.03
CA PHE D 237 -11.85 35.19 -42.26
C PHE D 237 -11.46 35.09 -43.74
N PHE D 238 -12.47 35.05 -44.60
CA PHE D 238 -12.25 34.93 -46.04
C PHE D 238 -11.95 36.27 -46.68
N ASP D 239 -11.60 37.26 -45.86
CA ASP D 239 -11.33 38.60 -46.33
C ASP D 239 -9.94 39.08 -45.95
N VAL D 240 -9.71 39.18 -44.64
CA VAL D 240 -8.45 39.71 -44.12
C VAL D 240 -7.52 38.57 -43.67
N LEU D 241 -7.08 37.76 -44.62
CA LEU D 241 -6.21 36.63 -44.32
C LEU D 241 -4.76 36.96 -44.65
N PRO D 242 -3.86 36.83 -43.67
CA PRO D 242 -2.44 37.17 -43.81
C PRO D 242 -1.70 36.27 -44.81
N THR D 243 -0.66 36.82 -45.43
CA THR D 243 0.12 36.10 -46.42
C THR D 243 1.61 36.18 -46.11
N GLY D 244 2.27 35.03 -46.04
CA GLY D 244 3.69 34.98 -45.77
C GLY D 244 4.04 34.27 -44.47
N CYS D 245 3.00 33.92 -43.70
CA CYS D 245 3.20 33.20 -42.45
C CYS D 245 3.63 31.77 -42.73
N ASP D 246 4.40 31.18 -41.82
CA ASP D 246 4.87 29.81 -42.00
C ASP D 246 4.14 28.84 -41.08
N ALA D 247 3.20 29.37 -40.29
CA ALA D 247 2.39 28.53 -39.41
C ALA D 247 1.04 29.20 -39.12
N TYR D 248 -0.03 28.64 -39.69
CA TYR D 248 -1.38 29.09 -39.37
C TYR D 248 -1.97 28.17 -38.31
N VAL D 249 -2.59 28.78 -37.30
CA VAL D 249 -3.15 28.02 -36.19
C VAL D 249 -4.67 28.11 -36.13
N LEU D 250 -5.33 26.96 -36.23
CA LEU D 250 -6.77 26.87 -36.03
C LEU D 250 -7.06 26.14 -34.73
N ARG D 251 -7.20 26.89 -33.63
CA ARG D 251 -7.38 26.30 -32.31
C ARG D 251 -8.84 26.22 -31.89
N GLY D 252 -9.46 25.07 -32.15
CA GLY D 252 -10.84 24.83 -31.74
C GLY D 252 -11.84 25.71 -32.46
N VAL D 253 -11.41 26.31 -33.56
CA VAL D 253 -12.29 27.14 -34.38
C VAL D 253 -12.91 26.29 -35.47
N LEU D 254 -12.13 25.35 -36.00
CA LEU D 254 -12.60 24.46 -37.05
C LEU D 254 -13.49 23.37 -36.45
N GLU D 255 -13.55 23.33 -35.13
CA GLU D 255 -14.36 22.35 -34.41
C GLU D 255 -15.85 22.60 -34.64
N ASP D 256 -16.26 23.86 -34.59
CA ASP D 256 -17.66 24.23 -34.78
C ASP D 256 -17.86 24.93 -36.13
N TRP D 257 -17.67 24.18 -37.21
CA TRP D 257 -17.82 24.72 -38.56
C TRP D 257 -18.57 23.77 -39.47
N ALA D 258 -19.15 24.31 -40.55
CA ALA D 258 -19.83 23.49 -41.54
C ALA D 258 -18.81 22.68 -42.32
N ASP D 259 -19.25 21.56 -42.88
CA ASP D 259 -18.35 20.66 -43.59
C ASP D 259 -17.93 21.25 -44.95
N ALA D 260 -18.83 22.00 -45.56
CA ALA D 260 -18.58 22.57 -46.88
C ALA D 260 -17.63 23.76 -46.81
N ASP D 261 -17.91 24.70 -45.91
CA ASP D 261 -17.11 25.92 -45.79
C ASP D 261 -15.78 25.65 -45.08
N ALA D 262 -15.64 24.46 -44.50
CA ALA D 262 -14.39 24.06 -43.87
C ALA D 262 -13.29 23.91 -44.91
N VAL D 263 -13.61 23.25 -46.02
CA VAL D 263 -12.66 23.07 -47.11
C VAL D 263 -12.30 24.43 -47.72
N ARG D 264 -13.30 25.26 -47.97
CA ARG D 264 -13.09 26.57 -48.56
C ARG D 264 -12.30 27.50 -47.62
N LEU D 265 -12.30 27.16 -46.33
CA LEU D 265 -11.47 27.86 -45.37
C LEU D 265 -10.03 27.35 -45.46
N LEU D 266 -9.89 26.04 -45.62
CA LEU D 266 -8.58 25.42 -45.72
C LEU D 266 -7.90 25.74 -47.05
N VAL D 267 -8.70 25.93 -48.09
CA VAL D 267 -8.18 26.32 -49.40
C VAL D 267 -7.61 27.73 -49.32
N ARG D 268 -8.28 28.61 -48.59
CA ARG D 268 -7.80 29.96 -48.35
C ARG D 268 -6.47 29.97 -47.60
N ILE D 269 -6.34 29.05 -46.64
CA ILE D 269 -5.12 28.93 -45.85
C ILE D 269 -3.99 28.33 -46.68
N ARG D 270 -4.32 27.32 -47.49
CA ARG D 270 -3.34 26.71 -48.40
C ARG D 270 -2.85 27.72 -49.43
N GLN D 271 -3.75 28.56 -49.90
CA GLN D 271 -3.43 29.56 -50.91
C GLN D 271 -2.67 30.73 -50.31
N ALA D 272 -2.66 30.79 -48.97
CA ALA D 272 -1.95 31.85 -48.26
C ALA D 272 -0.51 31.44 -47.96
N MET D 273 -0.31 30.14 -47.75
CA MET D 273 1.02 29.60 -47.44
C MET D 273 1.98 29.72 -48.62
N GLY D 274 1.44 29.69 -49.83
CA GLY D 274 2.26 29.68 -51.03
C GLY D 274 2.81 28.30 -51.28
N ASP D 275 4.06 28.23 -51.75
CA ASP D 275 4.69 26.94 -52.04
C ASP D 275 5.84 26.65 -51.08
N ALA D 276 5.82 27.27 -49.91
CA ALA D 276 6.85 27.04 -48.90
C ALA D 276 6.74 25.64 -48.31
N PRO D 277 7.75 24.80 -48.56
CA PRO D 277 7.73 23.39 -48.12
C PRO D 277 7.76 23.23 -46.61
N GLU D 278 8.30 24.22 -45.90
CA GLU D 278 8.40 24.13 -44.44
C GLU D 278 7.18 24.69 -43.73
N ALA D 279 6.31 25.37 -44.48
CA ALA D 279 5.10 25.95 -43.90
C ALA D 279 4.10 24.87 -43.49
N ARG D 280 3.61 24.96 -42.25
CA ARG D 280 2.72 23.95 -41.72
C ARG D 280 1.38 24.52 -41.26
N LEU D 281 0.33 23.72 -41.40
CA LEU D 281 -0.97 24.06 -40.83
C LEU D 281 -1.15 23.32 -39.51
N LEU D 282 -1.30 24.08 -38.43
CA LEU D 282 -1.42 23.49 -37.11
C LEU D 282 -2.84 23.55 -36.58
N ILE D 283 -3.58 22.45 -36.75
CA ILE D 283 -4.92 22.37 -36.20
C ILE D 283 -4.89 21.80 -34.80
N LEU D 284 -5.47 22.53 -33.86
CA LEU D 284 -5.55 22.10 -32.47
C LEU D 284 -6.96 21.62 -32.16
N ASP D 285 -7.11 20.33 -31.89
CA ASP D 285 -8.42 19.74 -31.62
C ASP D 285 -8.29 18.34 -31.00
N SER D 286 -9.32 17.93 -30.27
CA SER D 286 -9.35 16.60 -29.69
C SER D 286 -9.77 15.57 -30.75
N VAL D 287 -8.95 14.55 -30.93
CA VAL D 287 -9.17 13.57 -32.00
C VAL D 287 -9.76 12.27 -31.47
N ILE D 288 -10.95 11.93 -31.97
CA ILE D 288 -11.64 10.71 -31.58
C ILE D 288 -10.78 9.47 -31.83
N GLY D 289 -10.59 8.67 -30.79
CA GLY D 289 -9.80 7.46 -30.92
C GLY D 289 -8.35 7.64 -30.51
N GLU D 290 -7.88 8.87 -30.60
CA GLU D 290 -6.51 9.19 -30.22
C GLU D 290 -6.44 10.17 -29.06
N THR D 291 -7.60 10.48 -28.49
CA THR D 291 -7.64 11.27 -27.27
C THR D 291 -7.63 10.33 -26.06
N GLY D 292 -7.18 10.84 -24.92
CA GLY D 292 -7.12 10.06 -23.71
C GLY D 292 -8.50 9.72 -23.18
N GLU D 293 -8.56 9.03 -22.05
CA GLU D 293 -9.83 8.66 -21.45
C GLU D 293 -10.57 9.90 -20.95
N LEU D 294 -9.81 10.92 -20.58
CA LEU D 294 -10.40 12.19 -20.17
C LEU D 294 -11.07 12.87 -21.34
N GLY D 295 -10.59 12.59 -22.55
CA GLY D 295 -11.17 13.15 -23.75
C GLY D 295 -12.53 12.57 -24.06
N LYS D 296 -12.71 11.29 -23.75
CA LYS D 296 -13.98 10.62 -24.00
C LYS D 296 -15.08 11.14 -23.09
N VAL D 297 -14.72 11.43 -21.84
CA VAL D 297 -15.66 11.94 -20.85
C VAL D 297 -16.06 13.39 -21.14
N LEU D 298 -15.07 14.21 -21.49
CA LEU D 298 -15.30 15.62 -21.81
C LEU D 298 -16.19 15.82 -23.04
N ASP D 299 -16.48 14.73 -23.75
CA ASP D 299 -17.35 14.79 -24.91
C ASP D 299 -18.79 14.96 -24.48
N LEU D 300 -19.05 14.79 -23.19
CA LEU D 300 -20.39 14.97 -22.64
C LEU D 300 -20.88 16.39 -22.85
N ASP D 301 -19.96 17.35 -22.81
CA ASP D 301 -20.29 18.75 -23.01
C ASP D 301 -20.80 19.01 -24.43
N MET D 302 -20.17 18.36 -25.40
CA MET D 302 -20.58 18.49 -26.80
C MET D 302 -21.86 17.72 -27.05
N LEU D 303 -22.17 16.79 -26.15
CA LEU D 303 -23.36 15.95 -26.27
C LEU D 303 -24.58 16.66 -25.70
N VAL D 304 -24.34 17.71 -24.93
CA VAL D 304 -25.41 18.39 -24.22
C VAL D 304 -25.65 19.81 -24.74
N LEU D 305 -24.57 20.58 -24.86
CA LEU D 305 -24.66 22.00 -25.18
C LEU D 305 -24.72 22.31 -26.67
N VAL D 306 -23.78 21.74 -27.43
CA VAL D 306 -23.61 22.16 -28.82
C VAL D 306 -23.79 21.02 -29.83
N GLU D 307 -23.54 21.35 -31.09
CA GLU D 307 -23.68 20.40 -32.19
C GLU D 307 -22.31 19.93 -32.67
N GLY D 308 -21.29 20.70 -32.34
CA GLY D 308 -19.93 20.42 -32.76
C GLY D 308 -19.41 19.10 -32.22
N GLU D 309 -19.06 18.20 -33.14
CA GLU D 309 -18.53 16.90 -32.77
C GLU D 309 -17.08 16.75 -33.21
N HIS D 310 -16.27 16.12 -32.38
CA HIS D 310 -14.88 15.87 -32.71
C HIS D 310 -14.79 14.85 -33.84
N ARG D 311 -13.77 15.00 -34.70
CA ARG D 311 -13.59 14.11 -35.83
C ARG D 311 -12.54 13.03 -35.55
N THR D 312 -12.65 11.90 -36.25
CA THR D 312 -11.64 10.85 -36.16
C THR D 312 -10.48 11.20 -37.09
N ARG D 313 -9.39 10.45 -36.98
CA ARG D 313 -8.22 10.66 -37.83
C ARG D 313 -8.59 10.49 -39.31
N ALA D 314 -9.46 9.52 -39.58
CA ALA D 314 -9.87 9.23 -40.95
C ALA D 314 -10.68 10.38 -41.54
N GLN D 315 -11.57 10.95 -40.73
CA GLN D 315 -12.40 12.05 -41.17
C GLN D 315 -11.57 13.30 -41.45
N TRP D 316 -10.55 13.53 -40.62
CA TRP D 316 -9.65 14.66 -40.79
C TRP D 316 -8.86 14.55 -42.08
N ASP D 317 -8.34 13.36 -42.36
CA ASP D 317 -7.57 13.11 -43.56
C ASP D 317 -8.40 13.37 -44.81
N ASP D 318 -9.65 12.93 -44.78
CA ASP D 318 -10.57 13.10 -45.90
C ASP D 318 -10.83 14.58 -46.16
N LEU D 319 -11.03 15.33 -45.08
CA LEU D 319 -11.33 16.75 -45.17
C LEU D 319 -10.14 17.56 -45.66
N LEU D 320 -8.97 17.27 -45.11
CA LEU D 320 -7.75 18.00 -45.45
C LEU D 320 -7.28 17.71 -46.88
N ALA D 321 -7.44 16.47 -47.32
CA ALA D 321 -7.02 16.08 -48.66
C ALA D 321 -7.83 16.79 -49.74
N ARG D 322 -9.05 17.18 -49.40
CA ARG D 322 -9.92 17.91 -50.32
C ARG D 322 -9.40 19.33 -50.56
N ALA D 323 -8.51 19.80 -49.70
CA ALA D 323 -8.02 21.17 -49.77
C ALA D 323 -6.53 21.23 -50.10
N GLY D 324 -5.90 20.07 -50.27
CA GLY D 324 -4.50 20.01 -50.62
C GLY D 324 -3.57 19.88 -49.41
N PHE D 325 -4.10 19.28 -48.33
CA PHE D 325 -3.30 19.06 -47.13
C PHE D 325 -3.18 17.57 -46.81
N ASP D 326 -2.12 17.22 -46.10
CA ASP D 326 -1.95 15.86 -45.59
C ASP D 326 -1.31 15.91 -44.20
N ILE D 327 -1.79 15.05 -43.31
CA ILE D 327 -1.29 15.00 -41.95
C ILE D 327 0.14 14.46 -41.88
N VAL D 328 1.07 15.29 -41.43
CA VAL D 328 2.45 14.86 -41.24
C VAL D 328 2.51 13.98 -39.99
N GLY D 329 1.72 14.34 -38.99
CA GLY D 329 1.61 13.57 -37.77
C GLY D 329 0.66 14.19 -36.76
N ILE D 330 0.13 13.37 -35.86
CA ILE D 330 -0.75 13.88 -34.81
C ILE D 330 -0.06 13.75 -33.45
N HIS D 331 0.37 14.89 -32.90
CA HIS D 331 1.09 14.91 -31.64
C HIS D 331 0.12 15.05 -30.46
N PRO D 332 0.17 14.10 -29.51
CA PRO D 332 -0.70 14.13 -28.33
C PRO D 332 -0.33 15.26 -27.37
N ALA D 333 -1.24 16.22 -27.20
CA ALA D 333 -1.00 17.34 -26.29
C ALA D 333 -1.79 17.16 -24.99
N GLY D 334 -1.19 16.48 -24.03
CA GLY D 334 -1.87 16.14 -22.80
C GLY D 334 -2.67 14.86 -22.96
N ASP D 335 -3.77 14.76 -22.23
CA ASP D 335 -4.61 13.57 -22.29
C ASP D 335 -5.97 13.87 -22.90
N VAL D 336 -6.08 14.99 -23.59
CA VAL D 336 -7.34 15.38 -24.22
C VAL D 336 -7.13 15.83 -25.66
N TRP D 337 -6.35 16.90 -25.83
CA TRP D 337 -6.16 17.51 -27.13
C TRP D 337 -4.92 16.97 -27.84
N ALA D 338 -4.86 17.20 -29.15
CA ALA D 338 -3.73 16.76 -29.96
C ALA D 338 -3.44 17.74 -31.09
N VAL D 339 -2.16 17.96 -31.37
CA VAL D 339 -1.77 18.87 -32.43
C VAL D 339 -1.74 18.17 -33.78
N ILE D 340 -2.57 18.63 -34.71
CA ILE D 340 -2.60 18.07 -36.05
C ILE D 340 -1.69 18.86 -36.98
N GLU D 341 -0.51 18.31 -37.27
CA GLU D 341 0.43 18.98 -38.16
C GLU D 341 0.11 18.65 -39.62
N CYS D 342 -0.05 19.68 -40.44
CA CYS D 342 -0.38 19.48 -41.85
C CYS D 342 0.56 20.27 -42.74
N ARG D 343 0.91 19.69 -43.88
CA ARG D 343 1.75 20.37 -44.86
C ARG D 343 1.03 20.48 -46.20
N GLY D 344 1.21 21.61 -46.87
CA GLY D 344 0.64 21.81 -48.20
C GLY D 344 1.27 20.87 -49.21
N THR D 345 0.46 20.39 -50.14
CA THR D 345 0.92 19.46 -51.17
C THR D 345 1.04 20.13 -52.54
N ARG E 11 0.94 -5.33 -8.12
CA ARG E 11 2.12 -5.73 -8.88
C ARG E 11 1.97 -5.39 -10.35
N THR E 12 2.92 -4.63 -10.89
CA THR E 12 2.90 -4.20 -12.27
C THR E 12 3.12 -5.35 -13.25
N ALA E 13 2.90 -5.08 -14.54
CA ALA E 13 3.05 -6.10 -15.56
C ALA E 13 4.50 -6.57 -15.70
N ALA E 14 5.44 -5.70 -15.34
CA ALA E 14 6.85 -6.00 -15.49
C ALA E 14 7.34 -6.93 -14.39
N GLN E 15 6.86 -6.71 -13.17
CA GLN E 15 7.29 -7.50 -12.03
C GLN E 15 6.69 -8.91 -12.08
N ARG E 16 5.53 -9.05 -12.71
CA ARG E 16 4.94 -10.37 -12.88
C ARG E 16 5.75 -11.21 -13.86
N LEU E 17 6.24 -10.58 -14.93
CA LEU E 17 7.11 -11.27 -15.88
C LEU E 17 8.41 -11.72 -15.21
N TYR E 18 9.06 -10.80 -14.50
CA TYR E 18 10.33 -11.13 -13.84
C TYR E 18 10.15 -12.28 -12.85
N GLN E 19 9.05 -12.24 -12.10
CA GLN E 19 8.78 -13.26 -11.10
C GLN E 19 8.52 -14.62 -11.76
N TYR E 20 7.95 -14.59 -12.96
CA TYR E 20 7.76 -15.81 -13.74
C TYR E 20 9.09 -16.42 -14.16
N ASN E 21 10.08 -15.55 -14.38
CA ASN E 21 11.43 -15.99 -14.76
C ASN E 21 12.16 -16.57 -13.55
N VAL E 22 11.94 -15.96 -12.39
CA VAL E 22 12.50 -16.44 -11.13
C VAL E 22 11.89 -17.77 -10.70
N ASP E 23 10.57 -17.84 -10.69
CA ASP E 23 9.86 -19.04 -10.26
C ASP E 23 10.22 -20.25 -11.12
N LEU E 24 10.57 -19.98 -12.37
CA LEU E 24 11.04 -21.04 -13.27
C LEU E 24 12.28 -21.70 -12.69
N LYS E 25 13.20 -20.88 -12.20
CA LYS E 25 14.44 -21.36 -11.60
C LYS E 25 14.20 -22.10 -10.29
N VAL E 26 13.23 -21.63 -9.50
CA VAL E 26 12.90 -22.30 -8.25
C VAL E 26 12.35 -23.69 -8.49
N ALA E 27 11.51 -23.83 -9.52
CA ALA E 27 10.98 -25.15 -9.91
C ALA E 27 12.10 -26.15 -10.18
N PHE E 28 13.19 -25.69 -10.78
CA PHE E 28 14.33 -26.56 -11.05
C PHE E 28 15.12 -26.86 -9.77
N VAL E 29 15.21 -25.87 -8.88
CA VAL E 29 15.86 -26.08 -7.60
C VAL E 29 15.15 -27.16 -6.79
N LEU E 30 13.83 -27.06 -6.70
CA LEU E 30 13.05 -28.01 -5.88
C LEU E 30 13.05 -29.41 -6.49
N TYR E 31 13.12 -29.49 -7.81
CA TYR E 31 13.18 -30.77 -8.49
C TYR E 31 14.48 -31.50 -8.15
N ALA E 32 15.59 -30.77 -8.18
CA ALA E 32 16.90 -31.36 -7.92
C ALA E 32 17.01 -31.84 -6.49
N VAL E 33 16.47 -31.04 -5.56
CA VAL E 33 16.49 -31.38 -4.14
C VAL E 33 15.67 -32.64 -3.86
N ALA E 34 14.50 -32.72 -4.48
CA ALA E 34 13.65 -33.90 -4.32
C ALA E 34 14.29 -35.15 -4.94
N LYS E 35 14.87 -35.00 -6.13
CA LYS E 35 15.53 -36.10 -6.82
C LYS E 35 16.73 -36.63 -6.04
N LEU E 36 17.43 -35.74 -5.37
CA LEU E 36 18.59 -36.13 -4.55
C LEU E 36 18.15 -36.69 -3.20
N HIS E 37 16.83 -36.76 -3.00
CA HIS E 37 16.24 -37.25 -1.76
C HIS E 37 16.75 -36.50 -0.54
N LEU E 38 17.08 -35.22 -0.74
CA LEU E 38 17.54 -34.38 0.35
C LEU E 38 16.50 -34.19 1.47
N PRO E 39 15.22 -33.96 1.13
CA PRO E 39 14.26 -33.81 2.23
C PRO E 39 14.16 -35.05 3.11
N ASP E 40 14.28 -36.22 2.51
CA ASP E 40 14.25 -37.48 3.24
C ASP E 40 15.50 -37.64 4.11
N LEU E 41 16.64 -37.22 3.58
CA LEU E 41 17.91 -37.30 4.32
C LEU E 41 17.93 -36.35 5.52
N LEU E 42 17.11 -35.30 5.48
CA LEU E 42 17.08 -34.31 6.55
C LEU E 42 15.91 -34.50 7.50
N ALA E 43 15.14 -35.57 7.29
CA ALA E 43 13.91 -35.79 8.04
C ALA E 43 14.15 -35.94 9.55
N ASP E 44 15.32 -36.43 9.94
CA ASP E 44 15.63 -36.67 11.35
C ASP E 44 16.34 -35.49 12.02
N GLY E 45 16.75 -34.51 11.24
CA GLY E 45 17.44 -33.35 11.79
C GLY E 45 18.48 -32.74 10.87
N PRO E 46 19.14 -31.67 11.34
CA PRO E 46 20.12 -30.91 10.54
C PRO E 46 21.39 -31.70 10.25
N ARG E 47 21.91 -31.56 9.03
CA ARG E 47 23.14 -32.23 8.63
C ARG E 47 24.04 -31.27 7.87
N THR E 48 25.35 -31.49 7.95
CA THR E 48 26.31 -30.61 7.29
C THR E 48 26.37 -30.85 5.78
N THR E 49 27.01 -29.92 5.08
CA THR E 49 27.21 -30.03 3.64
C THR E 49 28.05 -31.26 3.31
N ALA E 50 29.10 -31.46 4.10
CA ALA E 50 30.01 -32.60 3.89
C ALA E 50 29.27 -33.93 4.08
N ASP E 51 28.43 -33.99 5.10
CA ASP E 51 27.65 -35.19 5.38
C ASP E 51 26.75 -35.53 4.20
N LEU E 52 25.99 -34.54 3.74
CA LEU E 52 25.03 -34.74 2.66
C LEU E 52 25.72 -35.03 1.33
N ALA E 53 26.93 -34.50 1.17
CA ALA E 53 27.70 -34.73 -0.06
C ALA E 53 28.13 -36.18 -0.18
N ALA E 54 28.51 -36.78 0.94
CA ALA E 54 28.92 -38.18 0.96
C ALA E 54 27.72 -39.11 1.03
N ALA E 55 26.55 -38.54 1.29
CA ALA E 55 25.31 -39.32 1.32
C ALA E 55 24.72 -39.40 -0.08
N THR E 56 25.03 -38.40 -0.90
CA THR E 56 24.49 -38.33 -2.25
C THR E 56 25.57 -38.50 -3.30
N GLY E 57 26.81 -38.64 -2.86
CA GLY E 57 27.94 -38.78 -3.77
C GLY E 57 28.08 -37.57 -4.65
N SER E 58 27.99 -36.39 -4.03
CA SER E 58 28.00 -35.15 -4.79
C SER E 58 29.20 -34.28 -4.42
N ASP E 59 29.57 -33.38 -5.32
CA ASP E 59 30.62 -32.42 -5.03
C ASP E 59 30.12 -31.43 -3.97
N PRO E 60 30.83 -31.33 -2.84
CA PRO E 60 30.42 -30.51 -1.70
C PRO E 60 30.25 -29.03 -2.03
N SER E 61 31.12 -28.51 -2.90
CA SER E 61 31.09 -27.09 -3.25
C SER E 61 29.83 -26.72 -4.03
N ARG E 62 29.45 -27.58 -4.97
CA ARG E 62 28.27 -27.31 -5.79
C ARG E 62 26.98 -27.75 -5.10
N LEU E 63 27.09 -28.73 -4.19
CA LEU E 63 25.93 -29.14 -3.42
C LEU E 63 25.53 -28.02 -2.48
N ARG E 64 26.52 -27.37 -1.87
CA ARG E 64 26.26 -26.26 -0.96
C ARG E 64 25.49 -25.15 -1.65
N ARG E 65 25.87 -24.85 -2.89
CA ARG E 65 25.23 -23.78 -3.66
C ARG E 65 23.79 -24.13 -4.02
N LEU E 66 23.50 -25.42 -4.22
CA LEU E 66 22.14 -25.85 -4.46
C LEU E 66 21.33 -25.82 -3.16
N LEU E 67 21.92 -26.35 -2.10
CA LEU E 67 21.29 -26.30 -0.78
C LEU E 67 21.00 -24.86 -0.37
N ARG E 68 21.98 -23.98 -0.57
CA ARG E 68 21.81 -22.56 -0.26
C ARG E 68 20.68 -21.95 -1.08
N ALA E 69 20.58 -22.35 -2.35
CA ALA E 69 19.51 -21.89 -3.22
C ALA E 69 18.17 -22.42 -2.74
N ALA E 70 18.17 -23.63 -2.19
CA ALA E 70 16.96 -24.22 -1.63
C ALA E 70 16.49 -23.44 -0.39
N ALA E 71 17.45 -22.96 0.39
CA ALA E 71 17.14 -22.11 1.54
C ALA E 71 16.61 -20.75 1.09
N GLY E 72 17.14 -20.25 -0.01
CA GLY E 72 16.67 -19.00 -0.58
C GLY E 72 15.22 -19.08 -1.03
N ALA E 73 14.78 -20.27 -1.39
CA ALA E 73 13.40 -20.48 -1.81
C ALA E 73 12.52 -20.92 -0.64
N ASP E 74 13.09 -20.89 0.56
CA ASP E 74 12.42 -21.32 1.79
C ASP E 74 11.99 -22.78 1.77
N ALA E 75 12.76 -23.63 1.10
CA ALA E 75 12.54 -25.08 1.19
C ALA E 75 13.31 -25.63 2.38
N LEU E 76 14.49 -25.06 2.62
CA LEU E 76 15.34 -25.45 3.73
C LEU E 76 15.70 -24.23 4.58
N ARG E 77 16.46 -24.47 5.65
CA ARG E 77 17.00 -23.37 6.45
C ARG E 77 18.52 -23.50 6.54
N GLU E 78 19.23 -22.38 6.39
CA GLU E 78 20.67 -22.36 6.60
C GLU E 78 21.02 -22.38 8.09
N VAL E 79 21.46 -23.54 8.56
CA VAL E 79 21.87 -23.72 9.94
C VAL E 79 23.36 -23.41 10.09
N PRO E 80 23.72 -22.62 11.13
CA PRO E 80 25.10 -22.23 11.42
C PRO E 80 26.10 -23.39 11.40
N GLU E 81 27.36 -23.06 11.11
CA GLU E 81 28.44 -24.02 10.95
C GLU E 81 28.19 -24.95 9.76
N ASP E 82 27.87 -24.35 8.62
CA ASP E 82 27.68 -25.06 7.35
C ASP E 82 26.76 -26.28 7.46
N SER E 83 25.46 -26.04 7.62
CA SER E 83 24.49 -27.11 7.76
C SER E 83 23.13 -26.69 7.22
N PHE E 84 22.22 -27.64 7.12
CA PHE E 84 20.88 -27.38 6.60
C PHE E 84 19.84 -28.24 7.34
N GLU E 85 18.66 -27.67 7.56
CA GLU E 85 17.56 -28.41 8.17
C GLU E 85 16.27 -28.07 7.44
N LEU E 86 15.29 -28.97 7.53
CA LEU E 86 14.03 -28.81 6.81
C LEU E 86 13.26 -27.56 7.21
N ALA E 87 12.70 -26.90 6.21
CA ALA E 87 11.72 -25.83 6.42
C ALA E 87 10.34 -26.40 6.05
N PRO E 88 9.24 -25.75 6.48
CA PRO E 88 7.91 -26.33 6.24
C PRO E 88 7.60 -26.72 4.80
N MET E 89 8.13 -25.98 3.82
CA MET E 89 7.87 -26.30 2.41
C MET E 89 8.72 -27.47 1.93
N GLY E 90 9.90 -27.63 2.54
CA GLY E 90 10.75 -28.77 2.22
C GLY E 90 10.21 -30.05 2.84
N ASP E 91 9.48 -29.89 3.93
CA ASP E 91 8.85 -31.03 4.61
C ASP E 91 7.82 -31.71 3.72
N LEU E 92 7.16 -30.91 2.88
CA LEU E 92 6.14 -31.42 1.97
C LEU E 92 6.76 -32.13 0.76
N LEU E 93 8.07 -32.02 0.60
CA LEU E 93 8.75 -32.66 -0.52
C LEU E 93 9.25 -34.05 -0.16
N ARG E 94 9.05 -34.46 1.10
CA ARG E 94 9.33 -35.83 1.51
C ARG E 94 8.23 -36.74 1.00
N SER E 95 8.61 -37.95 0.58
CA SER E 95 7.65 -38.92 0.09
C SER E 95 6.74 -39.41 1.21
N GLY E 96 7.31 -39.57 2.40
CA GLY E 96 6.59 -40.15 3.52
C GLY E 96 5.59 -39.23 4.19
N HIS E 97 5.58 -37.96 3.80
CA HIS E 97 4.67 -36.99 4.39
C HIS E 97 3.22 -37.29 3.97
N PRO E 98 2.29 -37.30 4.94
CA PRO E 98 0.89 -37.65 4.68
C PRO E 98 0.20 -36.70 3.70
N ARG E 99 0.72 -35.48 3.56
CA ARG E 99 0.18 -34.53 2.60
C ARG E 99 1.27 -34.13 1.61
N SER E 100 2.08 -35.12 1.23
CA SER E 100 3.22 -34.91 0.34
C SER E 100 2.86 -34.29 -1.00
N MET E 101 3.78 -33.50 -1.55
CA MET E 101 3.60 -32.91 -2.86
C MET E 101 4.83 -33.12 -3.72
N ARG E 102 5.58 -34.18 -3.43
CA ARG E 102 6.81 -34.49 -4.15
C ARG E 102 6.54 -34.96 -5.57
N GLY E 103 5.43 -35.67 -5.76
CA GLY E 103 5.08 -36.17 -7.07
C GLY E 103 4.97 -35.08 -8.13
N MET E 104 4.23 -34.03 -7.81
CA MET E 104 3.96 -32.96 -8.79
C MET E 104 5.18 -32.07 -9.03
N THR E 105 6.10 -32.05 -8.07
CA THR E 105 7.29 -31.22 -8.18
C THR E 105 8.37 -31.91 -9.01
N THR E 106 8.29 -33.23 -9.09
CA THR E 106 9.30 -34.01 -9.81
C THR E 106 8.88 -34.39 -11.23
N PHE E 107 7.61 -34.79 -11.42
CA PHE E 107 7.17 -35.27 -12.72
C PHE E 107 7.24 -34.22 -13.84
N PHE E 108 6.72 -33.03 -13.55
CA PHE E 108 6.59 -31.99 -14.57
C PHE E 108 7.91 -31.27 -14.81
N ALA E 109 8.92 -31.60 -14.03
CA ALA E 109 10.26 -31.04 -14.23
C ALA E 109 11.23 -32.11 -14.70
N GLU E 110 10.72 -33.33 -14.88
CA GLU E 110 11.51 -34.44 -15.42
C GLU E 110 11.96 -34.09 -16.83
N PRO E 111 13.25 -34.33 -17.13
CA PRO E 111 13.86 -34.04 -18.44
C PRO E 111 13.05 -34.57 -19.64
N ASP E 112 12.49 -35.76 -19.53
CA ASP E 112 11.72 -36.33 -20.62
C ASP E 112 10.38 -35.61 -20.82
N VAL E 113 9.76 -35.24 -19.71
CA VAL E 113 8.52 -34.45 -19.73
C VAL E 113 8.83 -33.03 -20.16
N LEU E 114 9.94 -32.50 -19.65
CA LEU E 114 10.39 -31.15 -19.97
C LEU E 114 10.60 -30.96 -21.47
N ALA E 115 11.13 -32.01 -22.12
CA ALA E 115 11.41 -31.95 -23.56
C ALA E 115 10.12 -31.96 -24.38
N ALA E 116 9.05 -32.48 -23.80
CA ALA E 116 7.75 -32.50 -24.48
C ALA E 116 7.12 -31.12 -24.47
N TYR E 117 7.20 -30.45 -23.32
CA TYR E 117 6.67 -29.11 -23.16
C TYR E 117 7.45 -28.11 -24.02
N GLY E 118 8.69 -28.47 -24.35
CA GLY E 118 9.53 -27.62 -25.17
C GLY E 118 9.24 -27.76 -26.65
N ASP E 119 8.52 -28.82 -27.01
CA ASP E 119 8.14 -29.08 -28.39
C ASP E 119 6.76 -28.50 -28.71
N LEU E 120 6.31 -27.58 -27.88
CA LEU E 120 4.97 -27.00 -28.01
C LEU E 120 4.80 -26.20 -29.30
N VAL E 121 5.85 -25.50 -29.71
CA VAL E 121 5.79 -24.64 -30.90
C VAL E 121 5.55 -25.47 -32.17
N GLU E 122 6.36 -26.52 -32.34
CA GLU E 122 6.21 -27.43 -33.46
C GLU E 122 4.84 -28.10 -33.43
N SER E 123 4.33 -28.33 -32.22
CA SER E 123 3.04 -28.98 -32.03
C SER E 123 1.90 -28.14 -32.60
N VAL E 124 1.93 -26.83 -32.35
CA VAL E 124 0.90 -25.93 -32.83
C VAL E 124 0.94 -25.80 -34.35
N ARG E 125 2.13 -25.95 -34.93
CA ARG E 125 2.32 -25.82 -36.36
C ARG E 125 2.07 -27.12 -37.14
N THR E 126 2.00 -28.24 -36.43
CA THR E 126 1.83 -29.53 -37.09
C THR E 126 0.52 -30.22 -36.74
N GLY E 127 -0.07 -29.85 -35.61
CA GLY E 127 -1.33 -30.43 -35.18
C GLY E 127 -1.12 -31.68 -34.34
N VAL E 128 0.08 -32.23 -34.38
CA VAL E 128 0.44 -33.40 -33.60
C VAL E 128 0.75 -32.99 -32.15
N PRO E 129 0.23 -33.76 -31.18
CA PRO E 129 0.53 -33.53 -29.76
C PRO E 129 2.04 -33.46 -29.48
N ALA E 130 2.42 -32.58 -28.55
CA ALA E 130 3.84 -32.32 -28.27
C ALA E 130 4.60 -33.57 -27.85
N PHE E 131 4.08 -34.27 -26.84
CA PHE E 131 4.70 -35.49 -26.36
C PHE E 131 4.77 -36.55 -27.47
N GLN E 132 3.78 -36.53 -28.35
CA GLN E 132 3.71 -37.44 -29.48
C GLN E 132 4.79 -37.15 -30.51
N LEU E 133 5.30 -35.92 -30.50
CA LEU E 133 6.34 -35.49 -31.44
C LEU E 133 7.74 -35.78 -30.94
N ARG E 134 7.94 -35.57 -29.64
CA ARG E 134 9.26 -35.73 -29.04
C ARG E 134 9.66 -37.20 -28.90
N HIS E 135 8.71 -38.04 -28.48
CA HIS E 135 9.03 -39.43 -28.19
C HIS E 135 8.36 -40.41 -29.16
N ARG E 136 7.63 -39.87 -30.13
CA ARG E 136 7.04 -40.66 -31.21
C ARG E 136 6.05 -41.74 -30.72
N GLU E 137 5.49 -41.52 -29.53
CA GLU E 137 4.49 -42.42 -28.95
C GLU E 137 3.74 -41.71 -27.83
N PRO E 138 2.50 -42.14 -27.54
CA PRO E 138 1.72 -41.52 -26.46
C PRO E 138 2.33 -41.72 -25.08
N LEU E 139 1.95 -40.86 -24.15
CA LEU E 139 2.49 -40.85 -22.78
C LEU E 139 2.39 -42.21 -22.08
N TYR E 140 1.26 -42.89 -22.24
CA TYR E 140 1.02 -44.14 -21.53
C TYR E 140 1.86 -45.29 -22.08
N ASP E 141 2.31 -45.16 -23.32
CA ASP E 141 3.24 -46.11 -23.90
C ASP E 141 4.65 -45.86 -23.36
N PHE E 142 4.97 -44.58 -23.21
CA PHE E 142 6.24 -44.17 -22.61
C PHE E 142 6.37 -44.69 -21.19
N LEU E 143 5.34 -44.45 -20.38
CA LEU E 143 5.34 -44.85 -18.97
C LEU E 143 5.25 -46.37 -18.78
N ALA E 144 4.97 -47.10 -19.85
CA ALA E 144 4.81 -48.55 -19.77
C ALA E 144 6.16 -49.27 -19.84
N ARG E 145 7.21 -48.51 -20.09
CA ARG E 145 8.56 -49.07 -20.17
C ARG E 145 9.19 -49.20 -18.79
N PRO E 146 9.88 -50.33 -18.55
CA PRO E 146 10.49 -50.62 -17.25
C PRO E 146 11.53 -49.58 -16.82
N GLN E 147 12.25 -48.98 -17.75
CA GLN E 147 13.28 -48.00 -17.41
C GLN E 147 12.67 -46.67 -16.98
N HIS E 148 11.39 -46.48 -17.26
CA HIS E 148 10.71 -45.24 -16.89
C HIS E 148 9.79 -45.42 -15.70
N LYS E 149 10.02 -46.48 -14.93
CA LYS E 149 9.17 -46.82 -13.79
C LYS E 149 9.05 -45.68 -12.77
N GLU E 150 10.17 -45.05 -12.44
CA GLU E 150 10.18 -43.98 -11.45
C GLU E 150 9.32 -42.81 -11.92
N VAL E 151 9.39 -42.48 -13.20
CA VAL E 151 8.59 -41.39 -13.76
C VAL E 151 7.10 -41.71 -13.69
N ARG E 152 6.76 -42.98 -13.88
CA ARG E 152 5.36 -43.41 -13.80
C ARG E 152 4.83 -43.25 -12.37
N ASP E 153 5.66 -43.59 -11.39
CA ASP E 153 5.26 -43.46 -9.99
C ASP E 153 5.04 -42.00 -9.61
N GLU E 154 5.90 -41.12 -10.13
CA GLU E 154 5.78 -39.69 -9.87
C GLU E 154 4.54 -39.11 -10.55
N PHE E 155 4.17 -39.68 -11.70
CA PHE E 155 2.98 -39.29 -12.43
C PHE E 155 1.71 -39.66 -11.68
N ASP E 156 1.68 -40.88 -11.14
CA ASP E 156 0.54 -41.35 -10.37
C ASP E 156 0.36 -40.53 -9.09
N ALA E 157 1.47 -40.24 -8.43
CA ALA E 157 1.45 -39.48 -7.18
C ALA E 157 0.98 -38.04 -7.43
N ALA E 158 1.42 -37.46 -8.54
CA ALA E 158 1.06 -36.10 -8.89
C ALA E 158 -0.46 -35.94 -9.05
N MET E 159 -1.09 -36.94 -9.66
CA MET E 159 -2.54 -36.93 -9.85
C MET E 159 -3.28 -37.03 -8.52
N VAL E 160 -2.78 -37.88 -7.63
CA VAL E 160 -3.38 -38.03 -6.31
C VAL E 160 -3.24 -36.74 -5.51
N GLU E 161 -2.07 -36.11 -5.60
CA GLU E 161 -1.76 -34.91 -4.83
C GLU E 161 -2.64 -33.73 -5.25
N PHE E 162 -3.03 -33.71 -6.52
CA PHE E 162 -3.97 -32.70 -7.00
C PHE E 162 -5.34 -32.96 -6.39
N GLY E 163 -5.67 -34.23 -6.20
CA GLY E 163 -6.94 -34.62 -5.62
C GLY E 163 -7.12 -34.16 -4.20
N GLN E 164 -6.01 -34.11 -3.45
CA GLN E 164 -6.04 -33.61 -2.08
C GLN E 164 -6.11 -32.09 -2.05
N TYR E 165 -5.36 -31.45 -2.93
CA TYR E 165 -5.30 -29.99 -2.99
C TYR E 165 -6.62 -29.38 -3.43
N PHE E 166 -7.30 -30.04 -4.36
CA PHE E 166 -8.57 -29.54 -4.88
C PHE E 166 -9.77 -30.07 -4.13
N ALA E 167 -9.53 -30.81 -3.05
CA ALA E 167 -10.61 -31.44 -2.29
C ALA E 167 -11.46 -30.41 -1.58
N ASP E 168 -10.81 -29.47 -0.90
CA ASP E 168 -11.51 -28.45 -0.14
C ASP E 168 -12.19 -27.43 -1.05
N ASP E 169 -11.69 -27.31 -2.27
CA ASP E 169 -12.27 -26.40 -3.25
C ASP E 169 -13.60 -26.94 -3.78
N PHE E 170 -13.86 -28.22 -3.55
CA PHE E 170 -15.13 -28.83 -3.92
C PHE E 170 -16.15 -28.63 -2.80
N LEU E 171 -15.66 -28.59 -1.57
CA LEU E 171 -16.51 -28.52 -0.38
C LEU E 171 -17.03 -27.12 -0.12
N THR E 172 -16.21 -26.12 -0.42
CA THR E 172 -16.58 -24.72 -0.16
C THR E 172 -17.30 -24.10 -1.34
N SER E 173 -17.52 -24.89 -2.40
CA SER E 173 -18.20 -24.41 -3.59
C SER E 173 -19.53 -25.11 -3.80
N PHE E 174 -19.77 -26.14 -3.00
CA PHE E 174 -20.99 -26.93 -3.13
C PHE E 174 -21.53 -27.33 -1.77
N ASP E 175 -22.84 -27.50 -1.66
CA ASP E 175 -23.46 -27.90 -0.42
C ASP E 175 -23.77 -29.39 -0.39
N PHE E 176 -22.81 -30.18 0.07
CA PHE E 176 -23.03 -31.62 0.27
C PHE E 176 -23.94 -31.84 1.47
N GLY E 177 -24.12 -30.79 2.27
CA GLY E 177 -24.89 -30.89 3.50
C GLY E 177 -26.34 -31.26 3.34
N ARG E 178 -26.90 -31.05 2.15
CA ARG E 178 -28.29 -31.40 1.90
C ARG E 178 -28.43 -32.85 1.44
N PHE E 179 -27.33 -33.59 1.52
CA PHE E 179 -27.34 -35.02 1.22
C PHE E 179 -26.88 -35.82 2.45
N THR E 180 -27.25 -37.09 2.51
CA THR E 180 -26.92 -37.92 3.67
C THR E 180 -26.20 -39.21 3.30
N ARG E 181 -26.41 -39.67 2.06
CA ARG E 181 -25.83 -40.93 1.61
C ARG E 181 -24.99 -40.73 0.35
N PHE E 182 -23.67 -40.70 0.54
CA PHE E 182 -22.75 -40.45 -0.58
C PHE E 182 -22.16 -41.74 -1.13
N ALA E 183 -21.98 -41.79 -2.44
CA ALA E 183 -21.40 -42.97 -3.08
C ALA E 183 -20.24 -42.57 -4.00
N ASP E 184 -19.04 -42.57 -3.45
CA ASP E 184 -17.84 -42.21 -4.21
C ASP E 184 -17.43 -43.35 -5.15
N ILE E 185 -17.73 -43.17 -6.43
CA ILE E 185 -17.34 -44.16 -7.45
C ILE E 185 -15.96 -43.82 -8.02
N GLY E 186 -15.06 -44.80 -7.99
CA GLY E 186 -13.70 -44.59 -8.44
C GLY E 186 -12.98 -43.62 -7.53
N GLY E 187 -13.20 -43.76 -6.23
CA GLY E 187 -12.64 -42.85 -5.25
C GLY E 187 -11.30 -43.32 -4.67
N GLY E 188 -10.73 -44.36 -5.26
CA GLY E 188 -9.45 -44.89 -4.82
C GLY E 188 -9.48 -45.38 -3.38
N ARG E 189 -8.68 -44.73 -2.53
CA ARG E 189 -8.62 -45.09 -1.12
C ARG E 189 -9.68 -44.35 -0.32
N GLY E 190 -10.44 -43.51 -1.01
CA GLY E 190 -11.54 -42.79 -0.40
C GLY E 190 -11.12 -41.67 0.53
N GLN E 191 -10.27 -40.77 0.02
CA GLN E 191 -9.85 -39.60 0.80
C GLN E 191 -10.86 -38.46 0.61
N PHE E 192 -11.49 -38.44 -0.57
CA PHE E 192 -12.50 -37.43 -0.85
C PHE E 192 -13.77 -37.70 -0.04
N LEU E 193 -14.18 -38.96 0.00
CA LEU E 193 -15.39 -39.35 0.74
C LEU E 193 -15.24 -39.07 2.23
N ALA E 194 -14.04 -39.28 2.76
CA ALA E 194 -13.77 -39.01 4.17
C ALA E 194 -13.90 -37.52 4.46
N GLY E 195 -13.40 -36.69 3.56
CA GLY E 195 -13.49 -35.25 3.70
C GLY E 195 -14.93 -34.77 3.69
N VAL E 196 -15.76 -35.43 2.88
CA VAL E 196 -17.17 -35.11 2.80
C VAL E 196 -17.89 -35.44 4.10
N LEU E 197 -17.55 -36.58 4.69
CA LEU E 197 -18.17 -37.02 5.93
C LEU E 197 -17.66 -36.23 7.14
N THR E 198 -16.60 -35.45 6.93
CA THR E 198 -16.05 -34.62 7.98
C THR E 198 -16.85 -33.32 8.10
N ALA E 199 -17.17 -32.72 6.96
CA ALA E 199 -17.96 -31.50 6.92
C ALA E 199 -19.43 -31.80 7.19
N VAL E 200 -19.88 -32.95 6.71
CA VAL E 200 -21.27 -33.37 6.91
C VAL E 200 -21.34 -34.48 7.95
N PRO E 201 -21.77 -34.15 9.18
CA PRO E 201 -21.86 -35.11 10.28
C PRO E 201 -23.05 -36.06 10.12
N SER E 202 -22.96 -37.22 10.77
CA SER E 202 -24.02 -38.23 10.76
C SER E 202 -24.41 -38.65 9.34
N SER E 203 -23.43 -38.67 8.45
CA SER E 203 -23.65 -39.15 7.09
C SER E 203 -22.85 -40.42 6.85
N THR E 204 -23.27 -41.21 5.87
CA THR E 204 -22.58 -42.43 5.53
C THR E 204 -22.05 -42.38 4.10
N GLY E 205 -21.10 -43.26 3.78
CA GLY E 205 -20.51 -43.29 2.45
C GLY E 205 -20.19 -44.69 1.99
N VAL E 206 -20.18 -44.88 0.68
CA VAL E 206 -19.83 -46.18 0.10
C VAL E 206 -18.76 -46.02 -0.99
N LEU E 207 -17.57 -46.51 -0.71
CA LEU E 207 -16.47 -46.48 -1.68
C LEU E 207 -16.68 -47.53 -2.76
N VAL E 208 -16.50 -47.14 -4.00
CA VAL E 208 -16.61 -48.06 -5.13
C VAL E 208 -15.41 -47.92 -6.07
N ASP E 209 -14.53 -48.92 -6.08
CA ASP E 209 -13.38 -48.90 -6.96
C ASP E 209 -12.85 -50.32 -7.19
N GLY E 210 -11.69 -50.41 -7.82
CA GLY E 210 -11.09 -51.70 -8.15
C GLY E 210 -10.29 -52.30 -7.02
N PRO E 211 -9.75 -53.51 -7.26
CA PRO E 211 -8.95 -54.28 -6.30
C PRO E 211 -7.56 -53.69 -6.05
N ALA E 212 -7.19 -52.66 -6.80
CA ALA E 212 -5.87 -52.05 -6.69
C ALA E 212 -5.68 -51.36 -5.34
N VAL E 213 -6.76 -50.78 -4.81
CA VAL E 213 -6.70 -50.06 -3.55
C VAL E 213 -7.61 -50.68 -2.50
N ALA E 214 -7.90 -51.96 -2.65
CA ALA E 214 -8.78 -52.67 -1.73
C ALA E 214 -8.26 -52.61 -0.30
N ALA E 215 -7.15 -53.28 -0.04
CA ALA E 215 -6.59 -53.40 1.30
C ALA E 215 -6.14 -52.06 1.89
N SER E 216 -5.71 -51.15 1.03
CA SER E 216 -5.18 -49.86 1.49
C SER E 216 -6.29 -48.90 1.89
N ALA E 217 -7.49 -49.10 1.34
CA ALA E 217 -8.62 -48.23 1.61
C ALA E 217 -9.12 -48.38 3.05
N HIS E 218 -9.23 -49.63 3.50
CA HIS E 218 -9.71 -49.91 4.85
C HIS E 218 -8.77 -49.33 5.90
N LYS E 219 -7.47 -49.39 5.63
CA LYS E 219 -6.47 -48.82 6.52
C LYS E 219 -6.65 -47.31 6.66
N PHE E 220 -6.86 -46.65 5.53
CA PHE E 220 -6.99 -45.19 5.50
C PHE E 220 -8.24 -44.72 6.24
N LEU E 221 -9.30 -45.52 6.17
CA LEU E 221 -10.57 -45.17 6.82
C LEU E 221 -10.49 -45.40 8.33
N ALA E 222 -9.52 -46.22 8.75
CA ALA E 222 -9.34 -46.51 10.16
C ALA E 222 -8.49 -45.43 10.83
N SER E 223 -7.69 -44.73 10.03
CA SER E 223 -6.79 -43.70 10.55
C SER E 223 -7.54 -42.40 10.85
N GLN E 224 -8.83 -42.37 10.50
CA GLN E 224 -9.63 -41.17 10.67
C GLN E 224 -10.96 -41.50 11.37
N ASN E 225 -11.09 -42.74 11.80
CA ASN E 225 -12.27 -43.21 12.53
C ASN E 225 -13.56 -43.10 11.73
N LEU E 226 -13.46 -43.28 10.42
CA LEU E 226 -14.64 -43.27 9.54
C LEU E 226 -15.15 -44.69 9.30
N THR E 227 -14.53 -45.66 9.97
CA THR E 227 -14.83 -47.06 9.73
C THR E 227 -16.26 -47.42 10.15
N GLU E 228 -16.81 -46.65 11.09
CA GLU E 228 -18.12 -46.94 11.64
C GLU E 228 -19.27 -46.63 10.67
N ARG E 229 -18.98 -45.91 9.59
CA ARG E 229 -20.03 -45.53 8.64
C ARG E 229 -19.55 -45.40 7.20
N VAL E 230 -18.52 -46.15 6.85
CA VAL E 230 -18.06 -46.22 5.46
C VAL E 230 -17.80 -47.68 5.06
N GLU E 231 -18.46 -48.14 4.01
CA GLU E 231 -18.24 -49.47 3.49
C GLU E 231 -17.57 -49.43 2.12
N VAL E 232 -16.77 -50.44 1.82
CA VAL E 232 -16.00 -50.46 0.58
C VAL E 232 -16.42 -51.58 -0.36
N ARG E 233 -16.82 -51.19 -1.58
CA ARG E 233 -17.18 -52.14 -2.62
C ARG E 233 -16.01 -52.37 -3.57
N ILE E 234 -15.65 -53.62 -3.78
CA ILE E 234 -14.54 -53.95 -4.67
C ILE E 234 -15.00 -54.80 -5.85
N GLY E 235 -14.84 -54.28 -7.06
CA GLY E 235 -15.17 -55.02 -8.25
C GLY E 235 -15.48 -54.14 -9.44
N ASP E 236 -16.17 -54.71 -10.42
CA ASP E 236 -16.59 -53.96 -11.60
C ASP E 236 -17.64 -52.92 -11.22
N PHE E 237 -17.50 -51.71 -11.77
CA PHE E 237 -18.42 -50.62 -11.49
C PHE E 237 -19.88 -50.99 -11.78
N PHE E 238 -20.08 -51.77 -12.83
CA PHE E 238 -21.42 -52.14 -13.27
C PHE E 238 -22.13 -53.06 -12.29
N ASP E 239 -21.36 -53.80 -11.51
CA ASP E 239 -21.92 -54.84 -10.65
C ASP E 239 -22.07 -54.41 -9.18
N VAL E 240 -21.12 -53.62 -8.70
CA VAL E 240 -21.09 -53.26 -7.27
C VAL E 240 -21.73 -51.92 -6.97
N LEU E 241 -22.59 -51.43 -7.87
CA LEU E 241 -23.29 -50.18 -7.65
C LEU E 241 -24.28 -50.28 -6.50
N PRO E 242 -24.08 -49.46 -5.45
CA PRO E 242 -24.97 -49.43 -4.28
C PRO E 242 -26.26 -48.66 -4.56
N THR E 243 -27.36 -49.10 -3.96
CA THR E 243 -28.65 -48.45 -4.16
C THR E 243 -29.10 -47.71 -2.90
N GLY E 244 -30.06 -46.81 -3.06
CA GLY E 244 -30.59 -46.05 -1.95
C GLY E 244 -29.88 -44.72 -1.72
N CYS E 245 -28.68 -44.60 -2.29
CA CYS E 245 -27.88 -43.38 -2.14
C CYS E 245 -28.53 -42.19 -2.84
N ASP E 246 -28.59 -41.06 -2.14
CA ASP E 246 -29.15 -39.84 -2.70
C ASP E 246 -28.05 -38.94 -3.27
N ALA E 247 -26.86 -39.51 -3.43
CA ALA E 247 -25.72 -38.77 -3.95
C ALA E 247 -24.63 -39.70 -4.50
N TYR E 248 -24.40 -39.61 -5.80
CA TYR E 248 -23.34 -40.39 -6.45
C TYR E 248 -22.28 -39.44 -7.00
N VAL E 249 -21.02 -39.72 -6.69
CA VAL E 249 -19.93 -38.82 -7.08
C VAL E 249 -18.91 -39.48 -8.00
N LEU E 250 -18.76 -38.93 -9.19
CA LEU E 250 -17.69 -39.32 -10.11
C LEU E 250 -16.66 -38.20 -10.16
N ARG E 251 -15.56 -38.38 -9.43
CA ARG E 251 -14.55 -37.34 -9.32
C ARG E 251 -13.43 -37.50 -10.35
N GLY E 252 -13.62 -36.89 -11.51
CA GLY E 252 -12.62 -36.92 -12.57
C GLY E 252 -12.40 -38.31 -13.15
N VAL E 253 -13.44 -39.12 -13.16
CA VAL E 253 -13.34 -40.48 -13.65
C VAL E 253 -13.66 -40.58 -15.14
N LEU E 254 -14.72 -39.88 -15.55
CA LEU E 254 -15.19 -39.93 -16.93
C LEU E 254 -14.28 -39.15 -17.88
N GLU E 255 -13.26 -38.50 -17.32
CA GLU E 255 -12.37 -37.66 -18.12
C GLU E 255 -11.59 -38.47 -19.14
N ASP E 256 -11.26 -39.71 -18.79
CA ASP E 256 -10.46 -40.56 -19.67
C ASP E 256 -11.30 -41.74 -20.21
N TRP E 257 -12.55 -41.47 -20.53
CA TRP E 257 -13.43 -42.50 -21.10
C TRP E 257 -13.94 -42.10 -22.48
N ALA E 258 -14.58 -43.04 -23.16
CA ALA E 258 -15.19 -42.77 -24.46
C ALA E 258 -16.65 -42.37 -24.29
N ASP E 259 -17.12 -41.49 -25.17
CA ASP E 259 -18.49 -40.97 -25.10
C ASP E 259 -19.52 -42.08 -25.27
N ALA E 260 -19.22 -43.03 -26.15
CA ALA E 260 -20.13 -44.15 -26.39
C ALA E 260 -19.94 -45.23 -25.34
N ASP E 261 -18.85 -45.15 -24.59
CA ASP E 261 -18.52 -46.15 -23.57
C ASP E 261 -19.01 -45.73 -22.19
N ALA E 262 -18.99 -44.43 -21.94
CA ALA E 262 -19.38 -43.89 -20.63
C ALA E 262 -20.88 -43.97 -20.39
N VAL E 263 -21.64 -44.24 -21.44
CA VAL E 263 -23.10 -44.33 -21.35
C VAL E 263 -23.53 -45.53 -20.50
N ARG E 264 -22.92 -46.68 -20.76
CA ARG E 264 -23.30 -47.91 -20.07
C ARG E 264 -23.06 -47.84 -18.57
N LEU E 265 -22.15 -46.96 -18.15
CA LEU E 265 -21.91 -46.74 -16.72
C LEU E 265 -23.01 -45.86 -16.13
N LEU E 266 -23.23 -44.71 -16.76
CA LEU E 266 -24.19 -43.73 -16.27
C LEU E 266 -25.63 -44.26 -16.26
N VAL E 267 -25.94 -45.17 -17.19
CA VAL E 267 -27.26 -45.76 -17.26
C VAL E 267 -27.59 -46.56 -16.00
N ARG E 268 -26.65 -47.39 -15.58
CA ARG E 268 -26.84 -48.21 -14.39
C ARG E 268 -26.79 -47.35 -13.12
N ILE E 269 -26.13 -46.20 -13.20
CA ILE E 269 -26.13 -45.26 -12.09
C ILE E 269 -27.55 -44.75 -11.84
N ARG E 270 -28.25 -44.46 -12.94
CA ARG E 270 -29.64 -44.03 -12.87
C ARG E 270 -30.52 -45.08 -12.19
N GLN E 271 -30.21 -46.35 -12.45
CA GLN E 271 -30.96 -47.45 -11.87
C GLN E 271 -30.72 -47.56 -10.35
N ALA E 272 -29.49 -47.31 -9.94
CA ALA E 272 -29.13 -47.43 -8.52
C ALA E 272 -29.71 -46.28 -7.70
N MET E 273 -29.98 -45.16 -8.36
CA MET E 273 -30.54 -43.99 -7.68
C MET E 273 -32.01 -44.21 -7.31
N GLY E 274 -32.73 -44.91 -8.18
CA GLY E 274 -34.15 -45.10 -7.99
C GLY E 274 -34.92 -43.99 -8.69
N ASP E 275 -35.71 -43.24 -7.93
CA ASP E 275 -36.43 -42.09 -8.48
C ASP E 275 -36.71 -41.06 -7.40
N ALA E 276 -35.78 -40.92 -6.46
CA ALA E 276 -35.90 -39.93 -5.40
C ALA E 276 -35.70 -38.52 -5.96
N PRO E 277 -36.62 -37.60 -5.61
CA PRO E 277 -36.63 -36.23 -6.13
C PRO E 277 -35.32 -35.47 -5.91
N GLU E 278 -34.80 -35.49 -4.68
CA GLU E 278 -33.60 -34.73 -4.36
C GLU E 278 -32.33 -35.57 -4.47
N ALA E 279 -32.44 -36.73 -5.10
CA ALA E 279 -31.28 -37.56 -5.38
C ALA E 279 -30.58 -37.05 -6.64
N ARG E 280 -29.25 -36.97 -6.59
CA ARG E 280 -28.48 -36.41 -7.70
C ARG E 280 -27.29 -37.27 -8.09
N LEU E 281 -26.71 -36.96 -9.24
CA LEU E 281 -25.45 -37.56 -9.67
C LEU E 281 -24.41 -36.45 -9.79
N LEU E 282 -23.46 -36.42 -8.85
CA LEU E 282 -22.49 -35.35 -8.79
C LEU E 282 -21.23 -35.67 -9.59
N ILE E 283 -21.22 -35.25 -10.85
CA ILE E 283 -20.03 -35.41 -11.69
C ILE E 283 -19.08 -34.24 -11.49
N LEU E 284 -17.89 -34.53 -11.00
CA LEU E 284 -16.87 -33.50 -10.77
C LEU E 284 -15.77 -33.63 -11.81
N ASP E 285 -15.94 -32.95 -12.94
CA ASP E 285 -14.99 -33.05 -14.04
C ASP E 285 -14.77 -31.69 -14.70
N SER E 286 -14.04 -31.69 -15.81
CA SER E 286 -13.71 -30.45 -16.51
C SER E 286 -14.69 -30.15 -17.63
N VAL E 287 -15.18 -28.92 -17.64
CA VAL E 287 -16.06 -28.44 -18.70
C VAL E 287 -15.47 -27.21 -19.38
N ILE E 288 -15.12 -27.35 -20.65
CA ILE E 288 -14.52 -26.26 -21.40
C ILE E 288 -15.52 -25.12 -21.59
N GLY E 289 -15.23 -23.98 -20.98
CA GLY E 289 -16.10 -22.83 -21.04
C GLY E 289 -16.53 -22.39 -19.65
N GLU E 290 -16.91 -23.38 -18.83
CA GLU E 290 -17.28 -23.10 -17.44
C GLU E 290 -16.05 -23.12 -16.54
N THR E 291 -14.89 -23.33 -17.15
CA THR E 291 -13.63 -23.32 -16.42
C THR E 291 -13.19 -21.89 -16.11
N GLY E 292 -12.54 -21.71 -14.96
CA GLY E 292 -12.04 -20.41 -14.56
C GLY E 292 -10.85 -20.02 -15.41
N GLU E 293 -10.18 -18.94 -15.00
CA GLU E 293 -9.00 -18.45 -15.72
C GLU E 293 -7.81 -19.40 -15.54
N LEU E 294 -7.73 -20.01 -14.36
CA LEU E 294 -6.64 -20.93 -14.06
C LEU E 294 -6.71 -22.17 -14.94
N GLY E 295 -7.92 -22.67 -15.15
CA GLY E 295 -8.11 -23.86 -15.97
C GLY E 295 -7.72 -23.65 -17.42
N LYS E 296 -7.82 -22.40 -17.88
CA LYS E 296 -7.45 -22.07 -19.25
C LYS E 296 -5.95 -22.29 -19.47
N VAL E 297 -5.16 -22.04 -18.43
CA VAL E 297 -3.71 -22.24 -18.50
C VAL E 297 -3.39 -23.73 -18.48
N LEU E 298 -4.06 -24.47 -17.61
CA LEU E 298 -3.76 -25.89 -17.41
C LEU E 298 -4.13 -26.72 -18.62
N ASP E 299 -4.87 -26.14 -19.57
CA ASP E 299 -5.18 -26.82 -20.82
C ASP E 299 -3.90 -27.12 -21.60
N LEU E 300 -2.82 -26.43 -21.21
CA LEU E 300 -1.49 -26.70 -21.75
C LEU E 300 -1.11 -28.17 -21.61
N ASP E 301 -1.55 -28.81 -20.54
CA ASP E 301 -1.25 -30.22 -20.32
C ASP E 301 -1.95 -31.11 -21.35
N MET E 302 -3.21 -30.82 -21.63
CA MET E 302 -3.95 -31.58 -22.63
C MET E 302 -3.38 -31.36 -24.03
N LEU E 303 -2.71 -30.23 -24.21
CA LEU E 303 -2.13 -29.86 -25.48
C LEU E 303 -0.77 -30.54 -25.68
N VAL E 304 -0.10 -30.82 -24.57
CA VAL E 304 1.24 -31.40 -24.60
C VAL E 304 1.23 -32.92 -24.39
N LEU E 305 0.69 -33.35 -23.25
CA LEU E 305 0.82 -34.74 -22.81
C LEU E 305 -0.11 -35.70 -23.55
N VAL E 306 -1.42 -35.55 -23.36
CA VAL E 306 -2.38 -36.46 -23.95
C VAL E 306 -2.77 -36.03 -25.37
N GLU E 307 -3.62 -36.83 -26.00
CA GLU E 307 -4.04 -36.60 -27.38
C GLU E 307 -5.47 -36.07 -27.44
N GLY E 308 -6.25 -36.35 -26.40
CA GLY E 308 -7.65 -36.00 -26.38
C GLY E 308 -7.95 -34.57 -25.98
N GLU E 309 -9.22 -34.30 -25.70
CA GLU E 309 -9.66 -32.97 -25.29
C GLU E 309 -10.93 -33.10 -24.43
N HIS E 310 -11.10 -32.20 -23.47
CA HIS E 310 -12.20 -32.28 -22.52
C HIS E 310 -13.55 -31.95 -23.16
N ARG E 311 -14.62 -32.32 -22.47
CA ARG E 311 -15.98 -32.10 -22.99
C ARG E 311 -16.49 -30.70 -22.70
N THR E 312 -17.65 -30.38 -23.28
CA THR E 312 -18.32 -29.10 -23.05
C THR E 312 -19.75 -29.34 -22.57
N ARG E 313 -20.47 -28.27 -22.28
CA ARG E 313 -21.84 -28.37 -21.80
C ARG E 313 -22.75 -29.00 -22.86
N ALA E 314 -22.50 -28.67 -24.12
CA ALA E 314 -23.28 -29.21 -25.22
C ALA E 314 -23.00 -30.70 -25.44
N GLN E 315 -21.88 -31.16 -24.89
CA GLN E 315 -21.51 -32.56 -25.02
C GLN E 315 -21.92 -33.35 -23.78
N TRP E 316 -21.82 -32.72 -22.61
CA TRP E 316 -22.26 -33.35 -21.38
C TRP E 316 -23.77 -33.56 -21.38
N ASP E 317 -24.49 -32.54 -21.85
CA ASP E 317 -25.95 -32.58 -21.85
C ASP E 317 -26.48 -33.62 -22.83
N ASP E 318 -25.72 -33.87 -23.89
CA ASP E 318 -26.11 -34.87 -24.87
C ASP E 318 -25.76 -36.26 -24.37
N LEU E 319 -24.65 -36.37 -23.66
CA LEU E 319 -24.20 -37.63 -23.08
C LEU E 319 -25.13 -38.11 -21.99
N LEU E 320 -25.50 -37.20 -21.10
CA LEU E 320 -26.36 -37.52 -19.96
C LEU E 320 -27.80 -37.75 -20.39
N ALA E 321 -28.17 -37.22 -21.56
CA ALA E 321 -29.52 -37.38 -22.08
C ALA E 321 -29.78 -38.83 -22.47
N ARG E 322 -28.73 -39.50 -22.94
CA ARG E 322 -28.84 -40.90 -23.37
C ARG E 322 -28.73 -41.84 -22.18
N ALA E 323 -28.42 -41.29 -21.01
CA ALA E 323 -28.29 -42.09 -19.80
C ALA E 323 -29.48 -41.84 -18.86
N GLY E 324 -30.32 -40.88 -19.22
CA GLY E 324 -31.48 -40.55 -18.42
C GLY E 324 -31.19 -39.49 -17.38
N PHE E 325 -30.35 -38.52 -17.74
CA PHE E 325 -29.98 -37.46 -16.82
C PHE E 325 -30.12 -36.09 -17.47
N ASP E 326 -30.41 -35.09 -16.66
CA ASP E 326 -30.43 -33.69 -17.11
C ASP E 326 -29.57 -32.84 -16.18
N ILE E 327 -28.71 -32.01 -16.76
CA ILE E 327 -27.87 -31.14 -15.98
C ILE E 327 -28.71 -30.08 -15.27
N VAL E 328 -28.79 -30.19 -13.95
CA VAL E 328 -29.50 -29.20 -13.15
C VAL E 328 -28.74 -27.88 -13.20
N GLY E 329 -27.42 -27.96 -13.06
CA GLY E 329 -26.58 -26.77 -13.14
C GLY E 329 -25.11 -27.08 -12.93
N ILE E 330 -24.26 -26.38 -13.67
CA ILE E 330 -22.82 -26.51 -13.51
C ILE E 330 -22.28 -25.50 -12.51
N HIS E 331 -21.69 -26.00 -11.43
CA HIS E 331 -21.20 -25.15 -10.36
C HIS E 331 -19.68 -25.04 -10.38
N PRO E 332 -19.17 -23.84 -10.65
CA PRO E 332 -17.72 -23.59 -10.73
C PRO E 332 -17.00 -23.82 -9.41
N ALA E 333 -16.33 -24.96 -9.30
CA ALA E 333 -15.55 -25.29 -8.10
C ALA E 333 -14.11 -24.86 -8.26
N GLY E 334 -13.74 -23.79 -7.57
CA GLY E 334 -12.41 -23.20 -7.71
C GLY E 334 -12.32 -22.44 -9.01
N ASP E 335 -11.16 -22.49 -9.65
CA ASP E 335 -10.96 -21.80 -10.93
C ASP E 335 -10.49 -22.78 -11.99
N VAL E 336 -10.67 -24.06 -11.73
CA VAL E 336 -10.24 -25.11 -12.67
C VAL E 336 -11.35 -26.11 -12.95
N TRP E 337 -11.96 -26.63 -11.89
CA TRP E 337 -12.96 -27.69 -12.02
C TRP E 337 -14.38 -27.15 -11.86
N ALA E 338 -15.36 -28.02 -12.08
CA ALA E 338 -16.76 -27.66 -11.93
C ALA E 338 -17.60 -28.84 -11.47
N VAL E 339 -18.65 -28.56 -10.71
CA VAL E 339 -19.57 -29.60 -10.24
C VAL E 339 -20.82 -29.66 -11.13
N ILE E 340 -21.09 -30.83 -11.69
CA ILE E 340 -22.24 -31.02 -12.55
C ILE E 340 -23.33 -31.81 -11.85
N GLU E 341 -24.31 -31.09 -11.30
CA GLU E 341 -25.43 -31.73 -10.62
C GLU E 341 -26.43 -32.27 -11.63
N CYS E 342 -26.64 -33.58 -11.60
CA CYS E 342 -27.54 -34.23 -12.56
C CYS E 342 -28.78 -34.80 -11.90
N ARG E 343 -29.90 -34.72 -12.60
CA ARG E 343 -31.17 -35.25 -12.11
C ARG E 343 -31.62 -36.42 -12.96
N GLY E 344 -32.11 -37.48 -12.31
CA GLY E 344 -32.66 -38.62 -13.02
C GLY E 344 -34.10 -38.39 -13.45
N THR E 345 -34.36 -38.52 -14.75
CA THR E 345 -35.70 -38.29 -15.27
C THR E 345 -36.69 -39.34 -14.77
N ARG F 11 -0.95 -18.47 1.01
CA ARG F 11 0.45 -18.12 1.29
C ARG F 11 1.18 -19.29 1.95
N THR F 12 0.43 -20.31 2.37
CA THR F 12 1.01 -21.47 3.06
C THR F 12 1.96 -22.26 2.17
N ALA F 13 2.70 -23.18 2.78
CA ALA F 13 3.70 -23.96 2.08
C ALA F 13 3.08 -24.77 0.93
N ALA F 14 1.91 -25.33 1.19
CA ALA F 14 1.22 -26.17 0.21
C ALA F 14 0.76 -25.35 -0.99
N GLN F 15 0.29 -24.14 -0.74
CA GLN F 15 -0.17 -23.25 -1.80
C GLN F 15 1.01 -22.71 -2.61
N ARG F 16 2.14 -22.52 -1.95
CA ARG F 16 3.35 -22.07 -2.65
C ARG F 16 3.84 -23.13 -3.63
N LEU F 17 3.84 -24.39 -3.20
CA LEU F 17 4.30 -25.49 -4.06
C LEU F 17 3.43 -25.63 -5.29
N TYR F 18 2.11 -25.70 -5.08
CA TYR F 18 1.17 -25.84 -6.18
C TYR F 18 1.30 -24.70 -7.18
N GLN F 19 1.51 -23.50 -6.66
CA GLN F 19 1.61 -22.31 -7.49
C GLN F 19 2.87 -22.33 -8.34
N TYR F 20 3.94 -22.90 -7.79
CA TYR F 20 5.19 -23.06 -8.53
C TYR F 20 4.99 -23.99 -9.73
N ASN F 21 4.09 -24.96 -9.58
CA ASN F 21 3.79 -25.86 -10.68
C ASN F 21 2.97 -25.17 -11.77
N VAL F 22 2.07 -24.29 -11.36
CA VAL F 22 1.21 -23.59 -12.32
C VAL F 22 2.00 -22.52 -13.08
N ASP F 23 2.86 -21.79 -12.37
CA ASP F 23 3.69 -20.77 -12.99
C ASP F 23 4.64 -21.38 -14.01
N LEU F 24 5.19 -22.55 -13.67
CA LEU F 24 6.03 -23.30 -14.60
C LEU F 24 5.33 -23.49 -15.93
N LYS F 25 4.03 -23.78 -15.88
CA LYS F 25 3.23 -23.92 -17.09
C LYS F 25 3.03 -22.58 -17.81
N VAL F 26 2.83 -21.53 -17.03
CA VAL F 26 2.68 -20.18 -17.59
C VAL F 26 3.95 -19.79 -18.36
N ALA F 27 5.11 -20.15 -17.80
CA ALA F 27 6.38 -19.83 -18.43
C ALA F 27 6.49 -20.47 -19.80
N PHE F 28 5.93 -21.67 -19.95
CA PHE F 28 5.94 -22.38 -21.24
C PHE F 28 4.99 -21.72 -22.22
N VAL F 29 3.84 -21.27 -21.74
CA VAL F 29 2.86 -20.58 -22.58
C VAL F 29 3.43 -19.27 -23.12
N LEU F 30 4.01 -18.48 -22.22
CA LEU F 30 4.59 -17.19 -22.57
C LEU F 30 5.70 -17.33 -23.60
N TYR F 31 6.51 -18.38 -23.44
CA TYR F 31 7.55 -18.71 -24.39
C TYR F 31 6.97 -18.86 -25.80
N ALA F 32 6.03 -19.80 -25.93
CA ALA F 32 5.44 -20.14 -27.24
C ALA F 32 4.75 -18.95 -27.90
N VAL F 33 4.13 -18.10 -27.08
CA VAL F 33 3.47 -16.91 -27.60
C VAL F 33 4.51 -15.94 -28.17
N ALA F 34 5.66 -15.86 -27.51
CA ALA F 34 6.70 -14.93 -27.93
C ALA F 34 7.45 -15.43 -29.16
N LYS F 35 7.72 -16.74 -29.19
CA LYS F 35 8.43 -17.33 -30.32
C LYS F 35 7.64 -17.22 -31.62
N LEU F 36 6.31 -17.32 -31.51
CA LEU F 36 5.45 -17.23 -32.67
C LEU F 36 5.22 -15.77 -33.07
N HIS F 37 5.87 -14.86 -32.34
CA HIS F 37 5.79 -13.42 -32.59
C HIS F 37 4.36 -12.89 -32.52
N LEU F 38 3.55 -13.53 -31.69
CA LEU F 38 2.15 -13.13 -31.53
C LEU F 38 1.94 -11.75 -30.89
N PRO F 39 2.75 -11.36 -29.89
CA PRO F 39 2.60 -9.99 -29.40
C PRO F 39 2.89 -8.96 -30.49
N ASP F 40 3.87 -9.25 -31.33
CA ASP F 40 4.25 -8.37 -32.42
C ASP F 40 3.14 -8.21 -33.44
N LEU F 41 2.56 -9.33 -33.85
CA LEU F 41 1.43 -9.34 -34.78
C LEU F 41 0.18 -8.69 -34.19
N LEU F 42 0.04 -8.80 -32.87
CA LEU F 42 -1.13 -8.25 -32.18
C LEU F 42 -0.94 -6.80 -31.78
N ALA F 43 0.14 -6.19 -32.25
CA ALA F 43 0.26 -4.75 -32.20
C ALA F 43 -0.69 -4.17 -33.25
N ASP F 44 -0.91 -2.86 -33.21
CA ASP F 44 -1.78 -2.18 -34.17
C ASP F 44 -3.21 -2.72 -34.15
N GLY F 45 -3.60 -3.35 -33.05
CA GLY F 45 -4.98 -3.80 -32.89
C GLY F 45 -5.14 -5.31 -32.77
N PRO F 46 -6.37 -5.76 -32.48
CA PRO F 46 -6.71 -7.18 -32.36
C PRO F 46 -6.84 -7.88 -33.70
N ARG F 47 -6.58 -9.19 -33.72
CA ARG F 47 -6.68 -9.99 -34.93
C ARG F 47 -7.34 -11.34 -34.65
N THR F 48 -8.09 -11.85 -35.62
CA THR F 48 -8.80 -13.12 -35.46
C THR F 48 -7.84 -14.32 -35.44
N THR F 49 -8.30 -15.43 -34.87
CA THR F 49 -7.52 -16.66 -34.79
C THR F 49 -7.09 -17.16 -36.17
N ALA F 50 -8.04 -17.18 -37.10
CA ALA F 50 -7.76 -17.62 -38.47
C ALA F 50 -6.75 -16.71 -39.14
N ASP F 51 -6.78 -15.42 -38.77
CA ASP F 51 -5.81 -14.46 -39.28
C ASP F 51 -4.42 -14.81 -38.77
N LEU F 52 -4.30 -15.00 -37.46
CA LEU F 52 -3.03 -15.33 -36.82
C LEU F 52 -2.53 -16.72 -37.22
N ALA F 53 -3.46 -17.59 -37.60
CA ALA F 53 -3.12 -18.94 -38.02
C ALA F 53 -2.35 -18.92 -39.33
N ALA F 54 -2.89 -18.19 -40.31
CA ALA F 54 -2.25 -18.09 -41.62
C ALA F 54 -0.96 -17.28 -41.55
N ALA F 55 -0.87 -16.40 -40.56
CA ALA F 55 0.28 -15.53 -40.41
C ALA F 55 1.45 -16.25 -39.74
N THR F 56 1.14 -17.26 -38.94
CA THR F 56 2.15 -18.02 -38.22
C THR F 56 2.34 -19.42 -38.79
N GLY F 57 1.47 -19.81 -39.70
CA GLY F 57 1.51 -21.14 -40.30
C GLY F 57 1.32 -22.23 -39.27
N SER F 58 0.22 -22.15 -38.54
CA SER F 58 -0.03 -23.07 -37.43
C SER F 58 -1.41 -23.70 -37.54
N ASP F 59 -1.67 -24.69 -36.69
CA ASP F 59 -2.98 -25.31 -36.62
C ASP F 59 -3.92 -24.39 -35.86
N PRO F 60 -4.92 -23.81 -36.56
CA PRO F 60 -5.83 -22.82 -35.99
C PRO F 60 -6.56 -23.30 -34.74
N SER F 61 -6.94 -24.58 -34.72
CA SER F 61 -7.65 -25.14 -33.58
C SER F 61 -6.78 -25.19 -32.33
N ARG F 62 -5.50 -25.53 -32.51
CA ARG F 62 -4.57 -25.61 -31.39
C ARG F 62 -3.97 -24.24 -31.05
N LEU F 63 -3.83 -23.38 -32.07
CA LEU F 63 -3.35 -22.03 -31.83
C LEU F 63 -4.35 -21.27 -30.98
N ARG F 64 -5.63 -21.55 -31.18
CA ARG F 64 -6.69 -20.94 -30.40
C ARG F 64 -6.60 -21.37 -28.93
N ARG F 65 -6.11 -22.59 -28.70
CA ARG F 65 -5.96 -23.11 -27.35
C ARG F 65 -4.78 -22.45 -26.64
N LEU F 66 -3.69 -22.24 -27.37
CA LEU F 66 -2.51 -21.59 -26.82
C LEU F 66 -2.80 -20.14 -26.49
N LEU F 67 -3.52 -19.47 -27.38
CA LEU F 67 -3.92 -18.08 -27.19
C LEU F 67 -4.86 -17.95 -26.01
N ARG F 68 -5.78 -18.91 -25.89
CA ARG F 68 -6.72 -18.94 -24.78
C ARG F 68 -5.98 -19.12 -23.47
N ALA F 69 -4.89 -19.88 -23.52
CA ALA F 69 -4.01 -20.04 -22.37
C ALA F 69 -3.31 -18.72 -22.04
N ALA F 70 -2.78 -18.07 -23.05
CA ALA F 70 -2.07 -16.81 -22.86
C ALA F 70 -3.00 -15.74 -22.28
N ALA F 71 -4.25 -15.73 -22.74
CA ALA F 71 -5.25 -14.82 -22.20
C ALA F 71 -5.57 -15.21 -20.76
N GLY F 72 -5.55 -16.51 -20.49
CA GLY F 72 -5.76 -17.01 -19.14
C GLY F 72 -4.69 -16.51 -18.19
N ALA F 73 -3.46 -16.42 -18.67
CA ALA F 73 -2.34 -15.92 -17.86
C ALA F 73 -2.26 -14.40 -17.92
N ASP F 74 -3.31 -13.78 -18.46
CA ASP F 74 -3.37 -12.33 -18.63
C ASP F 74 -2.17 -11.75 -19.36
N ALA F 75 -1.75 -12.45 -20.41
CA ALA F 75 -0.78 -11.90 -21.36
C ALA F 75 -1.55 -11.34 -22.54
N LEU F 76 -2.72 -11.92 -22.80
CA LEU F 76 -3.59 -11.49 -23.87
C LEU F 76 -5.00 -11.24 -23.35
N ARG F 77 -5.85 -10.74 -24.24
CA ARG F 77 -7.24 -10.51 -23.91
C ARG F 77 -8.12 -11.22 -24.92
N GLU F 78 -9.20 -11.84 -24.45
CA GLU F 78 -10.14 -12.50 -25.35
C GLU F 78 -11.17 -11.50 -25.91
N VAL F 79 -11.11 -11.30 -27.22
CA VAL F 79 -12.09 -10.47 -27.92
C VAL F 79 -13.16 -11.36 -28.54
N PRO F 80 -14.44 -11.04 -28.31
CA PRO F 80 -15.59 -11.80 -28.81
C PRO F 80 -15.48 -12.20 -30.28
N GLU F 81 -16.08 -13.33 -30.62
CA GLU F 81 -16.05 -13.89 -31.96
C GLU F 81 -14.64 -14.27 -32.39
N ASP F 82 -13.98 -15.10 -31.58
CA ASP F 82 -12.72 -15.74 -31.93
C ASP F 82 -11.60 -14.78 -32.32
N SER F 83 -11.25 -13.86 -31.41
CA SER F 83 -10.15 -12.94 -31.65
C SER F 83 -9.41 -12.63 -30.35
N PHE F 84 -8.21 -12.05 -30.47
CA PHE F 84 -7.38 -11.78 -29.30
C PHE F 84 -6.71 -10.41 -29.36
N GLU F 85 -6.35 -9.87 -28.20
CA GLU F 85 -5.79 -8.52 -28.08
C GLU F 85 -4.69 -8.48 -27.02
N LEU F 86 -3.73 -7.57 -27.19
CA LEU F 86 -2.65 -7.41 -26.22
C LEU F 86 -3.11 -6.94 -24.84
N ALA F 87 -2.66 -7.65 -23.82
CA ALA F 87 -2.81 -7.21 -22.43
C ALA F 87 -1.52 -6.47 -22.06
N PRO F 88 -1.50 -5.76 -20.92
CA PRO F 88 -0.27 -5.03 -20.59
C PRO F 88 0.96 -5.92 -20.48
N MET F 89 0.81 -7.10 -19.89
CA MET F 89 1.94 -8.00 -19.71
C MET F 89 2.44 -8.51 -21.05
N GLY F 90 1.52 -8.77 -21.97
CA GLY F 90 1.88 -9.26 -23.29
C GLY F 90 2.53 -8.21 -24.16
N ASP F 91 2.16 -6.94 -23.94
CA ASP F 91 2.73 -5.85 -24.71
C ASP F 91 4.23 -5.74 -24.43
N LEU F 92 4.63 -6.15 -23.22
CA LEU F 92 6.04 -6.17 -22.84
C LEU F 92 6.77 -7.32 -23.51
N LEU F 93 6.02 -8.18 -24.17
CA LEU F 93 6.61 -9.30 -24.89
C LEU F 93 6.80 -8.98 -26.37
N ARG F 94 6.47 -7.75 -26.76
CA ARG F 94 6.85 -7.23 -28.06
C ARG F 94 8.33 -6.87 -28.02
N SER F 95 9.07 -7.31 -29.03
CA SER F 95 10.50 -7.02 -29.09
C SER F 95 10.73 -5.52 -29.23
N GLY F 96 9.81 -4.85 -29.91
CA GLY F 96 9.96 -3.42 -30.21
C GLY F 96 9.67 -2.47 -29.05
N HIS F 97 9.25 -3.01 -27.91
CA HIS F 97 8.95 -2.20 -26.73
C HIS F 97 10.22 -1.56 -26.19
N PRO F 98 10.13 -0.29 -25.74
CA PRO F 98 11.27 0.40 -25.12
C PRO F 98 11.83 -0.33 -23.91
N ARG F 99 10.95 -1.02 -23.18
CA ARG F 99 11.33 -1.75 -21.98
C ARG F 99 10.96 -3.23 -22.10
N SER F 100 11.17 -3.77 -23.30
CA SER F 100 10.84 -5.15 -23.61
C SER F 100 11.45 -6.14 -22.64
N MET F 101 10.77 -7.27 -22.43
CA MET F 101 11.28 -8.33 -21.58
C MET F 101 11.16 -9.64 -22.33
N ARG F 102 11.21 -9.57 -23.64
CA ARG F 102 11.02 -10.73 -24.50
C ARG F 102 12.22 -11.67 -24.43
N GLY F 103 13.40 -11.09 -24.26
CA GLY F 103 14.63 -11.86 -24.21
C GLY F 103 14.69 -12.86 -23.06
N MET F 104 14.40 -12.39 -21.86
CA MET F 104 14.49 -13.23 -20.67
C MET F 104 13.35 -14.23 -20.58
N THR F 105 12.28 -13.99 -21.33
CA THR F 105 11.14 -14.89 -21.32
C THR F 105 11.35 -16.03 -22.31
N THR F 106 12.02 -15.73 -23.42
CA THR F 106 12.27 -16.73 -24.44
C THR F 106 13.53 -17.56 -24.19
N PHE F 107 14.61 -16.89 -23.82
CA PHE F 107 15.89 -17.58 -23.66
C PHE F 107 15.83 -18.73 -22.67
N PHE F 108 15.37 -18.46 -21.45
CA PHE F 108 15.44 -19.45 -20.39
C PHE F 108 14.41 -20.57 -20.54
N ALA F 109 13.48 -20.40 -21.47
CA ALA F 109 12.51 -21.45 -21.76
C ALA F 109 12.80 -22.12 -23.11
N GLU F 110 13.96 -21.78 -23.68
CA GLU F 110 14.43 -22.43 -24.89
C GLU F 110 14.75 -23.88 -24.58
N PRO F 111 14.18 -24.82 -25.36
CA PRO F 111 14.36 -26.27 -25.21
C PRO F 111 15.79 -26.66 -24.86
N ASP F 112 16.76 -26.17 -25.63
CA ASP F 112 18.18 -26.45 -25.37
C ASP F 112 18.63 -25.94 -24.01
N VAL F 113 18.09 -24.79 -23.60
CA VAL F 113 18.48 -24.17 -22.34
C VAL F 113 17.83 -24.89 -21.16
N LEU F 114 16.56 -25.26 -21.31
CA LEU F 114 15.85 -26.03 -20.30
C LEU F 114 16.49 -27.40 -20.09
N ALA F 115 16.96 -27.99 -21.18
CA ALA F 115 17.62 -29.29 -21.14
C ALA F 115 18.89 -29.25 -20.30
N ALA F 116 19.48 -28.07 -20.17
CA ALA F 116 20.66 -27.87 -19.34
C ALA F 116 20.27 -27.85 -17.85
N TYR F 117 19.30 -27.01 -17.52
CA TYR F 117 18.76 -26.94 -16.16
C TYR F 117 18.25 -28.28 -15.66
N GLY F 118 17.90 -29.17 -16.58
CA GLY F 118 17.44 -30.50 -16.23
C GLY F 118 18.57 -31.39 -15.77
N ASP F 119 19.78 -31.11 -16.25
CA ASP F 119 20.96 -31.87 -15.84
C ASP F 119 21.59 -31.26 -14.60
N LEU F 120 20.78 -30.59 -13.80
CA LEU F 120 21.24 -29.94 -12.58
C LEU F 120 21.81 -30.94 -11.57
N VAL F 121 21.13 -32.08 -11.42
CA VAL F 121 21.53 -33.10 -10.46
C VAL F 121 22.92 -33.65 -10.75
N GLU F 122 23.15 -34.06 -12.00
CA GLU F 122 24.45 -34.61 -12.38
C GLU F 122 25.55 -33.55 -12.33
N SER F 123 25.18 -32.30 -12.63
CA SER F 123 26.11 -31.19 -12.51
C SER F 123 26.63 -31.01 -11.09
N VAL F 124 25.76 -31.25 -10.11
CA VAL F 124 26.11 -31.15 -8.70
C VAL F 124 27.00 -32.33 -8.29
N ARG F 125 26.80 -33.47 -8.94
CA ARG F 125 27.59 -34.67 -8.64
C ARG F 125 28.98 -34.64 -9.29
N THR F 126 29.03 -34.38 -10.59
CA THR F 126 30.30 -34.43 -11.31
C THR F 126 31.11 -33.13 -11.19
N GLY F 127 30.42 -32.04 -10.87
CA GLY F 127 31.09 -30.75 -10.73
C GLY F 127 31.17 -29.99 -12.04
N VAL F 128 30.85 -30.67 -13.13
CA VAL F 128 30.83 -30.07 -14.46
C VAL F 128 29.58 -29.22 -14.64
N PRO F 129 29.72 -28.04 -15.27
CA PRO F 129 28.56 -27.18 -15.53
C PRO F 129 27.47 -27.91 -16.30
N ALA F 130 26.22 -27.75 -15.89
CA ALA F 130 25.09 -28.48 -16.45
C ALA F 130 25.02 -28.38 -17.97
N PHE F 131 25.14 -27.16 -18.49
CA PHE F 131 25.07 -26.95 -19.93
C PHE F 131 26.15 -27.73 -20.67
N GLN F 132 27.32 -27.85 -20.06
CA GLN F 132 28.43 -28.55 -20.68
C GLN F 132 28.23 -30.07 -20.62
N LEU F 133 27.56 -30.55 -19.58
CA LEU F 133 27.21 -31.96 -19.51
C LEU F 133 26.20 -32.30 -20.58
N ARG F 134 25.27 -31.38 -20.81
CA ARG F 134 24.17 -31.61 -21.75
C ARG F 134 24.60 -31.57 -23.20
N HIS F 135 25.39 -30.57 -23.56
CA HIS F 135 25.74 -30.35 -24.96
C HIS F 135 27.20 -30.63 -25.28
N ARG F 136 27.93 -31.18 -24.29
CA ARG F 136 29.35 -31.50 -24.44
C ARG F 136 30.14 -30.29 -24.91
N GLU F 137 29.75 -29.11 -24.45
CA GLU F 137 30.22 -27.86 -25.02
C GLU F 137 29.79 -26.66 -24.18
N PRO F 138 30.71 -25.71 -23.94
CA PRO F 138 30.40 -24.49 -23.18
C PRO F 138 29.34 -23.65 -23.87
N LEU F 139 28.64 -22.79 -23.13
CA LEU F 139 27.57 -21.98 -23.67
C LEU F 139 28.00 -21.11 -24.84
N TYR F 140 29.17 -20.48 -24.71
CA TYR F 140 29.66 -19.53 -25.72
C TYR F 140 30.03 -20.20 -27.05
N ASP F 141 30.47 -21.45 -26.99
CA ASP F 141 30.73 -22.20 -28.21
C ASP F 141 29.41 -22.60 -28.88
N PHE F 142 28.45 -23.02 -28.05
CA PHE F 142 27.09 -23.34 -28.51
C PHE F 142 26.47 -22.18 -29.28
N LEU F 143 26.63 -20.96 -28.76
CA LEU F 143 26.01 -19.77 -29.34
C LEU F 143 26.81 -19.20 -30.52
N ALA F 144 27.92 -19.83 -30.86
CA ALA F 144 28.71 -19.40 -32.01
C ALA F 144 28.22 -20.07 -33.30
N ARG F 145 27.37 -21.08 -33.13
CA ARG F 145 26.81 -21.81 -34.26
C ARG F 145 25.73 -21.00 -34.96
N PRO F 146 25.76 -20.97 -36.30
CA PRO F 146 24.83 -20.17 -37.11
C PRO F 146 23.36 -20.57 -36.96
N GLN F 147 23.09 -21.82 -36.56
CA GLN F 147 21.71 -22.25 -36.39
C GLN F 147 21.16 -21.81 -35.03
N HIS F 148 22.05 -21.33 -34.17
CA HIS F 148 21.65 -20.84 -32.86
C HIS F 148 21.80 -19.33 -32.77
N LYS F 149 21.77 -18.67 -33.92
CA LYS F 149 21.82 -17.21 -34.00
C LYS F 149 20.71 -16.55 -33.20
N GLU F 150 19.48 -16.99 -33.44
CA GLU F 150 18.30 -16.41 -32.80
C GLU F 150 18.38 -16.53 -31.27
N VAL F 151 18.84 -17.68 -30.79
CA VAL F 151 19.01 -17.89 -29.35
C VAL F 151 20.03 -16.92 -28.76
N ARG F 152 21.12 -16.70 -29.49
CA ARG F 152 22.16 -15.77 -29.07
C ARG F 152 21.61 -14.35 -28.92
N ASP F 153 20.73 -13.96 -29.83
CA ASP F 153 20.11 -12.64 -29.78
C ASP F 153 19.15 -12.51 -28.60
N GLU F 154 18.54 -13.63 -28.21
CA GLU F 154 17.63 -13.64 -27.08
C GLU F 154 18.42 -13.52 -25.78
N PHE F 155 19.57 -14.20 -25.74
CA PHE F 155 20.45 -14.14 -24.59
C PHE F 155 21.00 -12.73 -24.38
N ASP F 156 21.51 -12.14 -25.46
CA ASP F 156 22.04 -10.78 -25.42
C ASP F 156 20.98 -9.79 -24.97
N ALA F 157 19.75 -9.95 -25.49
CA ALA F 157 18.65 -9.08 -25.14
C ALA F 157 18.28 -9.25 -23.67
N ALA F 158 18.21 -10.51 -23.23
CA ALA F 158 17.88 -10.82 -21.85
C ALA F 158 18.82 -10.14 -20.85
N MET F 159 20.10 -10.04 -21.23
CA MET F 159 21.11 -9.41 -20.37
C MET F 159 20.89 -7.91 -20.26
N VAL F 160 20.55 -7.28 -21.38
CA VAL F 160 20.24 -5.85 -21.39
C VAL F 160 19.00 -5.60 -20.55
N GLU F 161 18.02 -6.48 -20.69
CA GLU F 161 16.75 -6.34 -19.97
C GLU F 161 16.91 -6.52 -18.46
N PHE F 162 17.81 -7.40 -18.04
CA PHE F 162 18.11 -7.56 -16.62
C PHE F 162 18.68 -6.27 -16.05
N GLY F 163 19.56 -5.64 -16.82
CA GLY F 163 20.21 -4.41 -16.41
C GLY F 163 19.24 -3.27 -16.17
N GLN F 164 18.34 -3.05 -17.12
CA GLN F 164 17.39 -1.95 -17.01
C GLN F 164 16.29 -2.27 -16.00
N TYR F 165 16.06 -3.56 -15.75
CA TYR F 165 15.09 -3.97 -14.75
C TYR F 165 15.58 -3.64 -13.35
N PHE F 166 16.90 -3.71 -13.16
CA PHE F 166 17.49 -3.52 -11.84
C PHE F 166 18.08 -2.12 -11.64
N ALA F 167 18.01 -1.29 -12.67
CA ALA F 167 18.58 0.06 -12.63
C ALA F 167 18.09 0.85 -11.42
N ASP F 168 16.78 0.85 -11.20
CA ASP F 168 16.19 1.56 -10.06
C ASP F 168 16.69 1.05 -8.71
N ASP F 169 16.98 -0.25 -8.64
CA ASP F 169 17.50 -0.84 -7.42
C ASP F 169 18.87 -0.26 -7.07
N PHE F 170 19.66 0.07 -8.08
CA PHE F 170 20.95 0.72 -7.85
C PHE F 170 20.75 2.19 -7.53
N LEU F 171 19.92 2.86 -8.32
CA LEU F 171 19.74 4.31 -8.21
C LEU F 171 19.11 4.73 -6.89
N THR F 172 18.25 3.89 -6.33
CA THR F 172 17.54 4.24 -5.09
C THR F 172 18.16 3.59 -3.86
N SER F 173 19.35 3.00 -4.00
CA SER F 173 19.99 2.35 -2.88
C SER F 173 21.39 2.92 -2.59
N PHE F 174 21.85 3.82 -3.45
CA PHE F 174 23.16 4.42 -3.27
C PHE F 174 23.16 5.88 -3.69
N ASP F 175 23.78 6.73 -2.88
CA ASP F 175 23.80 8.17 -3.14
C ASP F 175 24.74 8.51 -4.28
N PHE F 176 24.25 8.41 -5.51
CA PHE F 176 25.05 8.77 -6.68
C PHE F 176 25.24 10.29 -6.74
N GLY F 177 24.36 11.01 -6.05
CA GLY F 177 24.34 12.46 -6.13
C GLY F 177 25.55 13.16 -5.55
N ARG F 178 26.39 12.45 -4.81
CA ARG F 178 27.59 13.06 -4.26
C ARG F 178 28.78 12.90 -5.20
N PHE F 179 28.48 12.84 -6.49
CA PHE F 179 29.50 12.84 -7.53
C PHE F 179 29.07 13.76 -8.67
N THR F 180 30.03 14.36 -9.38
CA THR F 180 29.69 15.27 -10.47
C THR F 180 30.16 14.81 -11.85
N ARG F 181 31.12 13.89 -11.90
CA ARG F 181 31.64 13.36 -13.16
C ARG F 181 31.73 11.83 -13.13
N PHE F 182 30.83 11.17 -13.84
CA PHE F 182 30.75 9.72 -13.86
C PHE F 182 31.42 9.11 -15.10
N ALA F 183 32.08 7.98 -14.90
CA ALA F 183 32.62 7.20 -16.01
C ALA F 183 32.06 5.78 -15.98
N ASP F 184 31.30 5.41 -17.01
CA ASP F 184 30.74 4.08 -17.11
C ASP F 184 31.60 3.21 -18.02
N ILE F 185 32.39 2.32 -17.42
CA ILE F 185 33.32 1.51 -18.19
C ILE F 185 32.65 0.22 -18.66
N GLY F 186 32.40 0.14 -19.97
CA GLY F 186 31.65 -0.97 -20.53
C GLY F 186 30.16 -0.75 -20.35
N GLY F 187 29.72 0.49 -20.57
CA GLY F 187 28.34 0.85 -20.34
C GLY F 187 27.46 0.73 -21.57
N GLY F 188 27.89 -0.10 -22.52
CA GLY F 188 27.10 -0.39 -23.70
C GLY F 188 26.63 0.83 -24.47
N ARG F 189 25.32 0.96 -24.62
CA ARG F 189 24.75 2.09 -25.32
C ARG F 189 24.52 3.28 -24.39
N GLY F 190 24.98 3.15 -23.15
CA GLY F 190 24.91 4.25 -22.19
C GLY F 190 23.57 4.39 -21.47
N GLN F 191 22.86 3.29 -21.33
CA GLN F 191 21.53 3.33 -20.70
C GLN F 191 21.60 3.57 -19.20
N PHE F 192 22.49 2.86 -18.51
CA PHE F 192 22.64 3.05 -17.07
C PHE F 192 23.17 4.45 -16.75
N LEU F 193 24.16 4.88 -17.52
CA LEU F 193 24.72 6.22 -17.38
C LEU F 193 23.63 7.28 -17.53
N ALA F 194 22.73 7.07 -18.48
CA ALA F 194 21.61 7.98 -18.71
C ALA F 194 20.71 8.07 -17.48
N GLY F 195 20.50 6.94 -16.81
CA GLY F 195 19.72 6.91 -15.59
C GLY F 195 20.39 7.66 -14.45
N VAL F 196 21.72 7.60 -14.43
CA VAL F 196 22.49 8.28 -13.38
C VAL F 196 22.44 9.79 -13.55
N LEU F 197 22.76 10.25 -14.75
CA LEU F 197 22.75 11.68 -15.05
C LEU F 197 21.36 12.29 -14.94
N THR F 198 20.32 11.46 -15.12
CA THR F 198 18.94 11.94 -15.01
C THR F 198 18.57 12.21 -13.55
N ALA F 199 19.04 11.35 -12.66
CA ALA F 199 18.74 11.49 -11.23
C ALA F 199 19.72 12.45 -10.54
N VAL F 200 20.84 12.73 -11.20
CA VAL F 200 21.83 13.65 -10.65
C VAL F 200 22.00 14.87 -11.55
N PRO F 201 21.36 15.99 -11.18
CA PRO F 201 21.39 17.22 -11.98
C PRO F 201 22.79 17.83 -12.06
N SER F 202 23.11 18.44 -13.21
CA SER F 202 24.38 19.13 -13.46
C SER F 202 25.59 18.19 -13.49
N SER F 203 25.34 16.88 -13.60
CA SER F 203 26.42 15.92 -13.68
C SER F 203 26.71 15.56 -15.14
N THR F 204 27.99 15.40 -15.46
CA THR F 204 28.39 14.98 -16.80
C THR F 204 28.81 13.51 -16.76
N GLY F 205 28.94 12.90 -17.92
CA GLY F 205 29.33 11.50 -17.97
C GLY F 205 30.24 11.15 -19.13
N VAL F 206 31.00 10.07 -18.94
CA VAL F 206 31.84 9.54 -20.00
C VAL F 206 31.48 8.07 -20.23
N LEU F 207 31.13 7.73 -21.46
CA LEU F 207 30.81 6.36 -21.80
C LEU F 207 32.00 5.69 -22.49
N VAL F 208 32.40 4.53 -21.97
CA VAL F 208 33.54 3.80 -22.51
C VAL F 208 33.12 2.41 -22.93
N ASP F 209 33.23 2.12 -24.23
CA ASP F 209 32.97 0.77 -24.72
C ASP F 209 33.64 0.52 -26.05
N GLY F 210 33.43 -0.66 -26.61
CA GLY F 210 34.02 -1.04 -27.89
C GLY F 210 33.28 -0.47 -29.09
N PRO F 211 33.80 -0.73 -30.28
CA PRO F 211 33.27 -0.19 -31.54
C PRO F 211 31.88 -0.71 -31.92
N ALA F 212 31.43 -1.78 -31.27
CA ALA F 212 30.15 -2.40 -31.63
C ALA F 212 28.97 -1.48 -31.36
N VAL F 213 29.02 -0.76 -30.24
CA VAL F 213 27.91 0.09 -29.82
C VAL F 213 28.09 1.54 -30.23
N ALA F 214 29.20 1.85 -30.91
CA ALA F 214 29.58 3.23 -31.23
C ALA F 214 28.42 4.10 -31.73
N ALA F 215 27.98 3.82 -32.97
CA ALA F 215 26.91 4.57 -33.60
C ALA F 215 25.61 4.56 -32.79
N SER F 216 25.28 3.40 -32.23
CA SER F 216 24.02 3.21 -31.53
C SER F 216 23.95 4.03 -30.23
N ALA F 217 25.07 4.14 -29.53
CA ALA F 217 25.11 4.86 -28.26
C ALA F 217 24.87 6.36 -28.46
N HIS F 218 25.36 6.91 -29.56
CA HIS F 218 25.14 8.31 -29.88
C HIS F 218 23.67 8.62 -30.16
N LYS F 219 23.01 7.73 -30.88
CA LYS F 219 21.60 7.93 -31.20
C LYS F 219 20.70 7.82 -29.96
N PHE F 220 21.07 6.92 -29.05
CA PHE F 220 20.30 6.73 -27.83
C PHE F 220 20.42 7.94 -26.89
N LEU F 221 21.65 8.37 -26.65
CA LEU F 221 21.91 9.50 -25.76
C LEU F 221 21.28 10.79 -26.29
N ALA F 222 21.16 10.90 -27.61
CA ALA F 222 20.51 12.06 -28.22
C ALA F 222 19.03 12.07 -27.89
N SER F 223 18.41 10.89 -27.92
CA SER F 223 16.99 10.76 -27.64
C SER F 223 16.69 11.01 -26.17
N GLN F 224 17.75 10.98 -25.35
CA GLN F 224 17.63 11.29 -23.93
C GLN F 224 18.10 12.71 -23.64
N ASN F 225 18.40 13.46 -24.70
CA ASN F 225 18.86 14.84 -24.60
C ASN F 225 20.11 14.99 -23.73
N LEU F 226 21.01 14.03 -23.82
CA LEU F 226 22.22 14.04 -23.02
C LEU F 226 23.49 14.23 -23.84
N THR F 227 23.32 14.63 -25.10
CA THR F 227 24.43 14.79 -26.02
C THR F 227 25.46 15.80 -25.51
N GLU F 228 24.98 16.85 -24.86
CA GLU F 228 25.85 17.92 -24.40
C GLU F 228 26.54 17.59 -23.07
N ARG F 229 26.08 16.52 -22.41
CA ARG F 229 26.59 16.17 -21.09
C ARG F 229 27.35 14.84 -21.06
N VAL F 230 27.34 14.13 -22.19
CA VAL F 230 27.98 12.81 -22.25
C VAL F 230 28.98 12.70 -23.40
N GLU F 231 30.19 12.24 -23.08
CA GLU F 231 31.19 11.95 -24.09
C GLU F 231 31.30 10.43 -24.28
N VAL F 232 31.26 9.98 -25.53
CA VAL F 232 31.40 8.57 -25.85
C VAL F 232 32.79 8.25 -26.38
N ARG F 233 33.52 7.39 -25.68
CA ARG F 233 34.86 7.01 -26.11
C ARG F 233 34.90 5.58 -26.60
N ILE F 234 35.57 5.36 -27.73
CA ILE F 234 35.66 4.04 -28.34
C ILE F 234 37.08 3.49 -28.18
N GLY F 235 37.19 2.24 -27.76
CA GLY F 235 38.48 1.57 -27.63
C GLY F 235 38.52 0.58 -26.50
N ASP F 236 39.71 0.06 -26.21
CA ASP F 236 39.92 -0.84 -25.09
C ASP F 236 39.77 -0.10 -23.76
N PHE F 237 39.37 -0.82 -22.71
CA PHE F 237 39.16 -0.22 -21.40
C PHE F 237 40.47 0.19 -20.72
N PHE F 238 41.57 0.15 -21.47
CA PHE F 238 42.89 0.35 -20.88
C PHE F 238 43.50 1.71 -21.26
N ASP F 239 43.24 2.18 -22.47
CA ASP F 239 43.90 3.39 -22.95
C ASP F 239 42.95 4.46 -23.49
N VAL F 240 41.70 4.44 -23.04
CA VAL F 240 40.78 5.53 -23.37
C VAL F 240 40.09 6.04 -22.11
N LEU F 241 40.58 5.58 -20.96
CA LEU F 241 40.01 5.95 -19.67
C LEU F 241 40.23 7.43 -19.36
N PRO F 242 39.13 8.16 -19.09
CA PRO F 242 39.17 9.59 -18.78
C PRO F 242 39.68 9.87 -17.38
N THR F 243 40.28 11.03 -17.17
CA THR F 243 40.82 11.40 -15.87
C THR F 243 39.98 12.48 -15.20
N GLY F 244 40.11 12.60 -13.88
CA GLY F 244 39.43 13.66 -13.14
C GLY F 244 38.03 13.30 -12.69
N CYS F 245 37.43 12.29 -13.32
CA CYS F 245 36.12 11.80 -12.91
C CYS F 245 36.15 11.36 -11.44
N ASP F 246 35.12 11.74 -10.67
CA ASP F 246 35.10 11.41 -9.26
C ASP F 246 34.39 10.09 -8.97
N ALA F 247 33.82 9.47 -10.00
CA ALA F 247 33.16 8.18 -9.86
C ALA F 247 33.35 7.30 -11.10
N TYR F 248 33.87 6.10 -10.89
CA TYR F 248 34.06 5.14 -11.97
C TYR F 248 33.18 3.92 -11.71
N VAL F 249 32.42 3.52 -12.72
CA VAL F 249 31.42 2.48 -12.57
C VAL F 249 31.68 1.26 -13.44
N LEU F 250 31.78 0.10 -12.79
CA LEU F 250 31.90 -1.17 -13.48
C LEU F 250 30.68 -2.04 -13.19
N ARG F 251 29.69 -2.01 -14.08
CA ARG F 251 28.48 -2.79 -13.86
C ARG F 251 28.50 -4.13 -14.59
N GLY F 252 28.81 -5.20 -13.84
CA GLY F 252 28.81 -6.54 -14.37
C GLY F 252 29.89 -6.78 -15.41
N VAL F 253 31.02 -6.09 -15.24
CA VAL F 253 32.12 -6.21 -16.19
C VAL F 253 33.16 -7.21 -15.70
N LEU F 254 33.60 -7.05 -14.45
CA LEU F 254 34.60 -7.95 -13.87
C LEU F 254 34.04 -9.35 -13.65
N GLU F 255 32.72 -9.46 -13.67
CA GLU F 255 32.02 -10.71 -13.44
C GLU F 255 32.38 -11.78 -14.47
N ASP F 256 32.85 -11.33 -15.63
CA ASP F 256 33.24 -12.24 -16.70
C ASP F 256 34.73 -12.10 -17.04
N TRP F 257 35.52 -11.71 -16.04
CA TRP F 257 36.97 -11.54 -16.23
C TRP F 257 37.78 -12.42 -15.30
N ALA F 258 39.00 -12.75 -15.72
CA ALA F 258 39.95 -13.46 -14.88
C ALA F 258 40.63 -12.46 -13.95
N ASP F 259 41.13 -12.96 -12.82
CA ASP F 259 41.76 -12.09 -11.82
C ASP F 259 42.93 -11.29 -12.37
N ALA F 260 43.76 -11.96 -13.16
CA ALA F 260 44.98 -11.35 -13.71
C ALA F 260 44.66 -10.14 -14.58
N ASP F 261 43.64 -10.26 -15.42
CA ASP F 261 43.24 -9.15 -16.28
C ASP F 261 42.44 -8.11 -15.50
N ALA F 262 41.74 -8.57 -14.46
CA ALA F 262 40.97 -7.67 -13.62
C ALA F 262 41.86 -6.68 -12.88
N VAL F 263 42.91 -7.20 -12.25
CA VAL F 263 43.84 -6.37 -11.48
C VAL F 263 44.46 -5.25 -12.31
N ARG F 264 44.85 -5.57 -13.55
CA ARG F 264 45.49 -4.58 -14.41
C ARG F 264 44.52 -3.47 -14.81
N LEU F 265 43.28 -3.83 -15.08
CA LEU F 265 42.25 -2.85 -15.40
C LEU F 265 42.04 -1.91 -14.21
N LEU F 266 41.95 -2.50 -13.02
CA LEU F 266 41.70 -1.73 -11.82
C LEU F 266 42.86 -0.79 -11.49
N VAL F 267 44.07 -1.20 -11.88
CA VAL F 267 45.25 -0.36 -11.70
C VAL F 267 45.15 0.89 -12.57
N ARG F 268 44.79 0.71 -13.83
CA ARG F 268 44.62 1.84 -14.75
C ARG F 268 43.46 2.74 -14.32
N ILE F 269 42.47 2.15 -13.65
CA ILE F 269 41.39 2.93 -13.06
C ILE F 269 41.95 3.73 -11.88
N ARG F 270 42.76 3.07 -11.07
CA ARG F 270 43.45 3.71 -9.95
C ARG F 270 44.28 4.89 -10.45
N GLN F 271 44.96 4.70 -11.58
CA GLN F 271 45.77 5.75 -12.19
C GLN F 271 44.91 6.91 -12.69
N ALA F 272 43.75 6.58 -13.24
CA ALA F 272 42.86 7.60 -13.81
C ALA F 272 42.21 8.46 -12.72
N MET F 273 41.96 7.88 -11.56
CA MET F 273 41.35 8.60 -10.44
C MET F 273 42.30 9.66 -9.88
N GLY F 274 43.59 9.34 -9.87
CA GLY F 274 44.62 10.32 -9.56
C GLY F 274 44.60 10.93 -8.18
N ASP F 275 44.53 10.09 -7.15
CA ASP F 275 44.68 10.51 -5.76
C ASP F 275 43.68 11.56 -5.30
N ALA F 276 42.50 11.57 -5.90
CA ALA F 276 41.41 12.43 -5.42
C ALA F 276 40.73 11.74 -4.23
N PRO F 277 40.82 12.37 -3.06
CA PRO F 277 40.35 11.80 -1.78
C PRO F 277 38.86 11.40 -1.75
N GLU F 278 38.06 12.04 -2.59
CA GLU F 278 36.62 11.76 -2.59
C GLU F 278 36.18 10.93 -3.79
N ALA F 279 37.12 10.68 -4.70
CA ALA F 279 36.83 9.87 -5.88
C ALA F 279 36.63 8.42 -5.50
N ARG F 280 35.69 7.76 -6.17
CA ARG F 280 35.38 6.36 -5.87
C ARG F 280 35.30 5.50 -7.11
N LEU F 281 35.72 4.25 -6.97
CA LEU F 281 35.39 3.21 -7.94
C LEU F 281 34.16 2.48 -7.42
N LEU F 282 33.13 2.39 -8.26
CA LEU F 282 31.89 1.75 -7.85
C LEU F 282 31.68 0.49 -8.69
N ILE F 283 31.78 -0.67 -8.06
CA ILE F 283 31.60 -1.93 -8.75
C ILE F 283 30.21 -2.49 -8.50
N LEU F 284 29.44 -2.64 -9.56
CA LEU F 284 28.08 -3.16 -9.46
C LEU F 284 28.08 -4.64 -9.81
N ASP F 285 27.92 -5.49 -8.80
CA ASP F 285 28.01 -6.93 -8.97
C ASP F 285 27.30 -7.66 -7.84
N SER F 286 27.31 -8.98 -7.89
CA SER F 286 26.74 -9.78 -6.81
C SER F 286 27.85 -10.32 -5.94
N VAL F 287 27.62 -10.30 -4.62
CA VAL F 287 28.62 -10.73 -3.65
C VAL F 287 28.13 -11.92 -2.86
N ILE F 288 28.81 -13.06 -3.03
CA ILE F 288 28.43 -14.28 -2.32
C ILE F 288 28.48 -14.07 -0.81
N GLY F 289 27.42 -14.47 -0.12
CA GLY F 289 27.35 -14.34 1.33
C GLY F 289 26.71 -13.04 1.74
N GLU F 290 26.59 -12.11 0.80
CA GLU F 290 25.98 -10.83 1.09
C GLU F 290 25.01 -10.45 -0.01
N THR F 291 24.02 -11.31 -0.19
CA THR F 291 22.97 -11.09 -1.16
C THR F 291 21.66 -11.56 -0.53
N GLY F 292 20.54 -11.01 -0.99
CA GLY F 292 19.25 -11.41 -0.45
C GLY F 292 18.90 -12.83 -0.84
N GLU F 293 17.72 -13.27 -0.43
CA GLU F 293 17.28 -14.64 -0.70
C GLU F 293 17.13 -14.90 -2.20
N LEU F 294 16.75 -13.86 -2.93
CA LEU F 294 16.58 -13.98 -4.38
C LEU F 294 17.91 -14.24 -5.06
N GLY F 295 18.97 -13.59 -4.57
CA GLY F 295 20.30 -13.77 -5.11
C GLY F 295 20.80 -15.19 -4.98
N LYS F 296 20.34 -15.89 -3.95
CA LYS F 296 20.72 -17.28 -3.74
C LYS F 296 20.10 -18.19 -4.78
N VAL F 297 18.87 -17.87 -5.19
CA VAL F 297 18.19 -18.65 -6.21
C VAL F 297 18.79 -18.37 -7.58
N LEU F 298 19.14 -17.10 -7.82
CA LEU F 298 19.69 -16.68 -9.11
C LEU F 298 21.11 -17.20 -9.35
N ASP F 299 21.71 -17.85 -8.36
CA ASP F 299 23.02 -18.48 -8.54
C ASP F 299 22.88 -19.79 -9.32
N LEU F 300 21.64 -20.19 -9.55
CA LEU F 300 21.36 -21.39 -10.35
C LEU F 300 21.82 -21.21 -11.79
N ASP F 301 21.83 -19.96 -12.25
CA ASP F 301 22.27 -19.63 -13.60
C ASP F 301 23.77 -19.91 -13.76
N MET F 302 24.56 -19.39 -12.84
CA MET F 302 26.00 -19.62 -12.85
C MET F 302 26.31 -21.11 -12.82
N LEU F 303 25.57 -21.84 -12.01
CA LEU F 303 25.81 -23.27 -11.80
C LEU F 303 25.45 -24.09 -13.05
N VAL F 304 24.50 -23.59 -13.82
CA VAL F 304 24.00 -24.33 -14.98
C VAL F 304 24.70 -23.91 -16.29
N LEU F 305 24.83 -22.61 -16.49
CA LEU F 305 25.34 -22.08 -17.76
C LEU F 305 26.87 -22.02 -17.82
N VAL F 306 27.48 -21.32 -16.87
CA VAL F 306 28.92 -21.06 -16.92
C VAL F 306 29.72 -21.89 -15.92
N GLU F 307 31.04 -21.80 -16.03
CA GLU F 307 31.96 -22.50 -15.15
C GLU F 307 32.36 -21.62 -13.96
N GLY F 308 32.24 -20.31 -14.16
CA GLY F 308 32.66 -19.36 -13.15
C GLY F 308 31.76 -19.27 -11.94
N GLU F 309 32.10 -18.35 -11.04
CA GLU F 309 31.37 -18.18 -9.79
C GLU F 309 31.61 -16.79 -9.21
N HIS F 310 30.58 -16.22 -8.59
CA HIS F 310 30.69 -14.89 -7.98
C HIS F 310 31.71 -14.86 -6.84
N ARG F 311 32.22 -13.67 -6.56
CA ARG F 311 33.26 -13.51 -5.53
C ARG F 311 32.66 -13.20 -4.16
N THR F 312 33.31 -13.70 -3.12
CA THR F 312 32.95 -13.34 -1.76
C THR F 312 33.58 -12.01 -1.39
N ARG F 313 33.25 -11.48 -0.21
CA ARG F 313 33.80 -10.22 0.25
C ARG F 313 35.32 -10.30 0.32
N ALA F 314 35.81 -11.36 0.94
CA ALA F 314 37.25 -11.58 1.10
C ALA F 314 37.95 -11.64 -0.25
N GLN F 315 37.30 -12.27 -1.22
CA GLN F 315 37.88 -12.40 -2.56
C GLN F 315 37.92 -11.03 -3.24
N TRP F 316 36.84 -10.27 -3.12
CA TRP F 316 36.81 -8.91 -3.66
C TRP F 316 37.86 -8.04 -2.98
N ASP F 317 37.98 -8.19 -1.67
CA ASP F 317 38.91 -7.41 -0.88
C ASP F 317 40.35 -7.71 -1.29
N ASP F 318 40.66 -8.99 -1.40
CA ASP F 318 41.99 -9.43 -1.80
C ASP F 318 42.33 -8.96 -3.22
N LEU F 319 41.37 -9.13 -4.12
CA LEU F 319 41.52 -8.70 -5.51
C LEU F 319 41.75 -7.19 -5.61
N LEU F 320 41.04 -6.42 -4.80
CA LEU F 320 41.12 -4.97 -4.85
C LEU F 320 42.36 -4.46 -4.14
N ALA F 321 42.88 -5.24 -3.20
CA ALA F 321 44.06 -4.86 -2.47
C ALA F 321 45.30 -4.91 -3.36
N ARG F 322 45.30 -5.84 -4.31
CA ARG F 322 46.41 -5.97 -5.25
C ARG F 322 46.45 -4.78 -6.20
N ALA F 323 45.30 -4.17 -6.42
CA ALA F 323 45.19 -3.03 -7.32
C ALA F 323 45.23 -1.70 -6.57
N GLY F 324 45.58 -1.76 -5.30
CA GLY F 324 45.70 -0.57 -4.48
C GLY F 324 44.37 0.08 -4.12
N PHE F 325 43.35 -0.74 -3.90
CA PHE F 325 42.04 -0.25 -3.47
C PHE F 325 41.66 -0.75 -2.08
N ASP F 326 40.79 -0.01 -1.41
CA ASP F 326 40.18 -0.46 -0.16
C ASP F 326 38.66 -0.42 -0.29
N ILE F 327 37.98 -1.41 0.27
CA ILE F 327 36.52 -1.45 0.26
C ILE F 327 35.97 -0.57 1.38
N VAL F 328 35.25 0.48 1.01
CA VAL F 328 34.65 1.36 2.01
C VAL F 328 33.35 0.75 2.52
N GLY F 329 32.63 0.10 1.62
CA GLY F 329 31.38 -0.56 1.99
C GLY F 329 30.80 -1.33 0.82
N ILE F 330 30.00 -2.35 1.14
CA ILE F 330 29.26 -3.12 0.15
C ILE F 330 27.77 -2.87 0.38
N HIS F 331 27.23 -1.91 -0.37
CA HIS F 331 25.87 -1.42 -0.15
C HIS F 331 24.85 -2.28 -0.89
N PRO F 332 23.98 -2.97 -0.15
CA PRO F 332 22.93 -3.79 -0.73
C PRO F 332 22.08 -2.99 -1.72
N ALA F 333 21.92 -3.51 -2.93
CA ALA F 333 21.14 -2.86 -3.97
C ALA F 333 20.00 -3.74 -4.42
N GLY F 334 18.93 -3.78 -3.64
CA GLY F 334 17.83 -4.68 -3.91
C GLY F 334 18.05 -6.04 -3.27
N ASP F 335 17.53 -7.09 -3.89
CA ASP F 335 17.59 -8.43 -3.30
C ASP F 335 18.66 -9.29 -3.93
N VAL F 336 19.40 -8.74 -4.88
CA VAL F 336 20.40 -9.52 -5.61
C VAL F 336 21.77 -8.87 -5.66
N TRP F 337 21.79 -7.60 -6.02
CA TRP F 337 23.05 -6.91 -6.29
C TRP F 337 23.52 -6.06 -5.13
N ALA F 338 24.71 -5.49 -5.31
CA ALA F 338 25.29 -4.59 -4.32
C ALA F 338 26.16 -3.57 -5.01
N VAL F 339 26.40 -2.45 -4.32
CA VAL F 339 27.38 -1.48 -4.81
C VAL F 339 28.63 -1.59 -3.96
N ILE F 340 29.69 -2.14 -4.53
CA ILE F 340 30.97 -2.17 -3.84
C ILE F 340 31.67 -0.83 -4.01
N GLU F 341 31.72 -0.05 -2.94
CA GLU F 341 32.37 1.26 -2.98
C GLU F 341 33.85 1.13 -2.65
N CYS F 342 34.70 1.59 -3.57
CA CYS F 342 36.14 1.45 -3.40
C CYS F 342 36.87 2.78 -3.41
N ARG F 343 37.75 2.95 -2.43
CA ARG F 343 38.59 4.14 -2.32
C ARG F 343 40.05 3.76 -2.53
N GLY F 344 40.81 4.65 -3.16
CA GLY F 344 42.22 4.38 -3.41
C GLY F 344 43.06 4.44 -2.14
N THR F 345 43.83 3.40 -1.91
CA THR F 345 44.71 3.32 -0.74
C THR F 345 45.87 4.31 -0.90
N ALA F 346 46.49 4.68 0.21
CA ALA F 346 47.61 5.60 0.19
C ALA F 346 48.80 5.00 -0.57
N GLY F 347 49.36 3.93 -0.03
CA GLY F 347 50.52 3.28 -0.63
C GLY F 347 50.15 2.41 -1.81
#